data_1A81
#
_entry.id   1A81
#
_cell.length_a   85.500
_cell.length_b   146.900
_cell.length_c   91.500
_cell.angle_alpha   90.00
_cell.angle_beta   97.60
_cell.angle_gamma   90.00
#
_symmetry.space_group_name_H-M   'P 1 21 1'
#
loop_
_entity.id
_entity.type
_entity.pdbx_description
1 polymer 'SYK KINASE'
2 polymer 'T-CELL SURFACE GLYCOPROTEIN CD3 EPSILON CHAIN'
#
loop_
_entity_poly.entity_id
_entity_poly.type
_entity_poly.pdbx_seq_one_letter_code
_entity_poly.pdbx_strand_id
1 'polypeptide(L)'
;SANHLPFFFGNITREEAEDYLVQGGMSDGLYLLRQSRNYLGGFALSVAHGRKAHHYTIERELNGTYAIAGGRTHASPADL
CHYHSQESDGLVCLLKKPFNRPQGVQPKTGPFEDLKENLIREYVKQTWNLQGQALEQAIISQKPQLEKLIATTAHEKMPW
FHGKISREESEQIVLIGSKTNGKFLIRARDNNGSYALCLLHEGKVLHYRIDKDKTGKLSIPEGKKFDTLWQLVEHYSYKA
DGLLRVLTVPCQKI
;
A,C,E,G,I,K
2 'polypeptide(L)' PD(PTR)EPIRKGQRDL(PTR)SGLN B,D,F,H,J,L
#
# COMPACT_ATOMS: atom_id res chain seq x y z
N SER A 1 -11.75 4.77 31.03
CA SER A 1 -11.64 4.54 29.56
C SER A 1 -13.06 4.43 28.94
N ALA A 2 -13.65 5.58 28.64
CA ALA A 2 -14.98 5.66 28.06
C ALA A 2 -15.10 5.00 26.69
N ASN A 3 -14.28 4.00 26.44
CA ASN A 3 -14.29 3.35 25.14
C ASN A 3 -15.58 2.69 24.72
N HIS A 4 -16.28 2.08 25.66
CA HIS A 4 -17.56 1.46 25.32
C HIS A 4 -18.53 2.51 24.76
N LEU A 5 -18.87 3.48 25.59
CA LEU A 5 -19.81 4.53 25.21
C LEU A 5 -19.76 4.85 23.69
N PRO A 6 -20.73 4.31 22.94
CA PRO A 6 -20.93 4.40 21.50
C PRO A 6 -20.95 5.78 20.91
N PHE A 7 -20.95 6.78 21.77
CA PHE A 7 -20.99 8.15 21.28
C PHE A 7 -19.76 8.87 21.86
N PHE A 8 -18.75 8.10 22.19
CA PHE A 8 -17.50 8.67 22.68
C PHE A 8 -16.45 8.59 21.58
N PHE A 9 -15.97 9.75 21.16
CA PHE A 9 -14.98 9.85 20.10
C PHE A 9 -13.56 10.22 20.50
N GLY A 10 -12.81 9.33 21.10
CA GLY A 10 -11.44 9.67 21.51
C GLY A 10 -10.95 11.12 21.40
N ASN A 11 -9.71 11.29 20.95
CA ASN A 11 -9.21 12.65 20.84
C ASN A 11 -9.60 13.28 19.52
N ILE A 12 -10.63 14.10 19.57
CA ILE A 12 -11.13 14.75 18.38
C ILE A 12 -11.01 16.22 18.66
N THR A 13 -10.87 17.04 17.63
CA THR A 13 -10.75 18.46 17.87
C THR A 13 -12.16 18.93 18.16
N ARG A 14 -12.25 20.10 18.79
CA ARG A 14 -13.53 20.70 19.08
C ARG A 14 -14.29 20.80 17.78
N GLU A 15 -13.64 21.39 16.80
CA GLU A 15 -14.30 21.55 15.52
C GLU A 15 -14.79 20.23 14.93
N GLU A 16 -13.93 19.23 14.84
CA GLU A 16 -14.33 17.94 14.24
C GLU A 16 -15.65 17.53 14.86
N ALA A 17 -15.78 17.86 16.15
CA ALA A 17 -16.96 17.51 16.95
C ALA A 17 -18.13 18.29 16.42
N GLU A 18 -17.98 19.62 16.49
CA GLU A 18 -18.97 20.57 16.04
C GLU A 18 -19.47 20.05 14.70
N ASP A 19 -18.57 19.44 13.92
CA ASP A 19 -18.92 18.88 12.62
C ASP A 19 -19.97 17.73 12.77
N TYR A 20 -19.60 16.66 13.49
CA TYR A 20 -20.48 15.50 13.67
C TYR A 20 -21.88 15.92 14.15
N LEU A 21 -21.93 16.96 14.97
CA LEU A 21 -23.20 17.38 15.50
C LEU A 21 -24.15 17.82 14.42
N VAL A 22 -23.68 18.54 13.42
CA VAL A 22 -24.66 18.91 12.40
C VAL A 22 -24.77 17.73 11.48
N GLN A 23 -23.64 17.17 11.11
CA GLN A 23 -23.72 16.04 10.22
C GLN A 23 -24.61 15.06 10.98
N GLY A 24 -24.81 15.36 12.26
CA GLY A 24 -25.67 14.52 13.07
C GLY A 24 -27.08 15.07 13.11
N GLY A 25 -27.24 16.34 12.76
CA GLY A 25 -28.55 16.94 12.77
C GLY A 25 -28.53 18.31 13.38
N MET A 26 -27.88 18.44 14.53
CA MET A 26 -27.80 19.72 15.26
C MET A 26 -29.15 20.00 15.96
N SER A 27 -29.87 18.89 16.13
CA SER A 27 -31.14 18.84 16.79
C SER A 27 -30.91 19.22 18.23
N ASP A 28 -31.69 20.16 18.78
CA ASP A 28 -31.53 20.56 20.19
C ASP A 28 -31.52 19.30 21.02
N GLY A 29 -30.53 19.16 21.89
CA GLY A 29 -30.46 17.95 22.73
C GLY A 29 -29.51 16.86 22.22
N LEU A 30 -28.93 17.08 21.05
CA LEU A 30 -28.02 16.11 20.49
C LEU A 30 -26.69 16.34 21.14
N TYR A 31 -26.05 15.25 21.55
CA TYR A 31 -24.77 15.43 22.19
C TYR A 31 -23.85 14.29 21.89
N LEU A 32 -22.56 14.54 22.08
CA LEU A 32 -21.52 13.51 21.87
C LEU A 32 -20.45 13.77 22.90
N LEU A 33 -19.68 12.74 23.16
CA LEU A 33 -18.66 12.81 24.16
C LEU A 33 -17.28 12.47 23.67
N ARG A 34 -16.35 13.42 23.89
CA ARG A 34 -14.96 13.25 23.44
C ARG A 34 -14.03 13.52 24.56
N GLN A 35 -12.78 13.17 24.31
CA GLN A 35 -11.70 13.35 25.28
C GLN A 35 -11.19 14.81 25.38
N SER A 36 -10.83 15.23 26.58
CA SER A 36 -10.39 16.60 26.74
C SER A 36 -9.00 16.71 26.25
N ARG A 37 -8.70 17.88 25.75
CA ARG A 37 -7.40 18.10 25.20
C ARG A 37 -6.56 19.01 26.02
N ASN A 38 -7.07 19.49 27.16
CA ASN A 38 -6.29 20.39 27.99
C ASN A 38 -6.46 20.14 29.47
N TYR A 39 -7.07 19.01 29.82
CA TYR A 39 -7.28 18.60 31.22
C TYR A 39 -6.93 17.12 31.33
N LEU A 40 -5.97 16.78 32.16
CA LEU A 40 -5.60 15.38 32.25
C LEU A 40 -6.83 14.56 32.52
N GLY A 41 -6.81 13.32 32.02
CA GLY A 41 -7.94 12.39 32.22
C GLY A 41 -9.40 12.84 32.22
N GLY A 42 -9.68 14.06 31.74
CA GLY A 42 -11.03 14.57 31.72
C GLY A 42 -11.65 14.39 30.35
N PHE A 43 -12.90 14.86 30.19
CA PHE A 43 -13.56 14.77 28.89
C PHE A 43 -14.30 16.00 28.61
N ALA A 44 -14.91 16.04 27.46
CA ALA A 44 -15.70 17.19 27.11
C ALA A 44 -16.96 16.76 26.44
N LEU A 45 -17.98 17.48 26.80
CA LEU A 45 -19.31 17.20 26.37
C LEU A 45 -19.76 18.23 25.35
N SER A 46 -20.14 17.74 24.17
CA SER A 46 -20.61 18.64 23.14
C SER A 46 -22.05 18.32 22.83
N VAL A 47 -22.88 19.37 22.92
CA VAL A 47 -24.33 19.31 22.74
C VAL A 47 -24.88 20.49 21.96
N ALA A 48 -25.72 20.14 21.01
CA ALA A 48 -26.30 21.11 20.12
C ALA A 48 -27.53 21.77 20.69
N HIS A 49 -27.60 23.09 20.60
CA HIS A 49 -28.79 23.73 21.08
C HIS A 49 -29.05 25.09 20.48
N GLY A 50 -30.12 25.16 19.70
CA GLY A 50 -30.47 26.42 19.09
C GLY A 50 -29.50 26.59 17.97
N ARG A 51 -29.34 25.50 17.20
CA ARG A 51 -28.42 25.49 16.07
C ARG A 51 -26.98 25.91 16.47
N LYS A 52 -26.77 26.20 17.75
CA LYS A 52 -25.43 26.56 18.21
C LYS A 52 -24.95 25.37 19.02
N ALA A 53 -23.64 25.30 19.24
CA ALA A 53 -23.10 24.17 20.00
C ALA A 53 -22.51 24.65 21.30
N HIS A 54 -22.58 23.78 22.30
CA HIS A 54 -22.05 24.09 23.61
C HIS A 54 -21.10 23.02 24.07
N HIS A 55 -19.96 23.49 24.56
CA HIS A 55 -18.93 22.59 25.00
C HIS A 55 -18.72 22.62 26.48
N TYR A 56 -18.80 21.45 27.10
CA TYR A 56 -18.63 21.36 28.53
C TYR A 56 -17.44 20.53 28.88
N THR A 57 -16.60 20.98 29.79
CA THR A 57 -15.53 20.08 30.13
C THR A 57 -15.76 19.45 31.49
N ILE A 58 -15.81 18.14 31.44
CA ILE A 58 -16.02 17.27 32.58
C ILE A 58 -14.62 16.97 33.07
N GLU A 59 -14.26 17.42 34.26
CA GLU A 59 -12.94 17.13 34.79
C GLU A 59 -12.98 15.90 35.63
N ARG A 60 -11.84 15.33 35.95
CA ARG A 60 -11.91 14.17 36.80
C ARG A 60 -11.40 14.55 38.17
N GLU A 61 -12.33 14.60 39.10
CA GLU A 61 -12.00 14.89 40.47
C GLU A 61 -10.93 13.86 40.94
N LEU A 62 -10.15 14.27 41.94
CA LEU A 62 -9.08 13.44 42.54
C LEU A 62 -9.56 12.07 43.03
N ASN A 63 -10.76 12.02 43.63
CA ASN A 63 -11.33 10.76 44.17
C ASN A 63 -11.57 9.78 43.06
N GLY A 64 -11.45 10.27 41.83
CA GLY A 64 -11.66 9.41 40.68
C GLY A 64 -13.02 9.58 40.05
N THR A 65 -13.81 10.51 40.58
CA THR A 65 -15.13 10.72 40.03
C THR A 65 -15.00 11.94 39.21
N TYR A 66 -15.93 12.10 38.27
CA TYR A 66 -15.90 13.22 37.37
C TYR A 66 -16.97 14.14 37.75
N ALA A 67 -16.91 15.38 37.25
CA ALA A 67 -17.90 16.42 37.54
C ALA A 67 -17.64 17.65 36.73
N ILE A 68 -18.65 18.18 36.04
CA ILE A 68 -18.32 19.41 35.34
C ILE A 68 -18.04 20.22 36.55
N ALA A 69 -17.18 21.21 36.42
CA ALA A 69 -16.88 21.99 37.60
C ALA A 69 -18.14 22.66 38.06
N GLY A 70 -18.30 22.64 39.38
CA GLY A 70 -19.43 23.26 40.02
C GLY A 70 -20.59 22.32 40.15
N GLY A 71 -20.53 21.22 39.41
CA GLY A 71 -21.63 20.30 39.45
C GLY A 71 -21.42 19.20 40.42
N ARG A 72 -22.43 18.34 40.54
CA ARG A 72 -22.36 17.19 41.41
C ARG A 72 -21.30 16.30 40.80
N THR A 73 -20.81 15.36 41.57
CA THR A 73 -19.83 14.49 41.04
C THR A 73 -20.50 13.16 40.75
N HIS A 74 -20.36 12.73 39.50
CA HIS A 74 -20.88 11.46 38.97
C HIS A 74 -19.76 10.45 38.94
N ALA A 75 -20.07 9.20 39.08
CA ALA A 75 -18.97 8.30 39.17
C ALA A 75 -18.47 7.86 37.89
N SER A 76 -19.03 8.39 36.80
CA SER A 76 -18.54 8.03 35.46
C SER A 76 -19.24 8.96 34.48
N PRO A 77 -18.54 9.37 33.41
CA PRO A 77 -19.20 10.27 32.46
C PRO A 77 -20.46 9.64 31.89
N ALA A 78 -20.54 8.32 31.99
CA ALA A 78 -21.71 7.58 31.52
C ALA A 78 -22.88 8.14 32.32
N ASP A 79 -22.71 8.03 33.63
CA ASP A 79 -23.67 8.49 34.58
C ASP A 79 -23.96 9.89 34.22
N LEU A 80 -23.00 10.73 34.48
CA LEU A 80 -23.21 12.12 34.13
C LEU A 80 -24.27 12.32 33.01
N CYS A 81 -24.09 11.62 31.90
CA CYS A 81 -25.01 11.78 30.78
C CYS A 81 -26.38 11.30 31.04
N HIS A 82 -26.48 10.03 31.48
CA HIS A 82 -27.79 9.49 31.84
C HIS A 82 -28.39 10.58 32.72
N TYR A 83 -27.70 10.93 33.80
CA TYR A 83 -28.22 11.93 34.67
C TYR A 83 -28.67 13.23 34.00
N HIS A 84 -27.80 13.94 33.29
CA HIS A 84 -28.24 15.20 32.66
C HIS A 84 -29.22 15.02 31.48
N SER A 85 -29.52 13.76 31.19
CA SER A 85 -30.47 13.44 30.15
C SER A 85 -31.90 13.50 30.76
N GLN A 86 -31.96 13.64 32.10
CA GLN A 86 -33.21 13.73 32.88
C GLN A 86 -33.38 15.05 33.65
N GLU A 87 -32.26 15.71 33.93
CA GLU A 87 -32.30 16.95 34.68
C GLU A 87 -31.43 18.01 34.05
N SER A 88 -32.00 19.12 33.60
CA SER A 88 -31.18 20.15 32.96
C SER A 88 -30.02 20.44 33.92
N ASP A 89 -30.38 20.89 35.12
CA ASP A 89 -29.44 21.19 36.19
C ASP A 89 -28.19 21.93 35.73
N GLY A 90 -28.35 23.18 35.32
CA GLY A 90 -27.20 23.92 34.85
C GLY A 90 -27.05 23.83 33.33
N LEU A 91 -27.07 22.62 32.77
CA LEU A 91 -26.91 22.48 31.34
C LEU A 91 -27.89 23.29 30.53
N VAL A 92 -27.40 23.95 29.52
CA VAL A 92 -28.27 24.75 28.67
C VAL A 92 -29.55 24.01 28.31
N CYS A 93 -29.51 22.69 28.34
CA CYS A 93 -30.70 21.95 27.99
C CYS A 93 -30.58 20.46 28.24
N LEU A 94 -31.71 19.77 28.22
CA LEU A 94 -31.71 18.36 28.51
C LEU A 94 -31.04 17.60 27.42
N LEU A 95 -30.52 16.43 27.79
CA LEU A 95 -29.81 15.60 26.85
C LEU A 95 -30.72 14.60 26.19
N LYS A 96 -31.37 15.01 25.11
CA LYS A 96 -32.27 14.11 24.38
C LYS A 96 -31.56 12.98 23.61
N LYS A 97 -30.84 13.30 22.55
CA LYS A 97 -30.17 12.24 21.78
C LYS A 97 -28.64 12.22 21.71
N PRO A 98 -28.06 11.05 21.96
CA PRO A 98 -26.61 10.98 21.90
C PRO A 98 -26.34 10.91 20.43
N PHE A 99 -25.10 11.08 19.98
CA PHE A 99 -24.81 10.92 18.55
C PHE A 99 -23.83 9.79 18.53
N ASN A 100 -24.26 8.59 18.17
CA ASN A 100 -23.32 7.52 18.20
C ASN A 100 -22.22 7.56 17.17
N ARG A 101 -21.21 6.75 17.43
CA ARG A 101 -20.05 6.64 16.60
C ARG A 101 -20.50 6.09 15.20
N PRO A 102 -20.41 6.95 14.17
CA PRO A 102 -20.80 6.56 12.82
C PRO A 102 -20.31 5.18 12.47
N GLN A 103 -20.94 4.61 11.45
CA GLN A 103 -20.59 3.29 10.98
C GLN A 103 -19.12 3.22 10.61
N GLY A 104 -18.43 2.24 11.20
CA GLY A 104 -17.01 2.04 10.93
C GLY A 104 -16.13 2.79 11.90
N VAL A 105 -16.32 4.12 11.95
CA VAL A 105 -15.57 5.04 12.83
C VAL A 105 -15.18 4.48 14.20
N GLN A 106 -14.09 5.00 14.74
CA GLN A 106 -13.58 4.59 16.04
C GLN A 106 -13.19 5.82 16.86
N PRO A 107 -12.85 5.63 18.14
CA PRO A 107 -12.46 6.77 18.99
C PRO A 107 -10.99 7.21 18.67
N LYS A 108 -10.80 8.50 18.39
CA LYS A 108 -9.48 8.97 18.04
C LYS A 108 -8.53 8.79 19.15
N THR A 109 -7.26 8.69 18.78
CA THR A 109 -6.19 8.51 19.74
C THR A 109 -5.18 9.62 19.55
N GLY A 110 -4.58 10.09 20.64
CA GLY A 110 -3.55 11.10 20.52
C GLY A 110 -2.27 10.38 20.10
N PRO A 111 -1.19 11.10 19.80
CA PRO A 111 0.02 10.36 19.39
C PRO A 111 0.77 9.81 20.59
N PHE A 112 0.12 9.79 21.76
CA PHE A 112 0.74 9.33 23.01
C PHE A 112 -0.11 8.35 23.79
N GLU A 113 -1.42 8.43 23.64
CA GLU A 113 -2.33 7.53 24.37
C GLU A 113 -1.80 6.11 24.16
N ASP A 114 -0.91 6.03 23.18
CA ASP A 114 -0.30 4.79 22.76
C ASP A 114 1.07 4.59 23.36
N LEU A 115 1.95 5.56 23.20
CA LEU A 115 3.25 5.31 23.79
C LEU A 115 3.09 5.25 25.29
N LYS A 116 2.17 6.05 25.82
CA LYS A 116 1.90 6.10 27.25
C LYS A 116 1.79 4.74 27.86
N GLU A 117 0.69 4.08 27.57
CA GLU A 117 0.45 2.78 28.16
C GLU A 117 1.69 1.95 28.24
N ASN A 118 2.66 2.25 27.40
CA ASN A 118 3.88 1.48 27.44
C ASN A 118 4.93 2.21 28.28
N LEU A 119 5.22 3.44 27.89
CA LEU A 119 6.21 4.29 28.57
C LEU A 119 6.14 4.12 30.11
N ILE A 120 4.93 3.93 30.60
CA ILE A 120 4.73 3.74 32.01
C ILE A 120 5.05 2.29 32.37
N ARG A 121 4.56 1.34 31.57
CA ARG A 121 4.83 -0.07 31.84
C ARG A 121 6.33 -0.21 31.98
N GLU A 122 7.03 0.76 31.42
CA GLU A 122 8.49 0.78 31.49
C GLU A 122 8.93 1.31 32.84
N TYR A 123 8.57 2.56 33.10
CA TYR A 123 8.90 3.17 34.36
C TYR A 123 8.81 2.20 35.55
N VAL A 124 7.71 1.48 35.66
CA VAL A 124 7.55 0.52 36.76
C VAL A 124 8.61 -0.57 36.62
N LYS A 125 8.60 -1.27 35.49
CA LYS A 125 9.58 -2.33 35.28
C LYS A 125 10.95 -1.86 35.74
N GLN A 126 11.28 -0.59 35.43
CA GLN A 126 12.57 0.00 35.76
C GLN A 126 12.74 0.56 37.21
N THR A 127 12.05 1.65 37.55
CA THR A 127 12.17 2.25 38.88
C THR A 127 11.51 1.42 39.97
N TRP A 128 10.82 0.35 39.59
CA TRP A 128 10.19 -0.51 40.59
C TRP A 128 10.67 -1.94 40.36
N ASN A 129 11.61 -2.09 39.41
CA ASN A 129 12.21 -3.38 39.04
C ASN A 129 11.54 -4.67 39.54
N LEU A 130 10.26 -4.86 39.19
CA LEU A 130 9.51 -6.05 39.63
C LEU A 130 9.31 -7.13 38.57
N GLN A 131 9.08 -8.34 39.07
CA GLN A 131 8.93 -9.53 38.24
C GLN A 131 7.57 -9.86 37.59
N GLY A 132 7.67 -10.68 36.53
CA GLY A 132 6.52 -11.12 35.74
C GLY A 132 5.13 -10.68 36.14
N GLN A 133 4.52 -11.43 37.07
CA GLN A 133 3.16 -11.17 37.52
C GLN A 133 3.08 -9.98 38.49
N ALA A 134 4.20 -9.69 39.15
CA ALA A 134 4.27 -8.58 40.10
C ALA A 134 3.96 -7.26 39.39
N LEU A 135 4.62 -7.09 38.26
CA LEU A 135 4.47 -5.90 37.44
C LEU A 135 2.98 -5.62 37.20
N GLU A 136 2.32 -6.58 36.56
CA GLU A 136 0.91 -6.44 36.22
C GLU A 136 0.13 -5.84 37.37
N GLN A 137 0.37 -6.34 38.57
CA GLN A 137 -0.34 -5.80 39.71
C GLN A 137 -0.03 -4.32 39.79
N ALA A 138 1.18 -4.03 40.27
CA ALA A 138 1.65 -2.66 40.42
C ALA A 138 0.90 -1.68 39.52
N ILE A 139 0.77 -2.02 38.25
CA ILE A 139 0.11 -1.10 37.34
C ILE A 139 -1.34 -0.87 37.64
N ILE A 140 -2.10 -1.96 37.72
CA ILE A 140 -3.52 -1.83 38.01
C ILE A 140 -3.72 -1.13 39.34
N SER A 141 -2.97 -1.56 40.35
CA SER A 141 -3.07 -0.97 41.68
C SER A 141 -2.77 0.53 41.65
N GLN A 142 -1.64 0.88 41.02
CA GLN A 142 -1.17 2.26 40.93
C GLN A 142 -1.60 3.13 39.73
N LYS A 143 -1.83 2.51 38.58
CA LYS A 143 -2.18 3.24 37.36
C LYS A 143 -2.80 4.62 37.53
N PRO A 144 -3.89 4.72 38.28
CA PRO A 144 -4.46 6.05 38.41
C PRO A 144 -3.34 7.08 38.54
N GLN A 145 -2.41 6.76 39.44
CA GLN A 145 -1.27 7.61 39.75
C GLN A 145 -0.20 7.76 38.68
N LEU A 146 0.31 6.63 38.20
CA LEU A 146 1.34 6.60 37.15
C LEU A 146 0.99 7.61 36.09
N GLU A 147 -0.10 7.38 35.39
CA GLU A 147 -0.56 8.29 34.35
C GLU A 147 -0.21 9.73 34.70
N LYS A 148 -0.59 10.18 35.89
CA LYS A 148 -0.30 11.56 36.29
C LYS A 148 1.17 11.81 36.21
N LEU A 149 1.95 10.78 36.51
CA LEU A 149 3.42 10.89 36.49
C LEU A 149 3.95 11.04 35.08
N ILE A 150 3.85 9.93 34.38
CA ILE A 150 4.29 9.78 33.02
C ILE A 150 3.94 10.95 32.13
N ALA A 151 2.73 11.43 32.21
CA ALA A 151 2.36 12.50 31.34
C ALA A 151 3.05 13.84 31.57
N THR A 152 3.20 14.19 32.85
CA THR A 152 3.80 15.47 33.20
C THR A 152 5.21 15.55 32.65
N THR A 153 5.79 14.39 32.46
CA THR A 153 7.15 14.35 31.98
C THR A 153 7.37 13.29 30.95
N ALA A 154 6.82 13.55 29.78
CA ALA A 154 6.96 12.60 28.71
C ALA A 154 7.75 13.40 27.73
N HIS A 155 7.34 14.65 27.58
CA HIS A 155 7.99 15.56 26.68
C HIS A 155 9.48 15.42 26.86
N GLU A 156 9.88 15.04 28.06
CA GLU A 156 11.28 14.84 28.39
C GLU A 156 11.98 13.86 27.40
N LYS A 157 11.22 13.22 26.54
CA LYS A 157 11.87 12.33 25.61
C LYS A 157 11.36 12.60 24.21
N MET A 158 10.53 13.62 24.06
CA MET A 158 10.03 13.94 22.73
C MET A 158 10.91 14.91 21.99
N PRO A 159 11.09 14.63 20.70
CA PRO A 159 11.91 15.42 19.78
C PRO A 159 11.75 16.94 19.91
N TRP A 160 10.54 17.46 19.82
CA TRP A 160 10.40 18.91 19.88
C TRP A 160 10.99 19.54 21.15
N PHE A 161 11.19 18.74 22.17
CA PHE A 161 11.63 19.29 23.42
C PHE A 161 13.07 19.16 23.62
N HIS A 162 13.76 20.29 23.60
CA HIS A 162 15.20 20.25 23.78
C HIS A 162 15.60 20.77 25.14
N GLY A 163 15.89 19.84 26.06
CA GLY A 163 16.25 20.21 27.43
C GLY A 163 16.25 21.69 27.80
N LYS A 164 17.26 22.07 28.59
CA LYS A 164 17.46 23.46 28.99
C LYS A 164 18.45 24.06 27.96
N ILE A 165 18.11 25.22 27.44
CA ILE A 165 18.96 25.81 26.42
C ILE A 165 18.80 27.32 26.22
N SER A 166 19.93 27.95 25.89
CA SER A 166 20.00 29.37 25.65
C SER A 166 18.99 29.79 24.62
N ARG A 167 18.55 31.03 24.70
CA ARG A 167 17.62 31.49 23.70
C ARG A 167 18.29 31.46 22.33
N GLU A 168 19.62 31.45 22.30
CA GLU A 168 20.34 31.43 21.03
C GLU A 168 20.58 29.99 20.66
N GLU A 169 21.26 29.28 21.55
CA GLU A 169 21.58 27.87 21.36
C GLU A 169 20.46 27.24 20.56
N SER A 170 19.27 27.83 20.68
CA SER A 170 18.07 27.37 19.99
C SER A 170 18.07 27.97 18.61
N GLU A 171 17.95 29.31 18.57
CA GLU A 171 17.95 30.07 17.33
C GLU A 171 18.86 29.28 16.42
N GLN A 172 20.00 28.92 16.96
CA GLN A 172 20.94 28.16 16.18
C GLN A 172 20.40 26.80 15.81
N ILE A 173 20.48 25.85 16.71
CA ILE A 173 20.03 24.52 16.32
C ILE A 173 18.79 24.53 15.46
N VAL A 174 17.98 25.58 15.48
CA VAL A 174 16.89 25.43 14.58
C VAL A 174 17.15 26.01 13.21
N LEU A 175 18.13 26.91 13.11
CA LEU A 175 18.43 27.44 11.80
C LEU A 175 19.18 26.44 10.98
N ILE A 176 19.96 25.64 11.68
CA ILE A 176 20.73 24.65 10.99
C ILE A 176 19.70 23.79 10.34
N GLY A 177 20.12 23.05 9.32
CA GLY A 177 19.22 22.16 8.65
C GLY A 177 18.14 22.86 7.84
N SER A 178 17.15 22.04 7.42
CA SER A 178 16.00 22.46 6.59
C SER A 178 15.26 23.62 7.21
N LYS A 179 15.08 24.64 6.39
CA LYS A 179 14.43 25.85 6.82
C LYS A 179 12.92 25.75 6.60
N THR A 180 12.44 24.51 6.58
CA THR A 180 11.01 24.24 6.41
C THR A 180 10.19 24.99 7.50
N ASN A 181 9.24 25.81 7.08
CA ASN A 181 8.39 26.60 7.97
C ASN A 181 7.56 25.84 8.98
N GLY A 182 7.49 26.39 10.19
CA GLY A 182 6.75 25.75 11.25
C GLY A 182 7.62 24.83 12.08
N LYS A 183 8.88 24.64 11.69
CA LYS A 183 9.78 23.77 12.48
C LYS A 183 9.80 24.41 13.84
N PHE A 184 9.79 23.61 14.87
CA PHE A 184 9.71 24.22 16.19
C PHE A 184 10.37 23.38 17.24
N LEU A 185 10.45 23.95 18.43
CA LEU A 185 10.99 23.24 19.57
C LEU A 185 10.68 24.01 20.83
N ILE A 186 10.68 23.28 21.93
CA ILE A 186 10.46 23.92 23.20
C ILE A 186 11.59 23.53 24.10
N ARG A 187 12.09 24.58 24.72
CA ARG A 187 13.20 24.51 25.62
C ARG A 187 12.67 25.07 26.88
N ALA A 188 13.27 24.56 27.95
CA ALA A 188 12.95 24.93 29.31
C ALA A 188 13.71 26.14 29.75
N ARG A 189 13.02 27.22 30.09
CA ARG A 189 13.72 28.37 30.63
C ARG A 189 14.25 27.77 31.96
N ASP A 190 15.38 28.28 32.44
CA ASP A 190 16.01 27.80 33.66
C ASP A 190 15.02 27.58 34.81
N ASN A 191 13.78 27.95 34.55
CA ASN A 191 12.71 27.83 35.52
C ASN A 191 11.89 26.56 35.22
N ASN A 192 12.01 25.60 36.12
CA ASN A 192 11.31 24.34 35.98
C ASN A 192 9.82 24.58 36.17
N GLY A 193 9.42 25.78 35.73
CA GLY A 193 8.05 26.24 35.79
C GLY A 193 7.77 26.93 34.47
N SER A 194 8.66 27.82 34.04
CA SER A 194 8.46 28.55 32.78
C SER A 194 9.25 27.93 31.66
N TYR A 195 8.67 27.95 30.45
CA TYR A 195 9.26 27.38 29.25
C TYR A 195 9.13 28.36 28.13
N ALA A 196 9.67 27.95 26.98
CA ALA A 196 9.63 28.77 25.79
C ALA A 196 9.45 27.97 24.51
N LEU A 197 8.78 28.63 23.58
CA LEU A 197 8.45 28.04 22.31
C LEU A 197 9.17 28.67 21.11
N CYS A 198 9.96 27.89 20.37
CA CYS A 198 10.59 28.48 19.20
C CYS A 198 10.22 27.72 17.96
N LEU A 199 9.91 28.50 16.93
CA LEU A 199 9.51 27.95 15.66
C LEU A 199 9.91 28.88 14.49
N LEU A 200 10.01 28.30 13.29
CA LEU A 200 10.40 29.09 12.14
C LEU A 200 9.25 29.68 11.33
N HIS A 201 9.38 30.94 10.91
CA HIS A 201 8.35 31.61 10.10
C HIS A 201 9.00 32.57 9.08
N GLU A 202 9.03 32.15 7.82
CA GLU A 202 9.64 32.98 6.79
C GLU A 202 11.07 33.23 7.21
N GLY A 203 11.80 32.14 7.39
CA GLY A 203 13.19 32.21 7.77
C GLY A 203 13.55 32.90 9.07
N LYS A 204 12.59 33.55 9.72
CA LYS A 204 12.90 34.22 10.99
C LYS A 204 12.49 33.35 12.19
N VAL A 205 13.29 33.32 13.25
CA VAL A 205 12.92 32.51 14.41
C VAL A 205 12.01 33.32 15.29
N LEU A 206 11.09 32.61 15.96
CA LEU A 206 10.12 33.22 16.84
C LEU A 206 10.04 32.58 18.20
N HIS A 207 10.00 33.43 19.19
CA HIS A 207 9.92 33.01 20.57
C HIS A 207 8.59 33.43 21.22
N TYR A 208 7.88 32.43 21.76
CA TYR A 208 6.61 32.64 22.45
C TYR A 208 6.81 32.14 23.87
N ARG A 209 6.56 33.01 24.84
CA ARG A 209 6.75 32.65 26.24
C ARG A 209 5.69 31.66 26.75
N ILE A 210 6.15 30.71 27.56
CA ILE A 210 5.24 29.74 28.12
C ILE A 210 5.48 29.85 29.60
N ASP A 211 4.39 29.85 30.36
CA ASP A 211 4.50 29.99 31.80
C ASP A 211 3.45 29.16 32.52
N LYS A 212 3.86 28.60 33.66
CA LYS A 212 2.97 27.78 34.49
C LYS A 212 2.28 28.69 35.51
N ASP A 213 1.00 29.02 35.27
CA ASP A 213 0.23 29.90 36.15
C ASP A 213 -0.10 29.39 37.57
N LYS A 214 -0.67 30.29 38.38
CA LYS A 214 -1.07 30.00 39.77
C LYS A 214 -1.52 28.56 40.00
N THR A 215 -2.25 28.03 39.03
CA THR A 215 -2.80 26.68 39.08
C THR A 215 -1.89 25.54 38.63
N GLY A 216 -0.75 25.88 38.02
CA GLY A 216 0.16 24.86 37.52
C GLY A 216 -0.20 24.54 36.09
N LYS A 217 -0.81 25.51 35.45
CA LYS A 217 -1.27 25.30 34.11
C LYS A 217 -0.60 26.17 33.08
N LEU A 218 0.19 25.48 32.27
CA LEU A 218 0.98 26.06 31.19
C LEU A 218 0.06 26.72 30.20
N SER A 219 0.50 27.88 29.72
CA SER A 219 -0.24 28.65 28.74
C SER A 219 0.56 29.88 28.30
N ILE A 220 0.66 30.09 27.00
CA ILE A 220 1.35 31.26 26.48
C ILE A 220 0.56 32.46 27.02
N PRO A 221 1.22 33.59 27.24
CA PRO A 221 0.39 34.68 27.74
C PRO A 221 -0.80 34.87 26.80
N GLU A 222 -2.00 34.92 27.39
CA GLU A 222 -3.25 35.12 26.67
C GLU A 222 -3.68 34.04 25.69
N GLY A 223 -3.27 32.82 25.95
CA GLY A 223 -3.66 31.75 25.06
C GLY A 223 -4.28 30.66 25.88
N LYS A 224 -4.91 29.68 25.23
CA LYS A 224 -5.53 28.56 25.95
C LYS A 224 -4.58 27.99 27.05
N LYS A 225 -5.12 27.23 28.01
CA LYS A 225 -4.28 26.68 29.07
C LYS A 225 -4.29 25.17 29.10
N PHE A 226 -3.12 24.55 29.30
CA PHE A 226 -2.96 23.08 29.25
C PHE A 226 -2.36 22.46 30.48
N ASP A 227 -2.74 21.23 30.74
CA ASP A 227 -2.16 20.57 31.87
C ASP A 227 -0.73 20.29 31.46
N THR A 228 -0.53 19.80 30.24
CA THR A 228 0.84 19.51 29.77
C THR A 228 1.24 20.18 28.48
N LEU A 229 2.41 19.78 27.96
CA LEU A 229 2.99 20.33 26.72
C LEU A 229 2.65 19.42 25.57
N TRP A 230 2.86 18.14 25.83
CA TRP A 230 2.52 17.11 24.91
C TRP A 230 1.17 17.69 24.43
N GLN A 231 0.31 18.10 25.37
CA GLN A 231 -0.99 18.70 25.05
C GLN A 231 -0.88 19.98 24.25
N LEU A 232 -0.04 20.85 24.76
CA LEU A 232 0.18 22.15 24.18
C LEU A 232 0.52 22.08 22.69
N VAL A 233 1.46 21.19 22.42
CA VAL A 233 1.97 20.97 21.08
C VAL A 233 0.83 20.44 20.24
N GLU A 234 0.39 19.23 20.60
CA GLU A 234 -0.70 18.56 19.91
C GLU A 234 -1.75 19.55 19.46
N HIS A 235 -1.98 20.58 20.27
CA HIS A 235 -2.97 21.57 19.95
C HIS A 235 -2.53 22.47 18.83
N TYR A 236 -1.63 23.34 19.22
CA TYR A 236 -1.06 24.33 18.34
C TYR A 236 -0.52 23.70 17.08
N SER A 237 -0.14 22.43 17.19
CA SER A 237 0.37 21.69 16.09
C SER A 237 -0.81 21.36 15.23
N TYR A 238 -1.97 21.91 15.56
CA TYR A 238 -3.18 21.63 14.80
C TYR A 238 -3.89 22.93 14.38
N LYS A 239 -3.85 23.94 15.25
CA LYS A 239 -4.46 25.21 14.87
C LYS A 239 -3.55 26.28 15.41
N ALA A 240 -3.29 27.29 14.59
CA ALA A 240 -2.42 28.39 14.99
C ALA A 240 -2.98 29.00 16.29
N ASP A 241 -4.29 29.23 16.29
CA ASP A 241 -4.99 29.76 17.46
C ASP A 241 -4.22 30.94 18.05
N GLY A 242 -3.73 31.82 17.18
CA GLY A 242 -2.98 32.96 17.67
C GLY A 242 -1.53 33.03 17.26
N LEU A 243 -0.87 31.87 17.15
CA LEU A 243 0.53 31.87 16.72
C LEU A 243 0.48 32.41 15.33
N LEU A 244 1.63 32.74 14.78
CA LEU A 244 1.64 33.26 13.43
C LEU A 244 1.51 32.14 12.42
N ARG A 245 1.62 30.91 12.89
CA ARG A 245 1.49 29.74 12.03
C ARG A 245 1.28 28.58 12.97
N VAL A 246 1.02 27.40 12.41
CA VAL A 246 0.82 26.17 13.20
C VAL A 246 2.09 25.30 13.23
N LEU A 247 2.41 24.74 14.38
CA LEU A 247 3.55 23.85 14.51
C LEU A 247 3.62 22.85 13.41
N THR A 248 4.81 22.47 13.00
CA THR A 248 4.97 21.53 11.91
C THR A 248 5.85 20.41 12.34
N VAL A 249 7.16 20.62 12.24
CA VAL A 249 8.04 19.54 12.61
C VAL A 249 9.02 19.86 13.70
N PRO A 250 9.26 18.83 14.51
CA PRO A 250 10.16 18.83 15.66
C PRO A 250 11.57 19.09 15.20
N CYS A 251 12.05 20.31 15.37
CA CYS A 251 13.42 20.54 14.99
C CYS A 251 14.32 19.44 15.63
N GLN A 252 15.41 19.15 14.93
CA GLN A 252 16.32 18.13 15.33
C GLN A 252 17.18 18.44 16.51
N LYS A 253 17.47 17.42 17.29
CA LYS A 253 18.29 17.61 18.47
C LYS A 253 19.64 17.07 18.16
N ILE A 254 20.67 17.73 18.65
CA ILE A 254 22.02 17.24 18.43
C ILE A 254 22.23 15.78 18.80
N PRO B 1 14.11 39.16 26.11
CA PRO B 1 14.54 40.21 25.15
C PRO B 1 13.40 40.70 24.25
N ASP B 2 12.60 39.75 23.76
CA ASP B 2 11.47 40.06 22.91
C ASP B 2 10.73 38.78 22.55
N PTR B 3 9.49 38.69 22.99
CA PTR B 3 8.70 37.53 22.71
C PTR B 3 7.53 38.01 21.88
O PTR B 3 6.99 39.08 22.14
CB PTR B 3 8.24 36.93 24.02
CG PTR B 3 9.33 36.26 24.82
CD1 PTR B 3 9.93 35.09 24.37
CD2 PTR B 3 9.71 36.73 26.06
CE1 PTR B 3 10.86 34.42 25.13
CE2 PTR B 3 10.64 36.06 26.83
CZ PTR B 3 11.22 34.90 26.36
OH PTR B 3 12.15 34.21 27.12
P PTR B 3 13.80 33.77 26.68
O1P PTR B 3 14.49 35.08 26.88
O2P PTR B 3 14.35 32.67 27.57
O3P PTR B 3 13.98 33.40 25.25
N GLU B 4 7.12 37.23 20.87
CA GLU B 4 6.00 37.62 20.01
C GLU B 4 4.62 37.51 20.68
N PRO B 5 3.79 38.56 20.53
CA PRO B 5 2.45 38.63 21.11
C PRO B 5 1.45 37.87 20.25
N ILE B 6 0.22 37.68 20.75
CA ILE B 6 -0.80 36.94 20.03
C ILE B 6 -1.87 37.74 19.25
N ARG B 7 -3.01 37.09 19.01
CA ARG B 7 -4.12 37.69 18.25
C ARG B 7 -5.53 37.30 18.79
N LYS B 8 -5.75 37.66 20.05
CA LYS B 8 -6.97 37.42 20.86
C LYS B 8 -8.32 37.05 20.23
N GLY B 9 -8.79 37.90 19.32
CA GLY B 9 -10.07 37.68 18.68
C GLY B 9 -10.44 36.26 18.26
N GLN B 10 -9.47 35.53 17.73
CA GLN B 10 -9.67 34.17 17.24
C GLN B 10 -9.65 33.09 18.33
N ARG B 11 -10.29 33.30 19.46
CA ARG B 11 -10.20 32.28 20.51
C ARG B 11 -11.45 31.61 21.12
N ASP B 12 -11.49 30.27 20.97
CA ASP B 12 -12.56 29.36 21.42
C ASP B 12 -12.83 29.30 22.94
N LEU B 13 -14.10 29.46 23.33
CA LEU B 13 -14.58 29.46 24.73
C LEU B 13 -15.27 28.19 25.25
N PTR B 14 -15.46 28.10 26.56
CA PTR B 14 -16.13 26.94 27.09
C PTR B 14 -17.32 27.32 27.92
O PTR B 14 -17.20 28.18 28.79
CB PTR B 14 -15.19 26.12 27.93
CG PTR B 14 -14.41 25.14 27.11
CD1 PTR B 14 -13.58 25.57 26.11
CD2 PTR B 14 -14.46 23.77 27.38
CE1 PTR B 14 -12.82 24.68 25.40
CE2 PTR B 14 -13.71 22.89 26.67
CZ PTR B 14 -12.88 23.35 25.69
OH PTR B 14 -12.06 22.47 25.06
P PTR B 14 -11.89 22.25 23.56
O1P PTR B 14 -11.33 23.54 23.03
O2P PTR B 14 -11.08 20.99 23.87
O3P PTR B 14 -13.09 21.97 22.71
N SER B 15 -18.48 26.71 27.64
CA SER B 15 -19.73 27.00 28.38
C SER B 15 -19.77 26.44 29.82
N GLY B 16 -20.21 27.28 30.75
CA GLY B 16 -20.27 26.84 32.12
C GLY B 16 -21.70 26.60 32.57
N LEU B 17 -21.84 26.07 33.78
CA LEU B 17 -23.13 25.77 34.38
C LEU B 17 -24.00 27.00 34.76
N ASN B 18 -25.19 26.73 35.28
CA ASN B 18 -26.18 27.71 35.74
C ASN B 18 -27.43 27.65 34.87
N SER C 1 37.24 12.43 -8.65
CA SER C 1 36.43 11.41 -7.89
C SER C 1 36.97 11.21 -6.47
N ALA C 2 36.51 12.11 -5.59
CA ALA C 2 36.87 12.15 -4.19
C ALA C 2 36.37 10.92 -3.44
N ASN C 3 35.85 9.97 -4.18
CA ASN C 3 35.27 8.78 -3.61
C ASN C 3 35.98 8.08 -2.51
N HIS C 4 37.30 8.19 -2.46
CA HIS C 4 38.10 7.54 -1.39
C HIS C 4 38.02 8.34 -0.09
N LEU C 5 37.80 9.63 -0.20
CA LEU C 5 37.69 10.46 0.96
C LEU C 5 36.51 9.99 1.81
N PRO C 6 36.79 9.35 2.96
CA PRO C 6 35.69 8.88 3.81
C PRO C 6 34.81 9.99 4.38
N PHE C 7 35.16 11.25 4.18
CA PHE C 7 34.30 12.32 4.67
C PHE C 7 33.60 12.99 3.50
N PHE C 8 33.52 12.28 2.38
CA PHE C 8 32.85 12.81 1.19
C PHE C 8 31.53 12.10 0.84
N PHE C 9 30.47 12.88 0.86
CA PHE C 9 29.12 12.43 0.58
C PHE C 9 28.74 12.90 -0.82
N GLY C 10 28.82 12.02 -1.79
CA GLY C 10 28.47 12.39 -3.14
C GLY C 10 27.61 13.62 -3.33
N ASN C 11 26.49 13.44 -4.05
CA ASN C 11 25.64 14.59 -4.28
C ASN C 11 24.58 14.75 -3.25
N ILE C 12 24.90 15.54 -2.22
CA ILE C 12 24.05 15.85 -1.12
C ILE C 12 23.51 17.22 -1.33
N THR C 13 22.55 17.58 -0.53
CA THR C 13 22.01 18.90 -0.67
C THR C 13 22.56 19.73 0.50
N ARG C 14 22.65 21.05 0.32
CA ARG C 14 23.18 21.88 1.40
C ARG C 14 22.64 21.37 2.69
N GLU C 15 21.34 21.55 2.79
CA GLU C 15 20.58 21.16 3.96
C GLU C 15 20.88 19.75 4.49
N GLU C 16 20.88 18.75 3.61
CA GLU C 16 21.18 17.38 4.06
C GLU C 16 22.53 17.27 4.86
N ALA C 17 23.45 18.15 4.49
CA ALA C 17 24.78 18.21 5.08
C ALA C 17 24.76 18.87 6.49
N GLU C 18 24.12 20.06 6.54
CA GLU C 18 24.01 20.79 7.79
C GLU C 18 23.51 19.75 8.77
N ASP C 19 22.63 18.89 8.29
CA ASP C 19 22.06 17.87 9.15
C ASP C 19 23.18 17.01 9.69
N TYR C 20 23.86 16.32 8.81
CA TYR C 20 24.93 15.51 9.32
C TYR C 20 25.82 16.27 10.31
N LEU C 21 26.12 17.53 10.03
CA LEU C 21 27.00 18.18 10.97
C LEU C 21 26.43 18.15 12.38
N VAL C 22 25.15 18.48 12.51
CA VAL C 22 24.57 18.50 13.83
C VAL C 22 24.48 17.07 14.20
N GLN C 23 24.03 16.28 13.26
CA GLN C 23 23.91 14.90 13.57
C GLN C 23 25.32 14.37 13.94
N GLY C 24 26.31 15.23 13.74
CA GLY C 24 27.66 14.83 14.07
C GLY C 24 28.24 15.58 15.27
N GLY C 25 27.69 16.74 15.60
CA GLY C 25 28.26 17.41 16.74
C GLY C 25 28.12 18.91 16.61
N MET C 26 28.16 19.45 15.41
CA MET C 26 28.08 20.91 15.30
C MET C 26 29.24 21.53 16.05
N SER C 27 30.19 20.65 16.34
CA SER C 27 31.43 20.96 17.04
C SER C 27 32.26 21.84 16.16
N ASP C 28 32.77 22.95 16.71
CA ASP C 28 33.63 23.84 15.94
C ASP C 28 34.69 23.01 15.16
N GLY C 29 34.95 23.39 13.91
CA GLY C 29 35.93 22.66 13.13
C GLY C 29 35.48 21.36 12.50
N LEU C 30 34.21 21.07 12.67
CA LEU C 30 33.67 19.87 12.07
C LEU C 30 33.44 20.14 10.58
N TYR C 31 33.87 19.22 9.74
CA TYR C 31 33.65 19.47 8.33
C TYR C 31 33.45 18.17 7.60
N LEU C 32 32.84 18.32 6.42
CA LEU C 32 32.60 17.21 5.52
C LEU C 32 32.63 17.82 4.12
N LEU C 33 32.88 16.95 3.16
CA LEU C 33 32.99 17.39 1.80
C LEU C 33 31.96 16.73 0.92
N ARG C 34 31.32 17.55 0.09
CA ARG C 34 30.34 17.03 -0.82
C ARG C 34 30.50 17.74 -2.16
N GLN C 35 30.05 17.06 -3.21
CA GLN C 35 30.17 17.56 -4.57
C GLN C 35 29.34 18.77 -4.85
N SER C 36 29.89 19.66 -5.67
CA SER C 36 29.17 20.88 -6.02
C SER C 36 28.02 20.49 -6.88
N ARG C 37 27.03 21.36 -6.89
CA ARG C 37 25.83 21.12 -7.62
C ARG C 37 25.57 22.27 -8.53
N ASN C 38 26.44 23.27 -8.51
CA ASN C 38 26.18 24.42 -9.37
C ASN C 38 27.37 24.74 -10.25
N TYR C 39 28.47 24.01 -10.00
CA TYR C 39 29.72 24.18 -10.72
C TYR C 39 30.23 22.85 -11.22
N LEU C 40 30.49 22.77 -12.50
CA LEU C 40 30.94 21.51 -13.06
C LEU C 40 32.13 21.02 -12.30
N GLY C 41 32.27 19.70 -12.21
CA GLY C 41 33.41 19.10 -11.51
C GLY C 41 33.90 19.74 -10.21
N GLY C 42 33.20 20.78 -9.72
CA GLY C 42 33.58 21.47 -8.49
C GLY C 42 33.17 20.70 -7.24
N PHE C 43 33.41 21.25 -6.05
CA PHE C 43 33.08 20.59 -4.78
C PHE C 43 32.73 21.60 -3.75
N ALA C 44 32.17 21.13 -2.63
CA ALA C 44 31.84 22.07 -1.56
C ALA C 44 32.26 21.63 -0.17
N LEU C 45 32.58 22.66 0.62
CA LEU C 45 33.06 22.47 1.96
C LEU C 45 32.13 23.09 2.95
N SER C 46 31.69 22.22 3.85
CA SER C 46 30.76 22.58 4.91
C SER C 46 31.44 22.34 6.22
N VAL C 47 31.56 23.41 7.00
CA VAL C 47 32.25 23.33 8.28
C VAL C 47 31.45 24.00 9.33
N ALA C 48 31.43 23.33 10.47
CA ALA C 48 30.71 23.77 11.64
C ALA C 48 31.57 24.71 12.50
N HIS C 49 31.11 25.95 12.62
CA HIS C 49 31.82 26.85 13.47
C HIS C 49 30.92 27.83 14.16
N GLY C 50 30.78 27.64 15.47
CA GLY C 50 29.96 28.57 16.19
C GLY C 50 28.50 28.19 16.03
N ARG C 51 28.25 26.89 16.12
CA ARG C 51 26.89 26.42 16.05
C ARG C 51 26.22 26.76 14.74
N LYS C 52 26.85 27.62 13.92
CA LYS C 52 26.32 28.00 12.59
C LYS C 52 27.04 27.15 11.55
N ALA C 53 26.58 27.14 10.31
CA ALA C 53 27.27 26.32 9.30
C ALA C 53 27.76 27.15 8.13
N HIS C 54 29.03 26.91 7.72
CA HIS C 54 29.64 27.63 6.61
C HIS C 54 29.96 26.69 5.47
N HIS C 55 29.48 27.19 4.32
CA HIS C 55 29.53 26.53 3.03
C HIS C 55 30.47 27.22 2.09
N TYR C 56 31.55 26.49 1.80
CA TYR C 56 32.63 26.98 0.95
C TYR C 56 32.71 26.16 -0.30
N THR C 57 32.59 26.85 -1.43
CA THR C 57 32.64 26.24 -2.75
C THR C 57 34.06 26.19 -3.35
N ILE C 58 34.47 24.97 -3.60
CA ILE C 58 35.76 24.69 -4.15
C ILE C 58 35.64 24.51 -5.66
N GLU C 59 36.13 25.46 -6.47
CA GLU C 59 36.04 25.37 -7.96
C GLU C 59 37.22 24.63 -8.61
N ARG C 60 37.01 23.92 -9.73
CA ARG C 60 38.13 23.24 -10.39
C ARG C 60 38.72 24.15 -11.48
N GLU C 61 39.97 24.52 -11.26
CA GLU C 61 40.75 25.39 -12.14
C GLU C 61 41.05 24.61 -13.38
N LEU C 62 41.12 25.33 -14.50
CA LEU C 62 41.37 24.68 -15.76
C LEU C 62 42.62 23.81 -15.74
N ASN C 63 43.62 24.19 -14.95
CA ASN C 63 44.85 23.41 -14.86
C ASN C 63 44.49 22.06 -14.31
N GLY C 64 43.23 21.91 -13.89
CA GLY C 64 42.76 20.66 -13.32
C GLY C 64 43.13 20.53 -11.86
N THR C 65 43.34 21.69 -11.26
CA THR C 65 43.71 21.82 -9.85
C THR C 65 42.51 22.53 -9.23
N TYR C 66 42.30 22.40 -7.92
CA TYR C 66 41.14 23.04 -7.28
C TYR C 66 41.50 24.21 -6.38
N ALA C 67 40.56 25.13 -6.20
CA ALA C 67 40.78 26.32 -5.39
C ALA C 67 39.50 27.07 -5.03
N ILE C 68 39.21 27.25 -3.74
CA ILE C 68 38.01 28.03 -3.38
C ILE C 68 38.34 29.36 -4.01
N ALA C 69 37.42 29.98 -4.71
CA ALA C 69 37.82 31.24 -5.32
C ALA C 69 38.53 32.21 -4.38
N GLY C 70 39.58 32.83 -4.89
CA GLY C 70 40.32 33.78 -4.11
C GLY C 70 41.53 33.19 -3.42
N GLY C 71 41.81 31.91 -3.58
CA GLY C 71 42.95 31.36 -2.87
C GLY C 71 43.93 30.40 -3.56
N ARG C 72 44.93 30.00 -2.78
CA ARG C 72 45.96 29.08 -3.24
C ARG C 72 45.28 27.93 -3.97
N THR C 73 45.85 27.49 -5.08
CA THR C 73 45.28 26.39 -5.84
C THR C 73 45.91 25.12 -5.33
N HIS C 74 45.08 24.13 -5.02
CA HIS C 74 45.58 22.86 -4.51
C HIS C 74 45.48 21.73 -5.53
N ALA C 75 46.27 20.71 -5.36
CA ALA C 75 46.29 19.58 -6.27
C ALA C 75 44.95 18.88 -6.29
N SER C 76 44.55 18.37 -5.13
CA SER C 76 43.30 17.66 -4.97
C SER C 76 42.60 18.22 -3.78
N PRO C 77 41.29 17.96 -3.66
CA PRO C 77 40.53 18.46 -2.52
C PRO C 77 41.16 17.95 -1.20
N ALA C 78 41.50 16.67 -1.19
CA ALA C 78 42.04 16.07 0.01
C ALA C 78 43.17 16.90 0.59
N ASP C 79 43.99 17.46 -0.30
CA ASP C 79 45.13 18.28 0.11
C ASP C 79 44.55 19.50 0.75
N LEU C 80 43.83 20.24 -0.07
CA LEU C 80 43.15 21.43 0.39
C LEU C 80 42.68 21.28 1.84
N CYS C 81 42.03 20.14 2.10
CA CYS C 81 41.52 19.90 3.44
C CYS C 81 42.74 19.92 4.28
N HIS C 82 43.53 18.86 4.17
CA HIS C 82 44.78 18.71 4.89
C HIS C 82 45.38 20.07 5.12
N TYR C 83 45.52 20.81 4.05
CA TYR C 83 46.12 22.11 4.20
C TYR C 83 45.36 22.97 5.19
N HIS C 84 44.09 23.29 4.92
CA HIS C 84 43.36 24.12 5.88
C HIS C 84 43.25 23.49 7.22
N SER C 85 43.67 22.24 7.30
CA SER C 85 43.62 21.54 8.55
C SER C 85 44.68 22.10 9.49
N GLN C 86 45.67 22.78 8.92
CA GLN C 86 46.77 23.38 9.70
C GLN C 86 46.84 24.86 9.50
N GLU C 87 46.08 25.39 8.57
CA GLU C 87 46.12 26.83 8.37
C GLU C 87 44.82 27.43 7.98
N SER C 88 44.29 28.25 8.88
CA SER C 88 43.03 28.89 8.68
C SER C 88 42.96 29.48 7.28
N ASP C 89 43.96 30.26 6.94
CA ASP C 89 44.03 30.94 5.66
C ASP C 89 42.70 31.42 5.08
N GLY C 90 42.00 32.29 5.81
CA GLY C 90 40.70 32.81 5.35
C GLY C 90 39.48 32.01 5.85
N LEU C 91 39.66 30.69 6.05
CA LEU C 91 38.60 29.82 6.51
C LEU C 91 38.14 30.43 7.78
N VAL C 92 36.87 30.28 8.11
CA VAL C 92 36.43 30.85 9.37
C VAL C 92 37.13 30.17 10.51
N CYS C 93 37.67 29.00 10.27
CA CYS C 93 38.32 28.33 11.34
C CYS C 93 39.17 27.22 10.83
N LEU C 94 39.81 26.51 11.74
CA LEU C 94 40.66 25.42 11.31
C LEU C 94 39.80 24.20 11.21
N LEU C 95 40.16 23.29 10.32
CA LEU C 95 39.37 22.11 10.18
C LEU C 95 39.84 21.06 11.12
N LYS C 96 39.29 20.99 12.32
CA LYS C 96 39.76 19.98 13.27
C LYS C 96 39.26 18.61 12.98
N LYS C 97 37.98 18.50 12.65
CA LYS C 97 37.42 17.16 12.48
C LYS C 97 36.59 16.85 11.31
N PRO C 98 37.02 15.84 10.58
CA PRO C 98 36.20 15.51 9.43
C PRO C 98 35.03 14.71 9.98
N PHE C 99 33.87 14.78 9.29
CA PHE C 99 32.68 13.99 9.62
C PHE C 99 32.59 12.82 8.64
N ASN C 100 32.99 11.64 9.07
CA ASN C 100 32.97 10.54 8.15
C ASN C 100 31.61 10.00 7.78
N ARG C 101 31.54 9.49 6.55
CA ARG C 101 30.35 8.84 6.03
C ARG C 101 29.98 7.82 7.13
N PRO C 102 28.72 7.86 7.62
CA PRO C 102 28.23 6.96 8.66
C PRO C 102 28.24 5.58 8.14
N GLN C 103 28.51 4.67 9.06
CA GLN C 103 28.59 3.29 8.70
C GLN C 103 27.52 2.95 7.69
N GLY C 104 27.92 2.22 6.66
CA GLY C 104 26.94 1.83 5.67
C GLY C 104 26.72 2.85 4.58
N VAL C 105 26.56 4.12 4.92
CA VAL C 105 26.35 5.15 3.89
C VAL C 105 27.38 5.19 2.78
N GLN C 106 26.99 5.75 1.63
CA GLN C 106 27.90 5.86 0.49
C GLN C 106 27.64 7.18 -0.18
N PRO C 107 28.47 7.57 -1.15
CA PRO C 107 28.31 8.84 -1.87
C PRO C 107 27.14 8.92 -2.88
N LYS C 108 26.20 9.84 -2.64
CA LYS C 108 25.07 10.02 -3.53
C LYS C 108 25.51 10.40 -4.92
N THR C 109 24.68 10.05 -5.89
CA THR C 109 24.99 10.35 -7.28
C THR C 109 23.89 11.20 -7.86
N GLY C 110 24.27 12.21 -8.63
CA GLY C 110 23.30 13.12 -9.24
C GLY C 110 22.32 12.46 -10.20
N PRO C 111 21.31 13.20 -10.71
CA PRO C 111 20.39 12.56 -11.63
C PRO C 111 20.78 12.90 -13.05
N PHE C 112 22.08 12.92 -13.32
CA PHE C 112 22.54 13.19 -14.67
C PHE C 112 24.02 13.01 -14.75
N GLU C 113 24.62 12.76 -13.61
CA GLU C 113 26.03 12.44 -13.67
C GLU C 113 25.86 11.05 -14.29
N ASP C 114 24.63 10.52 -14.12
CA ASP C 114 24.26 9.18 -14.62
C ASP C 114 23.76 9.21 -16.05
N LEU C 115 23.12 10.32 -16.44
CA LEU C 115 22.62 10.49 -17.80
C LEU C 115 23.75 10.86 -18.74
N LYS C 116 24.52 11.87 -18.35
CA LYS C 116 25.65 12.34 -19.13
C LYS C 116 26.48 11.13 -19.54
N GLU C 117 27.02 10.41 -18.57
CA GLU C 117 27.81 9.21 -18.83
C GLU C 117 27.38 8.49 -20.12
N ASN C 118 26.09 8.20 -20.20
CA ASN C 118 25.59 7.54 -21.39
C ASN C 118 25.32 8.57 -22.48
N LEU C 119 24.55 9.60 -22.18
CA LEU C 119 24.21 10.63 -23.16
C LEU C 119 25.35 10.86 -24.11
N ILE C 120 26.57 10.83 -23.58
CA ILE C 120 27.79 11.03 -24.34
C ILE C 120 28.15 9.77 -25.14
N ARG C 121 28.14 8.64 -24.44
CA ARG C 121 28.43 7.35 -25.02
C ARG C 121 27.57 7.24 -26.28
N GLU C 122 26.45 7.96 -26.25
CA GLU C 122 25.51 8.02 -27.35
C GLU C 122 26.07 8.89 -28.48
N TYR C 123 25.99 10.20 -28.28
CA TYR C 123 26.48 11.17 -29.26
C TYR C 123 27.64 10.61 -30.06
N VAL C 124 28.59 10.00 -29.37
CA VAL C 124 29.73 9.44 -30.07
C VAL C 124 29.32 8.29 -31.00
N LYS C 125 28.63 7.27 -30.47
CA LYS C 125 28.19 6.13 -31.30
C LYS C 125 27.43 6.70 -32.50
N GLN C 126 26.82 7.86 -32.29
CA GLN C 126 26.04 8.53 -33.33
C GLN C 126 26.92 9.18 -34.39
N THR C 127 28.14 9.54 -34.04
CA THR C 127 29.04 10.19 -35.00
C THR C 127 30.28 9.35 -35.41
N TRP C 128 30.96 8.79 -34.42
CA TRP C 128 32.15 8.02 -34.73
C TRP C 128 31.86 6.54 -34.94
N ASN C 129 30.57 6.23 -35.04
CA ASN C 129 30.07 4.88 -35.31
C ASN C 129 31.02 3.68 -35.08
N LEU C 130 31.57 3.57 -33.87
CA LEU C 130 32.47 2.46 -33.56
C LEU C 130 31.75 1.51 -32.61
N GLN C 131 30.56 1.08 -33.01
CA GLN C 131 29.72 0.17 -32.21
C GLN C 131 30.47 -0.96 -31.46
N GLY C 132 31.60 -1.40 -31.99
CA GLY C 132 32.32 -2.47 -31.32
C GLY C 132 32.80 -2.07 -29.93
N GLN C 133 33.81 -2.77 -29.42
CA GLN C 133 34.43 -2.49 -28.13
C GLN C 133 35.33 -1.30 -28.44
N ALA C 134 35.18 -0.82 -29.69
CA ALA C 134 35.89 0.33 -30.23
C ALA C 134 35.31 1.57 -29.58
N LEU C 135 33.99 1.54 -29.37
CA LEU C 135 33.26 2.62 -28.72
C LEU C 135 33.74 2.77 -27.26
N GLU C 136 33.75 1.63 -26.54
CA GLU C 136 34.17 1.58 -25.12
C GLU C 136 35.50 2.28 -24.87
N GLN C 137 36.43 2.14 -25.80
CA GLN C 137 37.72 2.80 -25.69
C GLN C 137 37.43 4.30 -25.85
N ALA C 138 37.14 4.70 -27.09
CA ALA C 138 36.84 6.10 -27.44
C ALA C 138 36.43 6.98 -26.25
N ILE C 139 35.46 6.49 -25.48
CA ILE C 139 34.97 7.23 -24.34
C ILE C 139 36.04 7.50 -23.30
N ILE C 140 36.43 6.47 -22.53
CA ILE C 140 37.44 6.68 -21.49
C ILE C 140 38.59 7.49 -22.05
N SER C 141 38.89 7.24 -23.33
CA SER C 141 39.98 7.92 -24.05
C SER C 141 39.69 9.41 -24.17
N GLN C 142 38.51 9.74 -24.65
CA GLN C 142 38.21 11.14 -24.79
C GLN C 142 37.31 11.76 -23.73
N LYS C 143 36.42 10.96 -23.16
CA LYS C 143 35.52 11.44 -22.13
C LYS C 143 36.03 12.75 -21.53
N PRO C 144 37.23 12.72 -20.91
CA PRO C 144 37.87 13.87 -20.28
C PRO C 144 37.38 15.21 -20.77
N GLN C 145 37.19 15.31 -22.08
CA GLN C 145 36.73 16.54 -22.68
C GLN C 145 35.22 16.56 -22.86
N LEU C 146 34.75 15.62 -23.67
CA LEU C 146 33.33 15.55 -23.98
C LEU C 146 32.54 16.11 -22.82
N GLU C 147 32.72 15.52 -21.64
CA GLU C 147 32.01 15.95 -20.45
C GLU C 147 31.66 17.42 -20.57
N LYS C 148 32.66 18.26 -20.43
CA LYS C 148 32.41 19.67 -20.49
C LYS C 148 31.49 20.10 -21.63
N LEU C 149 31.57 19.42 -22.74
CA LEU C 149 30.74 19.79 -23.87
C LEU C 149 29.29 19.43 -23.63
N ILE C 150 29.05 18.12 -23.60
CA ILE C 150 27.73 17.56 -23.38
C ILE C 150 26.95 18.36 -22.36
N ALA C 151 27.63 18.63 -21.26
CA ALA C 151 27.07 19.36 -20.15
C ALA C 151 26.61 20.74 -20.55
N THR C 152 27.54 21.57 -20.98
CA THR C 152 27.19 22.93 -21.37
C THR C 152 25.89 22.95 -22.18
N THR C 153 25.70 21.89 -22.96
CA THR C 153 24.55 21.78 -23.82
C THR C 153 23.94 20.41 -23.75
N ALA C 154 23.00 20.23 -22.86
CA ALA C 154 22.29 18.97 -22.73
C ALA C 154 20.88 19.49 -22.52
N HIS C 155 20.85 20.74 -22.09
CA HIS C 155 19.64 21.49 -21.86
C HIS C 155 18.94 21.57 -23.20
N GLU C 156 19.78 21.61 -24.22
CA GLU C 156 19.31 21.66 -25.59
C GLU C 156 18.28 20.54 -25.83
N LYS C 157 18.51 19.40 -25.17
CA LYS C 157 17.65 18.20 -25.23
C LYS C 157 16.44 18.17 -24.26
N MET C 158 16.45 19.07 -23.31
CA MET C 158 15.39 19.04 -22.34
C MET C 158 14.08 19.81 -22.63
N PRO C 159 12.97 19.12 -22.45
CA PRO C 159 11.61 19.61 -22.63
C PRO C 159 11.36 21.05 -22.14
N TRP C 160 11.96 21.46 -21.03
CA TRP C 160 11.69 22.81 -20.51
C TRP C 160 12.34 23.89 -21.35
N PHE C 161 13.30 23.45 -22.13
CA PHE C 161 14.02 24.37 -22.98
C PHE C 161 13.29 24.61 -24.27
N HIS C 162 12.83 25.83 -24.48
CA HIS C 162 12.08 26.06 -25.68
C HIS C 162 12.78 26.92 -26.70
N GLY C 163 13.91 26.44 -27.19
CA GLY C 163 14.65 27.19 -28.19
C GLY C 163 14.63 28.67 -27.92
N LYS C 164 14.45 29.47 -28.95
CA LYS C 164 14.38 30.90 -28.72
C LYS C 164 12.97 31.28 -29.11
N ILE C 165 12.32 32.05 -28.24
CA ILE C 165 10.96 32.46 -28.51
C ILE C 165 10.60 33.80 -27.92
N SER C 166 9.57 34.42 -28.48
CA SER C 166 9.14 35.71 -27.95
C SER C 166 8.63 35.56 -26.51
N ARG C 167 8.64 36.69 -25.81
CA ARG C 167 8.18 36.73 -24.44
C ARG C 167 6.69 36.40 -24.44
N GLU C 168 6.05 36.61 -25.59
CA GLU C 168 4.61 36.33 -25.76
C GLU C 168 4.42 34.89 -26.15
N GLU C 169 5.17 34.48 -27.16
CA GLU C 169 5.07 33.12 -27.62
C GLU C 169 5.19 32.20 -26.42
N SER C 170 5.76 32.74 -25.34
CA SER C 170 5.96 32.01 -24.08
C SER C 170 4.69 32.00 -23.26
N GLU C 171 4.35 33.18 -22.77
CA GLU C 171 3.14 33.36 -22.01
C GLU C 171 2.20 32.31 -22.54
N GLN C 172 1.84 32.52 -23.82
CA GLN C 172 0.95 31.65 -24.56
C GLN C 172 1.24 30.18 -24.33
N ILE C 173 2.30 29.73 -24.97
CA ILE C 173 2.69 28.34 -24.85
C ILE C 173 2.56 27.79 -23.42
N VAL C 174 2.62 28.64 -22.42
CA VAL C 174 2.48 28.09 -21.08
C VAL C 174 1.09 28.20 -20.42
N LEU C 175 0.39 29.30 -20.68
CA LEU C 175 -0.96 29.49 -20.15
C LEU C 175 -1.87 28.40 -20.71
N ILE C 176 -1.50 27.92 -21.88
CA ILE C 176 -2.23 26.87 -22.57
C ILE C 176 -2.09 25.56 -21.79
N GLY C 177 -3.17 24.81 -21.70
CA GLY C 177 -3.11 23.55 -20.99
C GLY C 177 -3.36 23.75 -19.52
N SER C 178 -3.23 22.67 -18.77
CA SER C 178 -3.44 22.69 -17.34
C SER C 178 -2.65 23.80 -16.68
N LYS C 179 -3.37 24.67 -15.99
CA LYS C 179 -2.75 25.80 -15.30
C LYS C 179 -2.05 25.39 -13.99
N THR C 180 -1.55 24.15 -13.93
CA THR C 180 -0.85 23.68 -12.74
C THR C 180 0.28 24.68 -12.41
N ASN C 181 0.40 25.07 -11.14
CA ASN C 181 1.39 26.05 -10.63
C ASN C 181 2.83 25.56 -10.66
N GLY C 182 3.73 26.43 -11.08
CA GLY C 182 5.13 26.02 -11.11
C GLY C 182 5.52 25.39 -12.42
N LYS C 183 4.66 25.54 -13.41
CA LYS C 183 4.96 25.02 -14.72
C LYS C 183 6.00 26.06 -15.20
N PHE C 184 6.98 25.63 -16.00
CA PHE C 184 8.02 26.56 -16.46
C PHE C 184 8.70 26.02 -17.70
N LEU C 185 9.40 26.92 -18.35
CA LEU C 185 10.15 26.56 -19.56
C LEU C 185 11.20 27.63 -19.79
N ILE C 186 12.30 27.27 -20.47
CA ILE C 186 13.26 28.33 -20.75
C ILE C 186 13.43 28.55 -22.22
N ARG C 187 13.47 29.83 -22.53
CA ARG C 187 13.64 30.31 -23.87
C ARG C 187 14.92 31.09 -23.81
N ALA C 188 15.66 31.14 -24.91
CA ALA C 188 16.89 31.91 -24.98
C ALA C 188 16.38 33.27 -25.37
N ARG C 189 16.89 34.30 -24.72
CA ARG C 189 16.34 35.60 -25.01
C ARG C 189 16.40 35.97 -26.45
N ASP C 190 17.54 35.76 -27.09
CA ASP C 190 17.70 36.02 -28.55
C ASP C 190 19.17 35.81 -28.84
N ASN C 191 19.92 35.76 -27.74
CA ASN C 191 21.34 35.58 -27.78
C ASN C 191 21.73 34.46 -26.81
N ASN C 192 22.47 33.49 -27.33
CA ASN C 192 22.95 32.32 -26.57
C ASN C 192 23.70 32.71 -25.30
N GLY C 193 23.77 34.02 -25.07
CA GLY C 193 24.42 34.50 -23.87
C GLY C 193 23.35 34.61 -22.81
N SER C 194 22.22 35.22 -23.15
CA SER C 194 21.15 35.40 -22.19
C SER C 194 19.84 34.68 -22.45
N TYR C 195 19.33 34.04 -21.41
CA TYR C 195 18.08 33.30 -21.51
C TYR C 195 17.05 33.91 -20.58
N ALA C 196 15.93 33.22 -20.37
CA ALA C 196 14.91 33.75 -19.48
C ALA C 196 14.10 32.65 -18.84
N LEU C 197 13.65 32.89 -17.61
CA LEU C 197 12.84 31.89 -16.93
C LEU C 197 11.41 32.30 -16.83
N CYS C 198 10.57 31.48 -17.47
CA CYS C 198 9.14 31.71 -17.51
C CYS C 198 8.45 30.65 -16.66
N LEU C 199 7.74 31.16 -15.67
CA LEU C 199 7.05 30.30 -14.72
C LEU C 199 5.66 30.82 -14.30
N LEU C 200 4.75 29.85 -14.04
CA LEU C 200 3.34 30.09 -13.66
C LEU C 200 3.13 30.15 -12.16
N HIS C 201 2.50 31.24 -11.76
CA HIS C 201 2.25 31.53 -10.36
C HIS C 201 0.90 32.17 -10.20
N GLU C 202 -0.03 31.39 -9.67
CA GLU C 202 -1.38 31.89 -9.46
C GLU C 202 -1.94 32.37 -10.80
N GLY C 203 -1.83 31.48 -11.79
CA GLY C 203 -2.32 31.79 -13.09
C GLY C 203 -1.59 32.99 -13.67
N LYS C 204 -0.52 33.42 -13.04
CA LYS C 204 0.22 34.55 -13.60
C LYS C 204 1.51 34.00 -14.16
N VAL C 205 1.97 34.56 -15.28
CA VAL C 205 3.22 34.08 -15.86
C VAL C 205 4.34 34.93 -15.36
N LEU C 206 5.39 34.25 -14.92
CA LEU C 206 6.53 34.96 -14.37
C LEU C 206 7.76 34.77 -15.19
N HIS C 207 8.39 35.91 -15.46
CA HIS C 207 9.60 35.98 -16.26
C HIS C 207 10.80 36.34 -15.41
N TYR C 208 11.76 35.43 -15.36
CA TYR C 208 12.96 35.67 -14.58
C TYR C 208 14.17 35.67 -15.49
N ARG C 209 14.73 36.86 -15.71
CA ARG C 209 15.91 37.13 -16.55
C ARG C 209 17.17 36.34 -16.19
N ILE C 210 17.72 35.62 -17.16
CA ILE C 210 18.91 34.87 -16.88
C ILE C 210 19.99 35.47 -17.73
N ASP C 211 21.23 35.49 -17.26
CA ASP C 211 22.32 36.05 -18.05
C ASP C 211 23.66 35.40 -17.71
N LYS C 212 24.56 35.33 -18.70
CA LYS C 212 25.88 34.75 -18.53
C LYS C 212 26.82 35.90 -18.22
N ASP C 213 27.54 35.81 -17.10
CA ASP C 213 28.45 36.88 -16.72
C ASP C 213 29.83 36.67 -17.33
N LYS C 214 30.71 37.64 -17.09
CA LYS C 214 32.07 37.61 -17.60
C LYS C 214 32.65 36.20 -17.65
N THR C 215 32.58 35.49 -16.51
CA THR C 215 33.10 34.13 -16.40
C THR C 215 32.42 33.03 -17.22
N GLY C 216 31.32 33.38 -17.88
CA GLY C 216 30.57 32.38 -18.65
C GLY C 216 29.72 31.61 -17.65
N LYS C 217 29.34 32.34 -16.60
CA LYS C 217 28.55 31.76 -15.54
C LYS C 217 27.14 32.37 -15.53
N LEU C 218 26.17 31.47 -15.68
CA LEU C 218 24.78 31.85 -15.76
C LEU C 218 24.18 31.98 -14.36
N SER C 219 23.40 33.07 -14.18
CA SER C 219 22.70 33.37 -12.91
C SER C 219 21.69 34.51 -13.07
N ILE C 220 20.54 34.39 -12.41
CA ILE C 220 19.60 35.49 -12.52
C ILE C 220 20.23 36.58 -11.68
N PRO C 221 19.90 37.86 -11.94
CA PRO C 221 20.49 38.93 -11.13
C PRO C 221 20.36 38.61 -9.63
N GLU C 222 21.43 38.79 -8.88
CA GLU C 222 21.42 38.49 -7.46
C GLU C 222 21.16 37.05 -7.18
N GLY C 223 21.16 36.20 -8.19
CA GLY C 223 20.87 34.81 -7.88
C GLY C 223 22.02 33.84 -7.99
N LYS C 224 21.85 32.64 -7.44
CA LYS C 224 22.87 31.60 -7.46
C LYS C 224 23.54 31.53 -8.82
N LYS C 225 24.77 31.00 -8.84
CA LYS C 225 25.53 30.87 -10.08
C LYS C 225 25.72 29.38 -10.41
N PHE C 226 25.64 29.07 -11.70
CA PHE C 226 25.79 27.71 -12.21
C PHE C 226 26.46 27.74 -13.59
N ASP C 227 27.20 26.66 -13.88
CA ASP C 227 27.90 26.53 -15.15
C ASP C 227 26.91 26.26 -16.29
N THR C 228 25.84 25.57 -15.95
CA THR C 228 24.89 25.16 -16.95
C THR C 228 23.46 25.38 -16.47
N LEU C 229 22.48 25.18 -17.36
CA LEU C 229 21.10 25.34 -16.94
C LEU C 229 20.52 24.01 -16.51
N TRP C 230 21.02 22.91 -17.04
CA TRP C 230 20.51 21.59 -16.63
C TRP C 230 20.68 21.54 -15.13
N GLN C 231 21.61 22.37 -14.66
CA GLN C 231 21.99 22.50 -13.26
C GLN C 231 21.06 23.50 -12.64
N LEU C 232 21.13 24.73 -13.14
CA LEU C 232 20.30 25.78 -12.64
C LEU C 232 18.95 25.24 -12.24
N VAL C 233 18.24 24.74 -13.24
CA VAL C 233 16.91 24.19 -13.02
C VAL C 233 16.96 23.15 -11.89
N GLU C 234 17.64 22.04 -12.16
CA GLU C 234 17.70 21.02 -11.17
C GLU C 234 17.73 21.59 -9.78
N HIS C 235 18.41 22.71 -9.57
CA HIS C 235 18.42 23.23 -8.20
C HIS C 235 17.17 24.04 -7.93
N TYR C 236 16.93 25.08 -8.71
CA TYR C 236 15.75 25.89 -8.48
C TYR C 236 14.41 25.12 -8.48
N SER C 237 14.42 23.84 -8.85
CA SER C 237 13.19 23.08 -8.89
C SER C 237 13.29 22.16 -7.70
N TYR C 238 13.86 22.68 -6.62
CA TYR C 238 14.01 21.92 -5.36
C TYR C 238 14.04 22.95 -4.22
N LYS C 239 14.24 24.22 -4.56
CA LYS C 239 14.26 25.20 -3.53
C LYS C 239 14.14 26.48 -4.25
N ALA C 240 13.09 27.19 -3.94
CA ALA C 240 12.87 28.42 -4.63
C ALA C 240 14.10 29.24 -4.61
N ASP C 241 14.83 29.08 -3.52
CA ASP C 241 16.02 29.85 -3.25
C ASP C 241 15.95 31.29 -3.78
N GLY C 242 14.79 31.94 -3.67
CA GLY C 242 14.67 33.32 -4.12
C GLY C 242 13.56 33.52 -5.12
N LEU C 243 13.16 32.42 -5.72
CA LEU C 243 12.09 32.45 -6.71
C LEU C 243 10.75 32.64 -5.96
N LEU C 244 9.66 32.97 -6.65
CA LEU C 244 8.40 33.13 -5.93
C LEU C 244 7.87 31.77 -5.53
N ARG C 245 8.32 30.73 -6.24
CA ARG C 245 7.88 29.37 -5.93
C ARG C 245 8.90 28.42 -6.51
N VAL C 246 8.79 27.12 -6.30
CA VAL C 246 9.77 26.23 -6.89
C VAL C 246 9.20 25.67 -8.20
N LEU C 247 10.08 25.26 -9.11
CA LEU C 247 9.71 24.70 -10.42
C LEU C 247 9.08 23.35 -10.19
N THR C 248 8.13 23.01 -11.07
CA THR C 248 7.36 21.75 -10.99
C THR C 248 7.38 20.93 -12.26
N VAL C 249 6.51 21.34 -13.19
CA VAL C 249 6.35 20.70 -14.49
C VAL C 249 6.80 21.55 -15.65
N PRO C 250 7.70 20.98 -16.44
CA PRO C 250 8.28 21.56 -17.63
C PRO C 250 7.20 21.70 -18.69
N CYS C 251 6.86 22.95 -18.98
CA CYS C 251 5.87 23.26 -20.02
C CYS C 251 6.23 22.47 -21.26
N GLN C 252 5.21 21.89 -21.89
CA GLN C 252 5.46 21.09 -23.06
C GLN C 252 5.70 21.88 -24.33
N LYS C 253 6.71 21.46 -25.08
CA LYS C 253 7.06 22.12 -26.32
C LYS C 253 6.11 21.71 -27.47
N ILE C 254 5.72 22.69 -28.30
CA ILE C 254 4.86 22.45 -29.46
C ILE C 254 5.30 21.20 -30.25
N PRO D 1 9.49 43.63 -21.03
CA PRO D 1 8.73 44.70 -20.32
C PRO D 1 8.81 44.65 -18.79
N ASP D 2 8.96 43.47 -18.21
CA ASP D 2 9.06 43.36 -16.76
C ASP D 2 9.46 41.98 -16.23
N PTR D 3 10.70 41.89 -15.75
CA PTR D 3 11.22 40.63 -15.19
C PTR D 3 11.12 40.69 -13.69
O PTR D 3 11.27 41.74 -13.08
CB PTR D 3 12.69 40.42 -15.57
CG PTR D 3 12.85 40.20 -17.03
CD1 PTR D 3 13.06 38.93 -17.55
CD2 PTR D 3 12.72 41.24 -17.90
CE1 PTR D 3 13.11 38.72 -18.90
CE2 PTR D 3 12.76 41.06 -19.26
CZ PTR D 3 12.95 39.80 -19.77
OH PTR D 3 12.99 39.64 -21.13
P PTR D 3 11.76 39.74 -22.19
O1P PTR D 3 11.39 41.18 -22.44
O2P PTR D 3 12.23 39.16 -23.47
O3P PTR D 3 10.67 38.83 -21.65
N GLU D 4 10.85 39.53 -13.11
CA GLU D 4 10.73 39.48 -11.68
C GLU D 4 12.10 39.57 -11.03
N PRO D 5 12.20 40.39 -9.97
CA PRO D 5 13.41 40.61 -9.22
C PRO D 5 13.46 39.49 -8.21
N ILE D 6 14.67 39.13 -7.78
CA ILE D 6 14.85 38.06 -6.81
C ILE D 6 14.53 38.51 -5.39
N ARG D 7 14.08 37.56 -4.60
CA ARG D 7 13.74 37.86 -3.23
C ARG D 7 14.94 37.54 -2.36
N LYS D 8 15.99 38.34 -2.55
CA LYS D 8 17.26 38.25 -1.81
C LYS D 8 17.11 37.50 -0.50
N GLY D 9 16.34 38.08 0.42
CA GLY D 9 16.13 37.47 1.71
C GLY D 9 15.98 35.96 1.77
N GLN D 10 15.83 35.28 0.65
CA GLN D 10 15.69 33.82 0.72
C GLN D 10 16.87 33.02 0.19
N ARG D 11 18.01 33.64 -0.02
CA ARG D 11 19.08 32.86 -0.57
C ARG D 11 20.07 32.35 0.37
N ASP D 12 20.25 31.03 0.35
CA ASP D 12 21.27 30.47 1.20
C ASP D 12 22.47 30.79 0.33
N LEU D 13 23.28 31.73 0.82
CA LEU D 13 24.48 32.22 0.16
C LEU D 13 25.67 31.36 0.47
N PTR D 14 26.81 31.67 -0.18
CA PTR D 14 28.08 30.92 0.05
C PTR D 14 29.12 31.84 0.64
O PTR D 14 29.34 32.97 0.13
CB PTR D 14 28.63 30.35 -1.25
CG PTR D 14 27.82 29.19 -1.71
CD1 PTR D 14 26.74 29.38 -2.58
CD2 PTR D 14 28.03 27.93 -1.18
CE1 PTR D 14 25.87 28.35 -2.89
CE2 PTR D 14 27.15 26.88 -1.49
CZ PTR D 14 26.07 27.12 -2.35
OH PTR D 14 25.16 26.17 -2.61
P PTR D 14 25.29 24.63 -2.21
O1P PTR D 14 23.79 24.48 -2.06
O2P PTR D 14 25.86 23.74 -3.36
O3P PTR D 14 25.74 24.30 -0.80
N SER D 15 29.77 31.32 1.69
CA SER D 15 30.78 32.08 2.41
C SER D 15 32.09 32.32 1.70
N GLY D 16 32.55 33.56 1.77
CA GLY D 16 33.80 33.97 1.17
C GLY D 16 35.00 33.80 2.10
N LEU D 17 36.18 34.02 1.51
CA LEU D 17 37.45 33.90 2.24
C LEU D 17 37.74 35.31 2.64
N ASN D 18 38.73 35.44 3.54
CA ASN D 18 39.16 36.71 4.09
C ASN D 18 39.25 36.59 5.64
N SER E 1 -24.30 8.45 -27.03
CA SER E 1 -23.23 7.76 -26.26
C SER E 1 -22.02 7.49 -27.16
N ALA E 2 -21.34 8.56 -27.56
CA ALA E 2 -20.18 8.43 -28.42
C ALA E 2 -19.07 7.59 -27.76
N ASN E 3 -19.49 6.68 -26.88
CA ASN E 3 -18.61 5.76 -26.14
C ASN E 3 -17.60 5.03 -27.03
N HIS E 4 -18.07 4.61 -28.20
CA HIS E 4 -17.27 3.88 -29.17
C HIS E 4 -16.08 4.69 -29.73
N LEU E 5 -16.32 5.96 -30.05
CA LEU E 5 -15.30 6.85 -30.61
C LEU E 5 -13.98 6.83 -29.81
N PRO E 6 -12.90 6.32 -30.43
CA PRO E 6 -11.57 6.23 -29.80
C PRO E 6 -10.98 7.59 -29.47
N PHE E 7 -11.50 8.64 -30.08
CA PHE E 7 -11.01 9.97 -29.78
C PHE E 7 -12.03 10.75 -28.95
N PHE E 8 -12.74 10.02 -28.10
CA PHE E 8 -13.68 10.66 -27.19
C PHE E 8 -13.31 10.34 -25.74
N PHE E 9 -13.25 11.40 -24.93
CA PHE E 9 -12.88 11.31 -23.52
C PHE E 9 -13.95 11.87 -22.58
N GLY E 10 -14.78 10.97 -22.04
CA GLY E 10 -15.88 11.33 -21.16
C GLY E 10 -16.00 12.79 -20.75
N ASN E 11 -16.08 12.99 -19.45
CA ASN E 11 -16.18 14.34 -18.91
C ASN E 11 -14.77 14.82 -18.56
N ILE E 12 -14.13 15.52 -19.49
CA ILE E 12 -12.79 16.04 -19.27
C ILE E 12 -12.91 17.56 -19.28
N THR E 13 -11.92 18.23 -18.69
CA THR E 13 -11.92 19.69 -18.64
C THR E 13 -11.27 20.25 -19.91
N ARG E 14 -11.66 21.47 -20.26
CA ARG E 14 -11.07 22.11 -21.43
C ARG E 14 -9.57 21.91 -21.35
N GLU E 15 -9.05 22.35 -20.22
CA GLU E 15 -7.64 22.25 -19.86
C GLU E 15 -7.17 20.82 -20.10
N GLU E 16 -7.65 19.91 -19.27
CA GLU E 16 -7.27 18.52 -19.38
C GLU E 16 -7.10 18.09 -20.83
N ALA E 17 -7.89 18.71 -21.70
CA ALA E 17 -7.87 18.36 -23.11
C ALA E 17 -6.77 19.06 -23.88
N GLU E 18 -6.73 20.38 -23.74
CA GLU E 18 -5.71 21.13 -24.43
C GLU E 18 -4.38 20.41 -24.17
N ASP E 19 -4.27 19.87 -22.96
CA ASP E 19 -3.07 19.16 -22.57
C ASP E 19 -2.82 18.06 -23.59
N TYR E 20 -3.66 17.03 -23.59
CA TYR E 20 -3.52 15.91 -24.50
C TYR E 20 -3.09 16.38 -25.88
N LEU E 21 -3.69 17.46 -26.33
CA LEU E 21 -3.37 18.02 -27.65
C LEU E 21 -1.88 18.23 -28.00
N VAL E 22 -1.12 18.91 -27.15
CA VAL E 22 0.33 19.08 -27.43
C VAL E 22 0.91 17.71 -27.06
N GLN E 23 0.36 17.12 -26.01
CA GLN E 23 0.76 15.83 -25.54
C GLN E 23 0.60 14.89 -26.71
N GLY E 24 0.00 15.42 -27.78
CA GLY E 24 -0.23 14.64 -28.98
C GLY E 24 0.41 15.20 -30.24
N GLY E 25 1.11 16.32 -30.12
CA GLY E 25 1.73 16.86 -31.30
C GLY E 25 1.33 18.30 -31.52
N MET E 26 0.08 18.65 -31.22
CA MET E 26 -0.42 20.02 -31.39
C MET E 26 -0.28 20.43 -32.85
N SER E 27 -0.27 19.40 -33.68
CA SER E 27 -0.16 19.51 -35.13
C SER E 27 -1.47 20.00 -35.72
N ASP E 28 -1.42 21.14 -36.41
CA ASP E 28 -2.60 21.68 -37.03
C ASP E 28 -3.48 20.56 -37.54
N GLY E 29 -4.79 20.67 -37.23
CA GLY E 29 -5.75 19.68 -37.64
C GLY E 29 -5.90 18.54 -36.65
N LEU E 30 -5.21 18.61 -35.51
CA LEU E 30 -5.35 17.54 -34.53
C LEU E 30 -6.61 17.86 -33.77
N TYR E 31 -7.35 16.83 -33.40
CA TYR E 31 -8.58 17.04 -32.68
C TYR E 31 -8.94 15.86 -31.81
N LEU E 32 -9.97 16.09 -31.01
CA LEU E 32 -10.49 15.09 -30.11
C LEU E 32 -11.83 15.58 -29.57
N LEU E 33 -12.68 14.61 -29.28
CA LEU E 33 -14.02 14.86 -28.81
C LEU E 33 -14.18 14.64 -27.31
N ARG E 34 -14.86 15.58 -26.64
CA ARG E 34 -15.09 15.42 -25.21
C ARG E 34 -16.53 15.81 -24.88
N GLN E 35 -17.07 15.24 -23.78
CA GLN E 35 -18.44 15.49 -23.32
C GLN E 35 -18.58 16.90 -22.74
N SER E 36 -19.48 17.70 -23.30
CA SER E 36 -19.63 19.06 -22.81
C SER E 36 -19.90 19.08 -21.34
N ARG E 37 -19.69 20.25 -20.75
CA ARG E 37 -19.85 20.44 -19.33
C ARG E 37 -20.81 21.54 -18.90
N ASN E 38 -21.32 22.35 -19.82
CA ASN E 38 -22.27 23.38 -19.41
C ASN E 38 -23.55 23.28 -20.23
N TYR E 39 -23.59 22.26 -21.10
CA TYR E 39 -24.74 21.99 -21.96
C TYR E 39 -25.09 20.50 -21.87
N LEU E 40 -26.35 20.22 -21.55
CA LEU E 40 -26.85 18.86 -21.39
C LEU E 40 -26.64 17.91 -22.57
N GLY E 41 -26.10 16.73 -22.28
CA GLY E 41 -25.84 15.78 -23.34
C GLY E 41 -25.04 16.31 -24.54
N GLY E 42 -24.72 17.60 -24.55
CA GLY E 42 -23.97 18.19 -25.65
C GLY E 42 -22.58 17.64 -25.70
N PHE E 43 -21.75 18.20 -26.58
CA PHE E 43 -20.35 17.78 -26.69
C PHE E 43 -19.45 18.95 -27.04
N ALA E 44 -18.16 18.65 -27.08
CA ALA E 44 -17.18 19.65 -27.39
C ALA E 44 -16.10 19.10 -28.25
N LEU E 45 -15.78 19.91 -29.21
CA LEU E 45 -14.75 19.55 -30.11
C LEU E 45 -13.60 20.50 -29.91
N SER E 46 -12.40 19.94 -29.78
CA SER E 46 -11.20 20.75 -29.60
C SER E 46 -10.18 20.35 -30.66
N VAL E 47 -9.67 21.35 -31.38
CA VAL E 47 -8.68 21.12 -32.45
C VAL E 47 -7.51 22.08 -32.43
N ALA E 48 -6.35 21.49 -32.72
CA ALA E 48 -5.08 22.17 -32.77
C ALA E 48 -4.82 22.82 -34.14
N HIS E 49 -4.63 24.13 -34.16
CA HIS E 49 -4.29 24.83 -35.39
C HIS E 49 -3.79 26.24 -35.15
N GLY E 50 -2.59 26.53 -35.62
CA GLY E 50 -2.00 27.83 -35.41
C GLY E 50 -1.33 27.73 -34.05
N ARG E 51 -0.86 26.52 -33.79
CA ARG E 51 -0.21 26.17 -32.54
C ARG E 51 -1.14 26.42 -31.38
N LYS E 52 -2.24 27.13 -31.62
CA LYS E 52 -3.23 27.40 -30.58
C LYS E 52 -4.23 26.29 -30.56
N ALA E 53 -5.09 26.31 -29.54
CA ALA E 53 -6.15 25.32 -29.43
C ALA E 53 -7.47 26.07 -29.66
N HIS E 54 -8.38 25.38 -30.35
CA HIS E 54 -9.71 25.90 -30.69
C HIS E 54 -10.80 24.96 -30.11
N HIS E 55 -11.76 25.58 -29.39
CA HIS E 55 -12.82 24.85 -28.71
C HIS E 55 -14.23 25.04 -29.22
N TYR E 56 -14.83 23.93 -29.62
CA TYR E 56 -16.16 23.99 -30.14
C TYR E 56 -17.16 23.12 -29.41
N THR E 57 -18.32 23.73 -29.18
CA THR E 57 -19.37 23.01 -28.51
C THR E 57 -20.47 22.52 -29.43
N ILE E 58 -20.66 21.21 -29.36
CA ILE E 58 -21.65 20.49 -30.12
C ILE E 58 -22.87 20.36 -29.21
N GLU E 59 -23.86 21.24 -29.34
CA GLU E 59 -25.06 21.09 -28.52
C GLU E 59 -26.00 20.08 -29.21
N ARG E 60 -26.83 19.37 -28.44
CA ARG E 60 -27.75 18.39 -29.02
C ARG E 60 -29.10 19.04 -29.37
N GLU E 61 -29.42 18.98 -30.67
CA GLU E 61 -30.65 19.53 -31.17
C GLU E 61 -31.84 18.71 -30.69
N LEU E 62 -32.91 19.40 -30.33
CA LEU E 62 -34.12 18.77 -29.85
C LEU E 62 -34.47 17.53 -30.70
N ASN E 63 -34.21 17.59 -32.02
CA ASN E 63 -34.50 16.49 -32.93
C ASN E 63 -33.70 15.21 -32.65
N GLY E 64 -32.75 15.27 -31.73
CA GLY E 64 -31.93 14.11 -31.44
C GLY E 64 -30.72 14.09 -32.35
N THR E 65 -30.46 15.26 -32.92
CA THR E 65 -29.35 15.49 -33.84
C THR E 65 -28.41 16.53 -33.22
N TYR E 66 -27.14 16.45 -33.58
CA TYR E 66 -26.15 17.37 -33.05
C TYR E 66 -25.68 18.34 -34.09
N ALA E 67 -25.31 19.53 -33.62
CA ALA E 67 -24.84 20.54 -34.53
C ALA E 67 -24.28 21.72 -33.79
N ILE E 68 -23.09 22.18 -34.18
CA ILE E 68 -22.54 23.33 -33.51
C ILE E 68 -23.46 24.45 -33.91
N ALA E 69 -23.85 25.24 -32.92
CA ALA E 69 -24.75 26.36 -33.14
C ALA E 69 -24.33 27.17 -34.35
N GLY E 70 -25.27 27.37 -35.28
CA GLY E 70 -24.99 28.14 -36.49
C GLY E 70 -24.71 27.30 -37.73
N GLY E 71 -24.50 25.99 -37.56
CA GLY E 71 -24.22 25.15 -38.71
C GLY E 71 -25.18 24.02 -38.92
N ARG E 72 -24.86 23.18 -39.89
CA ARG E 72 -25.69 22.03 -40.24
C ARG E 72 -25.80 21.13 -39.03
N THR E 73 -26.86 20.36 -39.01
CA THR E 73 -27.11 19.44 -37.93
C THR E 73 -26.79 18.03 -38.42
N HIS E 74 -25.90 17.34 -37.72
CA HIS E 74 -25.51 15.99 -38.14
C HIS E 74 -26.14 14.91 -37.30
N ALA E 75 -26.32 13.74 -37.89
CA ALA E 75 -26.92 12.62 -37.22
C ALA E 75 -26.25 12.33 -35.90
N SER E 76 -24.96 12.03 -35.96
CA SER E 76 -24.20 11.74 -34.75
C SER E 76 -22.92 12.57 -34.71
N PRO E 77 -22.28 12.67 -33.53
CA PRO E 77 -21.04 13.46 -33.47
C PRO E 77 -19.98 12.85 -34.42
N ALA E 78 -19.98 11.52 -34.52
CA ALA E 78 -19.07 10.78 -35.40
C ALA E 78 -19.21 11.31 -36.82
N ASP E 79 -20.47 11.46 -37.25
CA ASP E 79 -20.77 11.98 -38.57
C ASP E 79 -20.05 13.32 -38.68
N LEU E 80 -20.42 14.25 -37.79
CA LEU E 80 -19.86 15.60 -37.72
C LEU E 80 -18.34 15.65 -38.00
N CYS E 81 -17.59 14.82 -37.30
CA CYS E 81 -16.15 14.76 -37.49
C CYS E 81 -15.88 14.38 -38.93
N HIS E 82 -16.33 13.17 -39.29
CA HIS E 82 -16.20 12.65 -40.65
C HIS E 82 -16.50 13.75 -41.64
N TYR E 83 -17.56 14.50 -41.34
CA TYR E 83 -17.94 15.59 -42.20
C TYR E 83 -16.93 16.72 -42.19
N HIS E 84 -16.64 17.27 -41.00
CA HIS E 84 -15.69 18.38 -40.93
C HIS E 84 -14.29 17.91 -41.17
N SER E 85 -14.17 16.62 -41.31
CA SER E 85 -12.89 16.01 -41.59
C SER E 85 -12.56 16.17 -43.08
N GLN E 86 -13.55 16.62 -43.84
CA GLN E 86 -13.40 16.84 -45.27
C GLN E 86 -13.83 18.24 -45.65
N GLU E 87 -14.69 18.82 -44.84
CA GLU E 87 -15.19 20.18 -45.10
C GLU E 87 -14.85 21.09 -43.93
N SER E 88 -14.16 22.19 -44.19
CA SER E 88 -13.84 23.11 -43.11
C SER E 88 -15.17 23.71 -42.68
N ASP E 89 -15.89 24.28 -43.65
CA ASP E 89 -17.18 24.92 -43.40
C ASP E 89 -17.20 25.58 -42.02
N GLY E 90 -16.72 26.82 -41.95
CA GLY E 90 -16.69 27.55 -40.68
C GLY E 90 -15.54 27.22 -39.74
N LEU E 91 -15.20 25.93 -39.66
CA LEU E 91 -14.11 25.43 -38.81
C LEU E 91 -12.76 26.05 -39.20
N VAL E 92 -12.00 26.56 -38.23
CA VAL E 92 -10.68 27.17 -38.53
C VAL E 92 -9.90 26.35 -39.52
N CYS E 93 -10.15 25.04 -39.48
CA CYS E 93 -9.46 24.14 -40.37
C CYS E 93 -10.14 22.81 -40.59
N LEU E 94 -9.38 21.95 -41.25
CA LEU E 94 -9.75 20.60 -41.60
C LEU E 94 -9.38 19.70 -40.46
N LEU E 95 -10.27 18.80 -40.05
CA LEU E 95 -9.90 17.92 -38.96
C LEU E 95 -9.09 16.79 -39.54
N LYS E 96 -7.80 17.03 -39.74
CA LYS E 96 -6.88 16.02 -40.29
C LYS E 96 -6.63 14.79 -39.39
N LYS E 97 -5.84 14.95 -38.32
CA LYS E 97 -5.55 13.84 -37.41
C LYS E 97 -6.43 13.77 -36.13
N PRO E 98 -7.01 12.59 -35.85
CA PRO E 98 -7.83 12.50 -34.64
C PRO E 98 -6.85 12.20 -33.53
N PHE E 99 -7.25 12.42 -32.28
CA PHE E 99 -6.37 12.12 -31.16
C PHE E 99 -6.98 10.99 -30.36
N ASN E 100 -6.47 9.79 -30.59
CA ASN E 100 -6.97 8.58 -29.94
C ASN E 100 -6.81 8.51 -28.42
N ARG E 101 -7.70 7.76 -27.79
CA ARG E 101 -7.66 7.54 -26.36
C ARG E 101 -6.39 6.71 -26.16
N PRO E 102 -5.30 7.34 -25.67
CA PRO E 102 -4.04 6.64 -25.44
C PRO E 102 -4.17 5.30 -24.72
N GLN E 103 -3.19 4.43 -24.96
CA GLN E 103 -3.20 3.10 -24.38
C GLN E 103 -3.67 3.03 -22.93
N GLY E 104 -4.72 2.23 -22.70
CA GLY E 104 -5.26 2.06 -21.36
C GLY E 104 -6.38 3.03 -20.99
N VAL E 105 -6.13 4.33 -21.20
CA VAL E 105 -7.09 5.38 -20.88
C VAL E 105 -8.56 5.13 -21.29
N GLN E 106 -9.45 5.59 -20.42
CA GLN E 106 -10.89 5.46 -20.60
C GLN E 106 -11.57 6.82 -20.51
N PRO E 107 -12.85 6.89 -20.91
CA PRO E 107 -13.60 8.14 -20.84
C PRO E 107 -14.01 8.49 -19.40
N LYS E 108 -13.75 9.72 -18.98
CA LYS E 108 -14.10 10.11 -17.62
C LYS E 108 -15.61 10.18 -17.41
N THR E 109 -16.00 10.02 -16.16
CA THR E 109 -17.39 10.06 -15.75
C THR E 109 -17.73 11.40 -15.09
N PRO E 144 -33.63 10.56 -24.47
CA PRO E 144 -33.99 11.74 -25.26
C PRO E 144 -34.41 12.99 -24.45
N GLN E 145 -35.56 12.93 -23.78
CA GLN E 145 -36.03 14.06 -22.97
C GLN E 145 -35.81 13.89 -21.47
N LEU E 146 -35.72 12.64 -21.02
CA LEU E 146 -35.49 12.32 -19.61
C LEU E 146 -34.45 13.27 -19.04
N GLU E 147 -33.32 13.31 -19.73
CA GLU E 147 -32.18 14.15 -19.38
C GLU E 147 -32.67 15.54 -18.96
N LYS E 148 -33.38 16.23 -19.85
CA LYS E 148 -33.89 17.56 -19.56
C LYS E 148 -34.72 17.66 -18.27
N LEU E 149 -35.25 16.53 -17.79
CA LEU E 149 -36.03 16.55 -16.58
C LEU E 149 -35.15 16.34 -15.36
N ILE E 150 -34.69 15.10 -15.21
CA ILE E 150 -33.84 14.74 -14.09
C ILE E 150 -32.85 15.87 -13.80
N ALA E 151 -32.26 16.47 -14.83
CA ALA E 151 -31.28 17.53 -14.61
C ALA E 151 -31.85 18.82 -14.04
N THR E 152 -32.94 19.31 -14.59
CA THR E 152 -33.54 20.54 -14.09
C THR E 152 -33.72 20.42 -12.59
N THR E 153 -33.86 19.17 -12.16
CA THR E 153 -34.08 18.85 -10.76
C THR E 153 -33.35 17.57 -10.34
N ALA E 154 -32.15 17.73 -9.81
CA ALA E 154 -31.35 16.62 -9.32
C ALA E 154 -30.67 17.15 -8.09
N HIS E 155 -30.43 18.47 -8.14
CA HIS E 155 -29.81 19.19 -7.05
C HIS E 155 -30.64 18.92 -5.80
N GLU E 156 -31.94 18.76 -6.01
CA GLU E 156 -32.85 18.50 -4.90
C GLU E 156 -32.33 17.37 -3.99
N LYS E 157 -31.46 16.51 -4.54
CA LYS E 157 -30.94 15.41 -3.76
C LYS E 157 -29.51 15.63 -3.31
N MET E 158 -28.88 16.66 -3.87
CA MET E 158 -27.49 16.95 -3.54
C MET E 158 -27.14 17.75 -2.27
N PRO E 159 -26.09 17.29 -1.53
CA PRO E 159 -25.50 17.80 -0.28
C PRO E 159 -25.37 19.31 -0.15
N TRP E 160 -24.59 19.89 -1.04
CA TRP E 160 -24.35 21.32 -1.04
C TRP E 160 -25.63 22.08 -1.34
N PHE E 161 -26.69 21.33 -1.55
CA PHE E 161 -27.96 21.96 -1.82
C PHE E 161 -28.81 21.95 -0.57
N HIS E 162 -28.99 23.12 0.03
CA HIS E 162 -29.76 23.23 1.25
C HIS E 162 -31.08 23.96 0.94
N GLY E 163 -32.06 23.22 0.42
CA GLY E 163 -33.35 23.76 0.08
C GLY E 163 -33.47 25.27 0.10
N LYS E 164 -34.57 25.74 0.68
CA LYS E 164 -34.81 27.17 0.78
C LYS E 164 -34.32 27.64 2.12
N ILE E 165 -33.49 28.68 2.13
CA ILE E 165 -32.95 29.20 3.38
C ILE E 165 -32.63 30.70 3.38
N SER E 166 -32.61 31.30 4.56
CA SER E 166 -32.30 32.72 4.70
C SER E 166 -30.85 32.98 4.41
N ARG E 167 -30.50 34.25 4.27
CA ARG E 167 -29.12 34.58 4.02
C ARG E 167 -28.25 34.32 5.25
N GLU E 168 -28.84 34.40 6.45
CA GLU E 168 -28.07 34.19 7.67
C GLU E 168 -28.05 32.74 8.04
N GLU E 169 -29.24 32.14 8.17
CA GLU E 169 -29.35 30.73 8.50
C GLU E 169 -28.16 30.01 7.85
N SER E 170 -27.81 30.49 6.66
CA SER E 170 -26.71 29.96 5.88
C SER E 170 -25.42 30.24 6.62
N GLU E 171 -25.06 31.51 6.67
CA GLU E 171 -23.84 31.93 7.34
C GLU E 171 -23.68 31.03 8.56
N GLN E 172 -24.71 30.94 9.39
CA GLN E 172 -24.62 30.10 10.58
C GLN E 172 -24.25 28.67 10.20
N ILE E 173 -25.16 27.95 9.56
CA ILE E 173 -24.91 26.55 9.18
C ILE E 173 -23.50 26.28 8.62
N VAL E 174 -22.90 27.28 8.00
CA VAL E 174 -21.60 27.07 7.43
C VAL E 174 -20.42 27.36 8.36
N LEU E 175 -20.58 28.33 9.27
CA LEU E 175 -19.50 28.69 10.21
C LEU E 175 -19.37 27.64 11.26
N ILE E 176 -20.50 27.03 11.56
CA ILE E 176 -20.52 26.01 12.58
C ILE E 176 -19.63 24.92 12.07
N GLY E 177 -19.00 24.21 12.99
CA GLY E 177 -18.12 23.12 12.60
C GLY E 177 -16.82 23.65 12.05
N SER E 178 -15.97 22.73 11.58
CA SER E 178 -14.65 23.05 11.00
C SER E 178 -14.68 24.11 9.91
N LYS E 179 -13.84 25.12 10.09
CA LYS E 179 -13.74 26.27 9.18
C LYS E 179 -12.79 26.04 7.98
N THR E 180 -12.70 24.81 7.52
CA THR E 180 -11.88 24.54 6.37
C THR E 180 -12.35 25.54 5.34
N ASN E 181 -11.44 25.90 4.45
CA ASN E 181 -11.69 26.86 3.39
C ASN E 181 -12.50 26.27 2.28
N GLY E 182 -13.15 27.16 1.52
CA GLY E 182 -13.91 26.72 0.38
C GLY E 182 -15.16 25.91 0.66
N LYS E 183 -15.51 25.84 1.95
CA LYS E 183 -16.71 25.12 2.38
C LYS E 183 -17.85 25.86 1.66
N PHE E 184 -18.92 25.18 1.31
CA PHE E 184 -19.96 25.86 0.57
C PHE E 184 -21.26 25.10 0.47
N LEU E 185 -22.23 25.81 -0.07
CA LEU E 185 -23.55 25.24 -0.31
C LEU E 185 -24.41 26.22 -1.13
N ILE E 186 -25.44 25.69 -1.79
CA ILE E 186 -26.34 26.56 -2.54
C ILE E 186 -27.69 26.37 -1.96
N ARG E 187 -28.31 27.51 -1.72
CA ARG E 187 -29.64 27.64 -1.16
C ARG E 187 -30.43 28.42 -2.19
N ALA E 188 -31.73 28.16 -2.25
CA ALA E 188 -32.60 28.83 -3.21
C ALA E 188 -33.14 30.15 -2.76
N ARG E 189 -33.16 31.12 -3.66
CA ARG E 189 -33.76 32.39 -3.32
C ARG E 189 -35.19 31.86 -3.28
N ASP E 190 -36.08 32.54 -2.57
CA ASP E 190 -37.43 32.04 -2.39
C ASP E 190 -38.34 31.66 -3.59
N ASN E 191 -37.96 32.06 -4.79
CA ASN E 191 -38.77 31.70 -5.93
C ASN E 191 -38.32 30.34 -6.46
N ASN E 192 -38.46 30.14 -7.76
CA ASN E 192 -38.07 28.89 -8.41
C ASN E 192 -37.26 29.12 -9.69
N GLY E 193 -36.62 30.28 -9.75
CA GLY E 193 -35.79 30.64 -10.87
C GLY E 193 -34.57 31.36 -10.31
N SER E 194 -34.42 31.34 -9.00
CA SER E 194 -33.30 32.02 -8.36
C SER E 194 -32.63 31.19 -7.28
N TYR E 195 -31.31 31.36 -7.17
CA TYR E 195 -30.45 30.64 -6.21
C TYR E 195 -29.34 31.56 -5.68
N ALA E 196 -28.44 31.01 -4.86
CA ALA E 196 -27.31 31.78 -4.31
C ALA E 196 -26.14 30.89 -3.81
N LEU E 197 -24.91 31.38 -3.94
CA LEU E 197 -23.73 30.64 -3.49
C LEU E 197 -23.02 31.14 -2.24
N CYS E 198 -22.82 30.24 -1.30
CA CYS E 198 -22.12 30.62 -0.10
C CYS E 198 -21.03 29.63 0.21
N LEU E 199 -19.85 30.20 0.38
CA LEU E 199 -18.66 29.44 0.66
C LEU E 199 -17.80 30.22 1.63
N LEU E 200 -16.88 29.49 2.23
CA LEU E 200 -15.99 30.07 3.23
C LEU E 200 -14.63 30.51 2.68
N HIS E 201 -14.27 31.74 3.04
CA HIS E 201 -12.98 32.31 2.64
C HIS E 201 -12.26 33.00 3.78
N GLU E 202 -11.28 32.30 4.35
CA GLU E 202 -10.49 32.85 5.46
C GLU E 202 -11.42 33.32 6.55
N GLY E 203 -12.21 32.38 7.06
CA GLY E 203 -13.16 32.72 8.10
C GLY E 203 -14.35 33.57 7.68
N LYS E 204 -14.31 34.18 6.50
CA LYS E 204 -15.41 35.02 6.10
C LYS E 204 -16.35 34.28 5.19
N VAL E 205 -17.65 34.55 5.34
CA VAL E 205 -18.65 33.89 4.50
C VAL E 205 -18.92 34.66 3.23
N LEU E 206 -19.11 33.96 2.13
CA LEU E 206 -19.32 34.67 0.89
C LEU E 206 -20.56 34.26 0.12
N HIS E 207 -21.29 35.27 -0.36
CA HIS E 207 -22.51 35.04 -1.10
C HIS E 207 -22.38 35.53 -2.52
N TYR E 208 -22.67 34.63 -3.44
CA TYR E 208 -22.60 34.89 -4.86
C TYR E 208 -23.96 34.71 -5.49
N ARG E 209 -24.45 35.77 -6.10
CA ARG E 209 -25.74 35.79 -6.76
C ARG E 209 -25.85 34.85 -7.97
N ILE E 210 -26.88 34.01 -8.03
CA ILE E 210 -27.09 33.10 -9.17
C ILE E 210 -28.46 33.34 -9.79
N ASP E 211 -28.53 33.55 -11.11
CA ASP E 211 -29.82 33.79 -11.76
C ASP E 211 -30.05 33.01 -13.05
N LYS E 212 -31.32 32.71 -13.29
CA LYS E 212 -31.79 31.99 -14.47
C LYS E 212 -32.21 33.07 -15.45
N ASP E 213 -31.32 33.37 -16.40
CA ASP E 213 -31.60 34.38 -17.39
C ASP E 213 -32.70 33.88 -18.31
N LYS E 214 -33.05 34.71 -19.29
CA LYS E 214 -34.10 34.40 -20.25
C LYS E 214 -34.14 32.95 -20.80
N THR E 215 -32.97 32.35 -21.05
CA THR E 215 -32.87 30.98 -21.61
C THR E 215 -33.17 29.82 -20.64
N GLY E 216 -33.19 30.11 -19.34
CA GLY E 216 -33.42 29.05 -18.39
C GLY E 216 -32.04 28.45 -18.11
N LYS E 217 -31.04 29.30 -18.29
CA LYS E 217 -29.68 28.89 -18.05
C LYS E 217 -29.11 29.70 -16.89
N LEU E 218 -28.68 28.95 -15.89
CA LEU E 218 -28.14 29.46 -14.64
C LEU E 218 -26.70 29.97 -14.77
N SER E 219 -26.43 31.14 -14.20
CA SER E 219 -25.08 31.72 -14.26
C SER E 219 -24.83 32.91 -13.32
N ILE E 220 -23.67 32.92 -12.68
CA ILE E 220 -23.33 34.02 -11.78
C ILE E 220 -23.27 35.24 -12.67
N PRO E 221 -23.80 36.37 -12.21
CA PRO E 221 -23.68 37.52 -13.09
C PRO E 221 -22.23 37.58 -13.58
N GLU E 222 -22.04 37.75 -14.89
CA GLU E 222 -20.70 37.84 -15.46
C GLU E 222 -19.98 36.50 -15.59
N GLY E 223 -20.63 35.40 -15.27
CA GLY E 223 -19.90 34.14 -15.36
C GLY E 223 -20.33 33.16 -16.43
N LYS E 224 -19.63 32.04 -16.52
CA LYS E 224 -19.97 30.99 -17.49
C LYS E 224 -21.43 30.57 -17.25
N LYS E 225 -22.08 30.00 -18.28
CA LYS E 225 -23.51 29.59 -18.22
C LYS E 225 -23.84 28.10 -18.32
N PHE E 226 -24.60 27.62 -17.34
CA PHE E 226 -25.00 26.23 -17.23
C PHE E 226 -26.49 26.02 -17.24
N ASP E 227 -26.87 24.79 -17.59
CA ASP E 227 -28.27 24.40 -17.64
C ASP E 227 -28.71 23.95 -16.24
N THR E 228 -27.81 23.33 -15.50
CA THR E 228 -28.15 22.88 -14.18
C THR E 228 -27.01 23.19 -13.23
N LEU E 229 -27.27 23.08 -11.94
CA LEU E 229 -26.28 23.38 -10.92
C LEU E 229 -25.32 22.25 -10.70
N TRP E 230 -25.81 21.02 -10.75
CA TRP E 230 -24.92 19.89 -10.56
C TRP E 230 -23.73 20.04 -11.49
N GLN E 231 -23.91 20.93 -12.46
CA GLN E 231 -22.92 21.27 -13.49
C GLN E 231 -22.02 22.39 -12.98
N LEU E 232 -22.65 23.54 -12.76
CA LEU E 232 -22.00 24.75 -12.26
C LEU E 232 -20.95 24.43 -11.18
N VAL E 233 -21.43 23.75 -10.17
CA VAL E 233 -20.59 23.31 -9.09
C VAL E 233 -19.40 22.60 -9.69
N GLU E 234 -19.62 21.34 -10.09
CA GLU E 234 -18.58 20.48 -10.66
C GLU E 234 -17.56 21.27 -11.42
N HIS E 235 -17.99 22.40 -11.97
CA HIS E 235 -17.07 23.26 -12.68
C HIS E 235 -16.35 24.14 -11.68
N TYR E 236 -17.09 25.02 -11.00
CA TYR E 236 -16.45 25.89 -10.02
C TYR E 236 -15.75 25.16 -8.90
N SER E 237 -16.02 23.87 -8.76
CA SER E 237 -15.35 23.09 -7.73
C SER E 237 -14.04 22.60 -8.33
N TYR E 238 -13.70 23.14 -9.49
CA TYR E 238 -12.46 22.76 -10.17
C TYR E 238 -11.61 23.99 -10.52
N LYS E 239 -12.25 25.11 -10.85
CA LYS E 239 -11.51 26.31 -11.17
C LYS E 239 -12.32 27.48 -10.66
N ALA E 240 -11.72 28.29 -9.79
CA ALA E 240 -12.44 29.40 -9.24
C ALA E 240 -13.11 30.14 -10.36
N ASP E 241 -12.48 30.14 -11.52
CA ASP E 241 -13.05 30.78 -12.70
C ASP E 241 -13.72 32.15 -12.48
N GLY E 242 -13.41 32.83 -11.39
CA GLY E 242 -14.03 34.14 -11.18
C GLY E 242 -14.33 34.35 -9.71
N LEU E 243 -14.56 33.21 -9.05
CA LEU E 243 -14.80 33.22 -7.63
C LEU E 243 -13.49 33.59 -6.93
N LEU E 244 -13.54 33.80 -5.63
CA LEU E 244 -12.36 34.14 -4.89
C LEU E 244 -11.61 32.89 -4.51
N ARG E 245 -12.19 31.74 -4.80
CA ARG E 245 -11.54 30.47 -4.48
C ARG E 245 -12.41 29.36 -5.06
N VAL E 246 -11.90 28.14 -5.05
CA VAL E 246 -12.65 27.04 -5.61
C VAL E 246 -13.49 26.41 -4.51
N LEU E 247 -14.59 25.76 -4.90
CA LEU E 247 -15.45 25.07 -3.95
C LEU E 247 -14.72 23.81 -3.47
N THR E 248 -14.93 23.49 -2.19
CA THR E 248 -14.28 22.32 -1.61
C THR E 248 -15.33 21.37 -1.11
N VAL E 249 -15.49 21.31 0.20
CA VAL E 249 -16.47 20.40 0.79
C VAL E 249 -17.78 21.12 0.92
N PRO E 250 -18.87 20.38 0.75
CA PRO E 250 -20.22 20.91 0.83
C PRO E 250 -20.69 20.91 2.26
N CYS E 251 -20.99 22.12 2.72
CA CYS E 251 -21.46 22.37 4.09
C CYS E 251 -22.50 21.29 4.38
N GLN E 252 -22.47 20.76 5.59
CA GLN E 252 -23.41 19.70 5.94
C GLN E 252 -24.77 20.31 6.17
N LYS E 253 -25.78 19.48 5.95
CA LYS E 253 -27.16 19.89 6.13
C LYS E 253 -27.78 19.35 7.42
N ILE E 254 -28.56 20.21 8.10
CA ILE E 254 -29.27 19.88 9.33
C ILE E 254 -29.84 18.46 9.21
N PRO F 1 -28.58 41.90 0.30
CA PRO F 1 -27.98 43.20 0.71
C PRO F 1 -26.53 43.35 0.24
N ASP F 2 -25.95 42.27 -0.27
CA ASP F 2 -24.56 42.31 -0.69
C ASP F 2 -24.09 41.00 -1.34
N PTR F 3 -23.94 41.00 -2.66
CA PTR F 3 -23.46 39.80 -3.34
C PTR F 3 -22.06 40.06 -3.82
O PTR F 3 -21.69 41.20 -4.09
CB PTR F 3 -24.35 39.43 -4.52
CG PTR F 3 -25.66 38.84 -4.10
CD1 PTR F 3 -25.74 37.53 -3.66
CD2 PTR F 3 -26.80 39.63 -4.03
CE1 PTR F 3 -26.92 37.03 -3.15
CE2 PTR F 3 -28.00 39.14 -3.53
CZ PTR F 3 -28.05 37.83 -3.07
OH PTR F 3 -29.22 37.36 -2.53
P PTR F 3 -29.56 37.16 -0.86
O1P PTR F 3 -29.74 38.50 -0.22
O2P PTR F 3 -30.73 36.25 -0.68
O3P PTR F 3 -28.42 36.55 -0.13
N GLU F 4 -21.29 39.00 -3.92
CA GLU F 4 -19.93 39.14 -4.38
C GLU F 4 -19.86 39.21 -5.91
N PRO F 5 -19.03 40.11 -6.45
CA PRO F 5 -18.85 40.30 -7.89
C PRO F 5 -17.71 39.38 -8.36
N ILE F 6 -17.52 39.23 -9.66
CA ILE F 6 -16.49 38.33 -10.18
C ILE F 6 -15.10 38.95 -10.61
N ARG F 7 -14.14 38.06 -10.91
CA ARG F 7 -12.77 38.42 -11.34
C ARG F 7 -12.49 38.06 -12.82
N LYS F 8 -13.06 38.86 -13.71
CA LYS F 8 -12.97 38.74 -15.16
C LYS F 8 -11.64 38.24 -15.78
N GLY F 9 -10.52 38.80 -15.32
CA GLY F 9 -9.22 38.43 -15.84
C GLY F 9 -8.95 36.95 -16.07
N GLN F 10 -9.67 36.08 -15.38
CA GLN F 10 -9.44 34.64 -15.56
C GLN F 10 -10.63 33.92 -16.23
N ARG F 11 -10.88 34.20 -17.51
CA ARG F 11 -12.00 33.55 -18.18
C ARG F 11 -11.84 32.99 -19.58
N ASP F 12 -12.07 31.68 -19.68
CA ASP F 12 -11.99 30.89 -20.91
C ASP F 12 -13.09 31.20 -21.88
N LEU F 13 -12.81 31.03 -23.16
CA LEU F 13 -13.79 31.32 -24.20
C LEU F 13 -14.03 30.17 -25.21
N PTR F 14 -15.19 30.21 -25.88
CA PTR F 14 -15.54 29.19 -26.86
C PTR F 14 -15.47 29.70 -28.29
O PTR F 14 -15.84 30.82 -28.59
CB PTR F 14 -16.92 28.62 -26.57
CG PTR F 14 -16.86 27.76 -25.34
CD1 PTR F 14 -16.76 28.33 -24.08
CD2 PTR F 14 -16.75 26.37 -25.44
CE1 PTR F 14 -16.56 27.57 -22.95
CE2 PTR F 14 -16.55 25.60 -24.33
CZ PTR F 14 -16.44 26.20 -23.09
OH PTR F 14 -16.21 25.48 -21.95
P PTR F 14 -15.45 24.12 -21.97
O1P PTR F 14 -14.55 24.03 -20.78
O2P PTR F 14 -16.43 23.04 -21.70
O3P PTR F 14 -14.60 24.02 -23.22
N SER F 15 -14.97 28.85 -29.16
CA SER F 15 -14.85 29.23 -30.54
C SER F 15 -16.21 29.05 -31.20
N GLY F 16 -16.58 29.99 -32.07
CA GLY F 16 -17.86 29.93 -32.74
C GLY F 16 -17.72 29.63 -34.20
N LEU F 17 -18.84 29.51 -34.90
CA LEU F 17 -18.83 29.20 -36.33
C LEU F 17 -18.82 30.40 -37.26
N ASN F 18 -18.56 30.14 -38.55
CA ASN F 18 -18.50 31.14 -39.63
C ASN F 18 -17.57 30.71 -40.78
N SER G 1 -12.36 -43.77 31.90
CA SER G 1 -12.19 -44.52 30.60
C SER G 1 -13.54 -44.71 29.92
N ALA G 2 -14.27 -43.59 29.73
CA ALA G 2 -15.60 -43.52 29.13
C ALA G 2 -15.76 -44.28 27.85
N ASN G 3 -14.89 -45.22 27.59
CA ASN G 3 -15.00 -45.92 26.35
C ASN G 3 -16.20 -46.79 26.22
N HIS G 4 -16.69 -47.33 27.32
CA HIS G 4 -17.88 -48.16 27.18
C HIS G 4 -19.09 -47.30 26.81
N LEU G 5 -18.93 -45.98 26.86
CA LEU G 5 -20.02 -45.07 26.49
C LEU G 5 -20.27 -44.95 24.95
N PRO G 6 -21.39 -45.49 24.47
CA PRO G 6 -21.73 -45.45 23.05
C PRO G 6 -21.98 -44.06 22.43
N PHE G 7 -22.02 -43.04 23.26
CA PHE G 7 -22.22 -41.74 22.70
C PHE G 7 -20.98 -40.93 23.05
N PHE G 8 -19.88 -41.62 23.40
CA PHE G 8 -18.59 -40.97 23.72
C PHE G 8 -17.63 -41.05 22.55
N PHE G 9 -17.18 -39.90 22.08
CA PHE G 9 -16.26 -39.86 20.95
C PHE G 9 -14.87 -39.32 21.26
N GLY G 10 -13.98 -40.15 21.79
CA GLY G 10 -12.62 -39.69 22.10
C GLY G 10 -12.24 -38.19 21.99
N ASN G 11 -11.03 -37.88 21.52
CA ASN G 11 -10.63 -36.48 21.38
C ASN G 11 -11.26 -35.93 20.09
N ILE G 12 -12.29 -35.12 20.20
CA ILE G 12 -12.94 -34.65 18.97
C ILE G 12 -12.93 -33.16 19.06
N THR G 13 -12.82 -32.47 17.95
CA THR G 13 -12.78 -31.02 18.06
C THR G 13 -14.17 -30.57 18.36
N ARG G 14 -14.28 -29.41 19.00
CA ARG G 14 -15.61 -28.91 19.26
C ARG G 14 -16.31 -28.92 17.92
N GLU G 15 -15.65 -28.50 16.86
CA GLU G 15 -16.30 -28.50 15.53
C GLU G 15 -16.86 -29.87 15.12
N GLU G 16 -15.97 -30.85 15.09
CA GLU G 16 -16.34 -32.18 14.67
C GLU G 16 -17.64 -32.60 15.35
N ALA G 17 -17.74 -32.26 16.64
CA ALA G 17 -18.92 -32.58 17.46
C ALA G 17 -20.20 -31.90 16.92
N GLU G 18 -20.21 -30.58 16.94
CA GLU G 18 -21.35 -29.85 16.45
C GLU G 18 -21.79 -30.50 15.15
N ASP G 19 -20.84 -30.94 14.33
CA ASP G 19 -21.17 -31.57 13.04
C ASP G 19 -21.99 -32.82 13.35
N TYR G 20 -21.39 -33.79 14.02
CA TYR G 20 -22.12 -34.98 14.39
C TYR G 20 -23.55 -34.65 14.87
N LEU G 21 -23.75 -33.55 15.60
CA LEU G 21 -25.09 -33.26 16.08
C LEU G 21 -26.08 -32.84 15.02
N VAL G 22 -25.68 -32.04 14.06
CA VAL G 22 -26.67 -31.71 13.05
C VAL G 22 -26.78 -32.96 12.18
N GLN G 23 -25.65 -33.59 11.96
CA GLN G 23 -25.69 -34.77 11.13
C GLN G 23 -26.47 -35.79 11.94
N GLY G 24 -26.85 -35.40 13.15
CA GLY G 24 -27.59 -36.31 14.02
C GLY G 24 -29.07 -36.00 14.13
N GLY G 25 -29.44 -34.79 13.74
CA GLY G 25 -30.82 -34.36 13.79
C GLY G 25 -30.92 -32.93 14.29
N MET G 26 -30.07 -32.55 15.25
CA MET G 26 -30.13 -31.20 15.79
C MET G 26 -31.45 -31.02 16.52
N SER G 27 -31.96 -32.13 17.02
CA SER G 27 -33.23 -32.16 17.74
C SER G 27 -33.02 -31.74 19.18
N ASP G 28 -33.82 -30.81 19.64
CA ASP G 28 -33.68 -30.38 21.01
C ASP G 28 -33.45 -31.59 21.92
N GLY G 29 -32.40 -31.55 22.74
CA GLY G 29 -32.15 -32.64 23.66
C GLY G 29 -31.16 -33.65 23.19
N LEU G 30 -30.69 -33.47 21.97
CA LEU G 30 -29.73 -34.40 21.39
C LEU G 30 -28.38 -34.12 22.04
N TYR G 31 -27.70 -35.16 22.52
CA TYR G 31 -26.45 -34.85 23.17
C TYR G 31 -25.38 -35.85 22.89
N LEU G 32 -24.13 -35.43 23.08
CA LEU G 32 -23.00 -36.32 22.88
C LEU G 32 -21.88 -35.90 23.80
N LEU G 33 -21.10 -36.91 24.20
CA LEU G 33 -19.99 -36.76 25.12
C LEU G 33 -18.61 -37.09 24.53
N ARG G 34 -17.75 -36.09 24.61
CA ARG G 34 -16.40 -36.19 24.11
C ARG G 34 -15.44 -35.85 25.25
N GLN G 35 -14.18 -36.24 25.08
CA GLN G 35 -13.11 -35.97 26.04
C GLN G 35 -12.65 -34.49 25.94
N SER G 36 -12.23 -33.87 27.06
CA SER G 36 -11.83 -32.47 26.96
C SER G 36 -10.42 -32.42 26.52
N ARG G 37 -10.06 -31.27 26.00
CA ARG G 37 -8.74 -31.11 25.50
C ARG G 37 -8.11 -29.87 26.09
N ASN G 38 -8.54 -29.48 27.27
CA ASN G 38 -7.91 -28.32 27.85
C ASN G 38 -7.94 -28.41 29.34
N TYR G 39 -8.50 -29.53 29.82
CA TYR G 39 -8.59 -29.87 31.23
C TYR G 39 -8.14 -31.31 31.34
N LEU G 40 -7.16 -31.56 32.17
CA LEU G 40 -6.69 -32.91 32.29
C LEU G 40 -7.78 -33.85 32.79
N GLY G 41 -7.81 -35.07 32.25
CA GLY G 41 -8.80 -36.05 32.66
C GLY G 41 -10.29 -35.64 32.64
N GLY G 42 -10.61 -34.48 32.06
CA GLY G 42 -12.00 -34.04 32.03
C GLY G 42 -12.76 -34.42 30.77
N PHE G 43 -13.98 -33.86 30.56
CA PHE G 43 -14.81 -34.07 29.37
C PHE G 43 -15.68 -32.90 29.05
N ALA G 44 -16.39 -33.03 27.95
CA ALA G 44 -17.28 -31.97 27.51
C ALA G 44 -18.58 -32.56 27.04
N LEU G 45 -19.64 -31.83 27.33
CA LEU G 45 -20.96 -32.23 26.97
C LEU G 45 -21.43 -31.35 25.86
N SER G 46 -21.79 -32.00 24.78
CA SER G 46 -22.31 -31.31 23.64
C SER G 46 -23.82 -31.65 23.48
N VAL G 47 -24.65 -30.61 23.63
CA VAL G 47 -26.11 -30.77 23.52
C VAL G 47 -26.73 -29.71 22.63
N ALA G 48 -27.62 -30.22 21.78
CA ALA G 48 -28.34 -29.47 20.82
C ALA G 48 -29.57 -28.86 21.42
N HIS G 49 -29.73 -27.56 21.27
CA HIS G 49 -30.97 -27.03 21.76
C HIS G 49 -31.32 -25.64 21.25
N GLY G 50 -32.37 -25.58 20.44
CA GLY G 50 -32.76 -24.30 19.92
C GLY G 50 -31.97 -24.14 18.65
N ARG G 51 -31.79 -25.27 17.97
CA ARG G 51 -31.06 -25.32 16.73
C ARG G 51 -29.61 -24.87 16.93
N LYS G 52 -29.22 -24.61 18.17
CA LYS G 52 -27.85 -24.23 18.45
C LYS G 52 -27.20 -25.35 19.24
N ALA G 53 -25.90 -25.23 19.46
CA ALA G 53 -25.27 -26.29 20.25
C ALA G 53 -24.68 -25.64 21.48
N HIS G 54 -24.56 -26.44 22.53
CA HIS G 54 -24.07 -25.95 23.79
C HIS G 54 -23.08 -26.89 24.38
N HIS G 55 -21.90 -26.35 24.66
CA HIS G 55 -20.84 -27.19 25.18
C HIS G 55 -20.59 -26.95 26.64
N TYR G 56 -20.57 -28.03 27.36
CA TYR G 56 -20.42 -27.90 28.78
C TYR G 56 -19.23 -28.73 29.13
N THR G 57 -18.39 -28.18 29.99
CA THR G 57 -17.25 -28.96 30.34
C THR G 57 -17.34 -29.48 31.75
N ILE G 58 -17.08 -30.77 31.81
CA ILE G 58 -17.15 -31.58 33.00
C ILE G 58 -15.76 -31.76 33.62
N GLU G 59 -15.43 -30.92 34.62
CA GLU G 59 -14.13 -31.01 35.29
C GLU G 59 -14.04 -32.17 36.24
N ARG G 60 -12.85 -32.76 36.36
CA ARG G 60 -12.68 -33.88 37.28
C ARG G 60 -12.24 -33.39 38.63
N GLU G 61 -13.14 -33.60 39.59
CA GLU G 61 -12.95 -33.22 40.97
C GLU G 61 -11.81 -34.07 41.54
N LEU G 62 -10.97 -33.43 42.36
CA LEU G 62 -9.80 -34.10 42.94
C LEU G 62 -10.20 -35.41 43.59
N ASN G 63 -11.40 -35.43 44.12
CA ASN G 63 -12.00 -36.58 44.74
C ASN G 63 -12.04 -37.69 43.71
N GLY G 64 -11.99 -37.30 42.44
CA GLY G 64 -12.05 -38.24 41.34
C GLY G 64 -13.50 -38.28 40.85
N THR G 65 -14.30 -37.38 41.39
CA THR G 65 -15.69 -37.33 40.99
C THR G 65 -15.68 -36.28 39.89
N TYR G 66 -16.71 -36.32 39.04
CA TYR G 66 -16.84 -35.38 37.95
C TYR G 66 -17.96 -34.36 38.20
N ALA G 67 -17.82 -33.16 37.66
CA ALA G 67 -18.84 -32.16 37.87
C ALA G 67 -18.66 -30.92 37.02
N ILE G 68 -19.72 -30.50 36.35
CA ILE G 68 -19.53 -29.29 35.58
C ILE G 68 -19.47 -28.31 36.71
N ALA G 69 -18.40 -27.55 36.78
CA ALA G 69 -18.28 -26.59 37.83
C ALA G 69 -19.56 -25.81 38.15
N GLY G 70 -19.83 -25.72 39.45
CA GLY G 70 -20.96 -24.99 39.96
C GLY G 70 -22.06 -25.90 40.42
N GLY G 71 -22.05 -27.14 39.93
CA GLY G 71 -23.11 -28.06 40.26
C GLY G 71 -22.69 -29.24 41.07
N ARG G 72 -23.64 -30.12 41.38
CA ARG G 72 -23.41 -31.33 42.16
C ARG G 72 -22.28 -32.15 41.58
N THR G 73 -21.68 -32.99 42.39
CA THR G 73 -20.62 -33.78 41.85
C THR G 73 -21.14 -35.19 41.68
N HIS G 74 -21.00 -35.75 40.48
CA HIS G 74 -21.45 -37.10 40.22
C HIS G 74 -20.32 -38.10 40.17
N ALA G 75 -20.60 -39.37 40.39
CA ALA G 75 -19.56 -40.39 40.38
C ALA G 75 -18.94 -40.73 39.03
N SER G 76 -19.72 -40.68 37.97
CA SER G 76 -19.24 -41.02 36.65
C SER G 76 -20.04 -40.23 35.65
N PRO G 77 -19.41 -39.80 34.54
CA PRO G 77 -20.08 -39.03 33.48
C PRO G 77 -21.29 -39.83 33.03
N ALA G 78 -21.20 -41.13 33.23
CA ALA G 78 -22.30 -41.99 32.89
C ALA G 78 -23.46 -41.42 33.70
N ASP G 79 -23.33 -41.56 35.01
CA ASP G 79 -24.34 -41.07 35.93
C ASP G 79 -24.71 -39.66 35.55
N LEU G 80 -23.74 -38.76 35.59
CA LEU G 80 -24.02 -37.38 35.25
C LEU G 80 -25.08 -37.29 34.17
N CYS G 81 -24.87 -38.08 33.13
CA CYS G 81 -25.77 -38.07 32.01
C CYS G 81 -27.21 -38.39 32.36
N HIS G 82 -27.38 -39.58 32.93
CA HIS G 82 -28.68 -40.05 33.40
C HIS G 82 -29.32 -38.94 34.24
N TYR G 83 -28.62 -38.52 35.30
CA TYR G 83 -29.16 -37.45 36.15
C TYR G 83 -29.60 -36.26 35.36
N HIS G 84 -28.78 -35.79 34.42
CA HIS G 84 -29.21 -34.63 33.67
C HIS G 84 -30.24 -34.97 32.61
N SER G 85 -30.48 -36.28 32.49
CA SER G 85 -31.46 -36.82 31.57
C SER G 85 -32.84 -36.75 32.20
N GLN G 86 -32.87 -36.49 33.51
CA GLN G 86 -34.11 -36.38 34.30
C GLN G 86 -34.25 -35.08 35.03
N GLU G 87 -33.15 -34.38 35.19
CA GLU G 87 -33.21 -33.14 35.90
C GLU G 87 -32.46 -32.10 35.10
N SER G 88 -33.12 -31.00 34.75
CA SER G 88 -32.45 -29.98 33.99
C SER G 88 -31.30 -29.53 34.88
N ASP G 89 -31.58 -28.98 36.04
CA ASP G 89 -30.49 -28.53 36.94
C ASP G 89 -29.41 -27.74 36.16
N GLY G 90 -29.64 -26.45 35.95
CA GLY G 90 -28.65 -25.69 35.23
C GLY G 90 -28.61 -25.80 33.71
N LEU G 91 -28.65 -27.02 33.17
CA LEU G 91 -28.59 -27.23 31.70
C LEU G 91 -29.63 -26.54 30.90
N VAL G 92 -29.34 -26.11 29.69
CA VAL G 92 -30.44 -25.45 28.93
C VAL G 92 -31.63 -26.34 28.78
N CYS G 93 -31.43 -27.64 28.91
CA CYS G 93 -32.55 -28.48 28.69
C CYS G 93 -32.33 -29.90 29.11
N LEU G 94 -33.40 -30.67 29.08
CA LEU G 94 -33.31 -32.05 29.49
C LEU G 94 -32.55 -32.87 28.43
N LEU G 95 -31.72 -33.81 28.88
CA LEU G 95 -30.99 -34.63 27.95
C LEU G 95 -31.87 -35.76 27.44
N LYS G 96 -32.66 -35.52 26.38
CA LYS G 96 -33.54 -36.57 25.81
C LYS G 96 -32.79 -37.73 25.14
N LYS G 97 -32.45 -37.50 23.87
CA LYS G 97 -31.77 -38.50 23.07
C LYS G 97 -30.26 -38.31 22.95
N PRO G 98 -29.52 -39.39 23.22
CA PRO G 98 -28.07 -39.42 23.15
C PRO G 98 -27.73 -39.58 21.68
N PHE G 99 -26.48 -39.29 21.29
CA PHE G 99 -26.13 -39.52 19.89
C PHE G 99 -25.08 -40.60 19.90
N ASN G 100 -25.51 -41.81 19.61
CA ASN G 100 -24.57 -42.89 19.67
C ASN G 100 -23.49 -42.84 18.60
N ARG G 101 -22.39 -43.50 18.91
CA ARG G 101 -21.26 -43.57 18.02
C ARG G 101 -21.62 -44.32 16.72
N PRO G 102 -21.76 -43.59 15.60
CA PRO G 102 -22.10 -44.14 14.28
C PRO G 102 -21.46 -45.48 14.02
N GLN G 103 -22.10 -46.24 13.14
CA GLN G 103 -21.62 -47.56 12.79
C GLN G 103 -20.14 -47.52 12.43
N GLY G 104 -19.37 -48.38 13.09
CA GLY G 104 -17.96 -48.42 12.79
C GLY G 104 -17.14 -47.47 13.64
N VAL G 105 -17.40 -46.16 13.49
CA VAL G 105 -16.68 -45.13 14.24
C VAL G 105 -16.29 -45.54 15.64
N GLN G 106 -15.08 -45.20 16.03
CA GLN G 106 -14.60 -45.51 17.36
C GLN G 106 -14.22 -44.21 18.03
N PRO G 107 -13.82 -44.31 19.30
CA PRO G 107 -13.39 -43.13 20.05
C PRO G 107 -11.98 -42.64 19.58
N LYS G 108 -11.87 -41.36 19.16
CA LYS G 108 -10.59 -40.80 18.69
C LYS G 108 -9.54 -40.77 19.78
N THR G 109 -8.30 -40.44 19.44
CA THR G 109 -7.30 -40.41 20.48
C THR G 109 -6.33 -39.28 20.33
N PRO G 144 -2.11 -42.43 38.34
CA PRO G 144 -3.10 -41.59 39.06
C PRO G 144 -2.78 -40.09 39.08
N GLN G 145 -1.60 -39.77 39.63
CA GLN G 145 -1.11 -38.38 39.77
C GLN G 145 -0.01 -37.99 38.77
N LEU G 146 0.80 -38.98 38.38
CA LEU G 146 1.90 -38.77 37.46
C LEU G 146 1.40 -38.03 36.23
N GLU G 147 0.29 -38.50 35.72
CA GLU G 147 -0.31 -37.91 34.54
C GLU G 147 -0.47 -36.43 34.74
N LYS G 148 -0.82 -36.02 35.94
CA LYS G 148 -0.97 -34.60 36.27
C LYS G 148 0.31 -33.81 35.95
N LEU G 149 1.45 -34.39 36.33
CA LEU G 149 2.76 -33.78 36.14
C LEU G 149 3.20 -33.75 34.70
N ILE G 150 3.62 -34.92 34.27
CA ILE G 150 4.06 -35.13 32.92
C ILE G 150 3.49 -34.04 32.02
N ALA G 151 2.18 -34.00 31.96
CA ALA G 151 1.51 -33.03 31.14
C ALA G 151 1.83 -31.58 31.45
N THR G 152 1.57 -31.14 32.67
CA THR G 152 1.82 -29.75 33.07
C THR G 152 3.12 -29.27 32.47
N THR G 153 4.08 -30.17 32.50
CA THR G 153 5.42 -29.96 32.01
C THR G 153 5.75 -30.99 30.95
N ALA G 154 5.33 -30.69 29.73
CA ALA G 154 5.55 -31.55 28.59
C ALA G 154 6.20 -30.67 27.58
N HIS G 155 5.71 -29.44 27.57
CA HIS G 155 6.21 -28.40 26.70
C HIS G 155 7.70 -28.23 26.93
N GLU G 156 8.14 -28.58 28.13
CA GLU G 156 9.54 -28.46 28.53
C GLU G 156 10.52 -28.99 27.48
N LYS G 157 10.14 -30.11 26.84
CA LYS G 157 10.96 -30.78 25.84
C LYS G 157 10.54 -30.48 24.37
N MET G 158 9.48 -29.68 24.21
CA MET G 158 8.98 -29.33 22.89
C MET G 158 9.61 -28.07 22.28
N PRO G 159 10.12 -28.19 21.05
CA PRO G 159 10.76 -27.18 20.22
C PRO G 159 10.31 -25.69 20.33
N TRP G 160 9.00 -25.42 20.30
CA TRP G 160 8.44 -24.06 20.35
C TRP G 160 8.70 -23.38 21.70
N PHE G 161 9.09 -24.23 22.65
CA PHE G 161 9.36 -23.81 24.01
C PHE G 161 10.85 -23.48 24.20
N HIS G 162 11.10 -22.18 24.36
CA HIS G 162 12.45 -21.69 24.52
C HIS G 162 12.73 -21.21 25.91
N GLY G 163 13.05 -22.13 26.82
CA GLY G 163 13.32 -21.79 28.22
C GLY G 163 13.12 -20.34 28.67
N LYS G 164 13.99 -19.87 29.55
CA LYS G 164 13.87 -18.49 30.02
C LYS G 164 14.49 -17.56 28.96
N ILE G 165 13.77 -16.54 28.50
CA ILE G 165 14.38 -15.68 27.50
C ILE G 165 13.86 -14.27 27.45
N SER G 166 14.71 -13.35 27.07
CA SER G 166 14.24 -11.97 27.03
C SER G 166 13.19 -11.77 25.95
N ARG G 167 12.45 -10.69 26.06
CA ARG G 167 11.46 -10.35 25.08
C ARG G 167 12.18 -10.06 23.72
N GLU G 168 13.42 -9.60 23.79
CA GLU G 168 14.15 -9.26 22.58
C GLU G 168 14.93 -10.47 22.09
N GLU G 169 15.55 -11.15 23.04
CA GLU G 169 16.29 -12.37 22.78
C GLU G 169 15.46 -13.18 21.80
N SER G 170 14.14 -13.02 21.96
CA SER G 170 13.10 -13.69 21.18
C SER G 170 12.89 -13.09 19.82
N GLU G 171 12.28 -11.91 19.78
CA GLU G 171 12.03 -11.26 18.51
C GLU G 171 13.15 -11.68 17.56
N GLN G 172 14.37 -11.26 17.90
CA GLN G 172 15.46 -11.61 17.03
C GLN G 172 15.44 -13.10 16.81
N ILE G 173 15.76 -13.92 17.80
CA ILE G 173 15.71 -15.35 17.55
C ILE G 173 14.56 -15.82 16.61
N VAL G 174 13.45 -15.10 16.54
CA VAL G 174 12.40 -15.53 15.64
C VAL G 174 12.45 -14.88 14.26
N LEU G 175 12.96 -13.66 14.19
CA LEU G 175 13.08 -12.98 12.89
C LEU G 175 14.26 -13.56 12.08
N ILE G 176 15.06 -14.37 12.72
CA ILE G 176 16.19 -14.96 12.08
C ILE G 176 15.68 -16.17 11.30
N GLY G 177 16.33 -16.49 10.18
CA GLY G 177 15.92 -17.63 9.37
C GLY G 177 14.56 -17.44 8.72
N SER G 178 13.93 -18.58 8.43
CA SER G 178 12.58 -18.74 7.81
C SER G 178 11.58 -17.77 8.36
N LYS G 179 11.06 -16.92 7.51
CA LYS G 179 10.13 -15.92 7.97
C LYS G 179 8.73 -16.39 7.57
N THR G 180 8.52 -17.70 7.69
CA THR G 180 7.22 -18.29 7.41
C THR G 180 6.20 -17.70 8.41
N ASN G 181 4.97 -17.42 7.98
CA ASN G 181 3.96 -16.84 8.88
C ASN G 181 3.43 -17.76 10.00
N GLY G 182 3.32 -17.21 11.20
CA GLY G 182 2.82 -18.01 12.30
C GLY G 182 3.90 -18.82 12.97
N LYS G 183 5.16 -18.54 12.61
CA LYS G 183 6.26 -19.25 13.27
C LYS G 183 6.13 -18.79 14.71
N PHE G 184 6.30 -19.71 15.65
CA PHE G 184 6.09 -19.30 17.04
C PHE G 184 6.99 -19.98 18.07
N LEU G 185 6.87 -19.49 19.29
CA LEU G 185 7.57 -20.10 20.42
C LEU G 185 6.99 -19.49 21.67
N ILE G 186 7.21 -20.16 22.77
CA ILE G 186 6.76 -19.60 24.01
C ILE G 186 7.88 -19.71 25.01
N ARG G 187 8.11 -18.56 25.64
CA ARG G 187 9.15 -18.38 26.62
C ARG G 187 8.52 -17.97 27.93
N ALA G 188 9.23 -18.29 29.00
CA ALA G 188 8.84 -17.96 30.34
C ALA G 188 9.28 -16.53 30.67
N ARG G 189 8.60 -15.96 31.67
CA ARG G 189 8.93 -14.64 32.21
C ARG G 189 9.39 -15.09 33.58
N ASP G 190 9.71 -14.20 34.49
CA ASP G 190 10.33 -14.69 35.71
C ASP G 190 9.92 -15.98 36.52
N ASN G 191 8.65 -16.32 36.65
CA ASN G 191 8.34 -17.54 37.44
C ASN G 191 8.30 -18.90 36.69
N ASN G 192 7.22 -19.64 36.99
CA ASN G 192 6.86 -20.96 36.46
C ASN G 192 5.34 -20.83 36.45
N GLY G 193 4.94 -19.57 36.45
CA GLY G 193 3.56 -19.19 36.44
C GLY G 193 3.29 -18.26 35.27
N SER G 194 4.20 -17.34 34.97
CA SER G 194 3.93 -16.44 33.85
C SER G 194 4.82 -16.75 32.64
N TYR G 195 4.22 -16.96 31.46
CA TYR G 195 4.98 -17.23 30.22
C TYR G 195 4.45 -16.29 29.15
N ALA G 196 4.99 -16.40 27.94
CA ALA G 196 4.50 -15.56 26.86
C ALA G 196 4.50 -16.26 25.50
N LEU G 197 3.66 -15.76 24.59
CA LEU G 197 3.54 -16.34 23.27
C LEU G 197 4.00 -15.38 22.24
N CYS G 198 4.97 -15.83 21.45
CA CYS G 198 5.55 -14.98 20.42
C CYS G 198 5.42 -15.67 19.11
N LEU G 199 4.90 -14.92 18.15
CA LEU G 199 4.66 -15.48 16.83
C LEU G 199 4.77 -14.47 15.68
N LEU G 200 5.00 -14.94 14.46
CA LEU G 200 5.16 -14.00 13.35
C LEU G 200 3.92 -13.74 12.51
N HIS G 201 3.66 -12.46 12.26
CA HIS G 201 2.48 -12.13 11.51
C HIS G 201 2.75 -10.97 10.58
N GLU G 202 2.89 -11.30 9.30
CA GLU G 202 3.18 -10.29 8.29
C GLU G 202 4.47 -9.53 8.68
N GLY G 203 5.53 -10.31 8.89
CA GLY G 203 6.81 -9.75 9.23
C GLY G 203 6.93 -9.24 10.66
N LYS G 204 5.83 -8.90 11.30
CA LYS G 204 5.94 -8.40 12.67
C LYS G 204 5.82 -9.51 13.69
N VAL G 205 6.47 -9.35 14.83
CA VAL G 205 6.35 -10.38 15.84
C VAL G 205 5.35 -9.94 16.87
N LEU G 206 4.47 -10.85 17.25
CA LEU G 206 3.44 -10.54 18.23
C LEU G 206 3.59 -11.38 19.48
N HIS G 207 3.53 -10.64 20.59
CA HIS G 207 3.63 -11.19 21.93
C HIS G 207 2.23 -11.23 22.58
N TYR G 208 1.90 -12.40 23.11
CA TYR G 208 0.62 -12.62 23.76
C TYR G 208 0.92 -13.10 25.20
N ARG G 209 0.43 -12.33 26.16
CA ARG G 209 0.68 -12.63 27.55
C ARG G 209 0.05 -13.92 28.01
N ILE G 210 0.80 -14.76 28.73
CA ILE G 210 0.17 -15.96 29.25
C ILE G 210 0.37 -15.90 30.76
N ASP G 211 -0.59 -16.38 31.55
CA ASP G 211 -0.50 -16.38 33.02
C ASP G 211 -1.26 -17.53 33.69
N LYS G 212 -0.86 -17.86 34.92
CA LYS G 212 -1.48 -18.94 35.70
C LYS G 212 -2.33 -18.34 36.85
N ASP G 213 -3.65 -18.30 36.63
CA ASP G 213 -4.57 -17.74 37.62
C ASP G 213 -4.66 -18.60 38.88
N LYS G 214 -5.41 -18.07 39.84
CA LYS G 214 -5.61 -18.72 41.11
C LYS G 214 -5.61 -20.26 41.04
N THR G 215 -6.40 -20.82 40.12
CA THR G 215 -6.55 -22.28 39.98
C THR G 215 -5.41 -23.06 39.39
N GLY G 216 -4.39 -22.36 38.91
CA GLY G 216 -3.28 -23.06 38.27
C GLY G 216 -3.68 -23.38 36.83
N LYS G 217 -4.56 -22.53 36.32
CA LYS G 217 -5.09 -22.65 34.98
C LYS G 217 -4.48 -21.54 34.12
N LEU G 218 -3.64 -21.93 33.18
CA LEU G 218 -2.97 -20.99 32.29
C LEU G 218 -3.93 -20.50 31.23
N SER G 219 -3.69 -19.29 30.79
CA SER G 219 -4.53 -18.75 29.76
C SER G 219 -4.25 -17.29 29.43
N ILE G 220 -4.10 -17.00 28.16
CA ILE G 220 -3.90 -15.64 27.73
C ILE G 220 -5.11 -14.88 28.27
N PRO G 221 -4.92 -13.60 28.60
CA PRO G 221 -6.01 -12.76 29.13
C PRO G 221 -7.30 -12.85 28.24
N GLU G 222 -8.45 -13.12 28.83
CA GLU G 222 -9.68 -13.25 28.06
C GLU G 222 -9.64 -14.45 27.12
N GLY G 223 -8.76 -15.41 27.34
CA GLY G 223 -8.74 -16.51 26.38
C GLY G 223 -9.02 -17.87 26.95
N LYS G 224 -9.16 -18.84 26.06
CA LYS G 224 -9.43 -20.17 26.51
C LYS G 224 -8.59 -20.54 27.74
N LYS G 225 -8.95 -21.57 28.46
CA LYS G 225 -8.20 -21.95 29.64
C LYS G 225 -7.72 -23.38 29.56
N PHE G 226 -6.46 -23.61 29.92
CA PHE G 226 -5.93 -24.96 29.86
C PHE G 226 -5.20 -25.35 31.14
N ASP G 227 -4.92 -26.63 31.25
CA ASP G 227 -4.20 -27.14 32.38
C ASP G 227 -2.69 -27.06 32.06
N THR G 228 -2.37 -27.14 30.77
CA THR G 228 -1.00 -27.19 30.33
C THR G 228 -0.79 -26.44 29.03
N LEU G 229 0.37 -26.58 28.39
CA LEU G 229 0.59 -25.87 27.15
C LEU G 229 0.60 -26.77 25.96
N TRP G 230 1.21 -27.95 26.10
CA TRP G 230 1.24 -28.84 24.94
C TRP G 230 -0.19 -28.82 24.46
N GLN G 231 -1.08 -28.52 25.40
CA GLN G 231 -2.53 -28.41 25.25
C GLN G 231 -2.81 -27.06 24.69
N LEU G 232 -2.29 -26.05 25.38
CA LEU G 232 -2.53 -24.70 24.93
C LEU G 232 -2.19 -24.60 23.47
N VAL G 233 -1.03 -25.11 23.14
CA VAL G 233 -0.58 -25.03 21.76
C VAL G 233 -1.46 -25.88 20.87
N GLU G 234 -1.37 -27.19 21.11
CA GLU G 234 -2.12 -28.14 20.33
C GLU G 234 -3.37 -27.48 19.79
N HIS G 235 -4.01 -26.72 20.65
CA HIS G 235 -5.22 -26.07 20.27
C HIS G 235 -5.02 -24.83 19.45
N TYR G 236 -4.25 -23.85 19.95
CA TYR G 236 -4.09 -22.60 19.19
C TYR G 236 -3.37 -22.90 17.88
N SER G 237 -2.88 -24.12 17.76
CA SER G 237 -2.21 -24.52 16.53
C SER G 237 -3.30 -24.99 15.58
N TYR G 238 -4.52 -25.15 16.11
CA TYR G 238 -5.65 -25.65 15.35
C TYR G 238 -6.75 -24.63 15.11
N LYS G 239 -6.85 -23.63 15.96
CA LYS G 239 -7.86 -22.63 15.69
C LYS G 239 -7.38 -21.34 16.32
N ALA G 240 -7.37 -20.26 15.53
CA ALA G 240 -6.91 -18.98 16.03
C ALA G 240 -7.58 -18.63 17.36
N ASP G 241 -8.89 -18.87 17.39
CA ASP G 241 -9.66 -18.65 18.62
C ASP G 241 -9.23 -17.36 19.31
N GLY G 242 -9.11 -16.29 18.53
CA GLY G 242 -8.70 -15.00 19.10
C GLY G 242 -7.33 -14.50 18.64
N LEU G 243 -6.34 -15.40 18.60
CA LEU G 243 -4.99 -15.01 18.14
C LEU G 243 -5.09 -14.46 16.72
N LEU G 244 -4.37 -13.38 16.43
CA LEU G 244 -4.42 -12.85 15.09
C LEU G 244 -4.23 -13.85 13.96
N ARG G 245 -3.82 -15.08 14.28
CA ARG G 245 -3.64 -16.12 13.27
C ARG G 245 -3.36 -17.37 14.00
N VAL G 246 -3.23 -18.47 13.33
CA VAL G 246 -3.01 -19.66 14.13
C VAL G 246 -1.52 -20.00 14.18
N LEU G 247 -1.12 -20.80 15.17
CA LEU G 247 0.25 -21.27 15.32
C LEU G 247 0.62 -22.16 14.14
N THR G 248 1.90 -22.16 13.75
CA THR G 248 2.36 -22.98 12.61
C THR G 248 3.57 -23.82 12.99
N VAL G 249 4.75 -23.34 12.57
CA VAL G 249 6.01 -24.03 12.84
C VAL G 249 6.80 -23.43 13.98
N PRO G 250 7.27 -24.31 14.83
CA PRO G 250 8.04 -24.03 16.02
C PRO G 250 9.36 -23.41 15.67
N CYS G 251 9.50 -22.16 16.07
CA CYS G 251 10.73 -21.41 15.86
C CYS G 251 11.84 -22.24 16.46
N GLN G 252 12.95 -22.32 15.76
CA GLN G 252 14.05 -23.12 16.23
C GLN G 252 14.75 -22.57 17.45
N LYS G 253 15.16 -23.47 18.34
CA LYS G 253 15.90 -23.09 19.54
C LYS G 253 17.43 -23.38 19.35
N ILE G 254 18.26 -22.52 19.96
CA ILE G 254 19.70 -22.66 19.92
C ILE G 254 20.12 -24.09 20.20
N PRO H 1 6.38 -4.25 27.33
CA PRO H 1 5.92 -2.86 27.05
C PRO H 1 4.61 -2.79 26.25
N ASP H 2 4.26 -3.90 25.60
CA ASP H 2 3.05 -3.97 24.80
C ASP H 2 2.76 -5.38 24.35
N PTR H 3 1.65 -5.92 24.82
CA PTR H 3 1.23 -7.26 24.44
C PTR H 3 -0.03 -7.22 23.61
O PTR H 3 -0.84 -6.30 23.73
CB PTR H 3 0.96 -8.09 25.64
CG PTR H 3 2.20 -8.36 26.37
CD1 PTR H 3 2.70 -9.64 26.43
CD2 PTR H 3 2.88 -7.35 27.01
CE1 PTR H 3 3.85 -9.92 27.12
CE2 PTR H 3 4.03 -7.60 27.72
CZ PTR H 3 4.51 -8.91 27.76
OH PTR H 3 5.67 -9.22 28.45
P PTR H 3 7.10 -9.06 27.72
O1P PTR H 3 7.25 -7.56 27.86
O2P PTR H 3 8.05 -9.87 28.59
O3P PTR H 3 7.06 -9.49 26.24
N GLU H 4 -0.20 -8.24 22.77
CA GLU H 4 -1.37 -8.31 21.91
C GLU H 4 -2.63 -8.70 22.65
N PRO H 5 -3.70 -7.92 22.44
CA PRO H 5 -4.98 -8.20 23.09
C PRO H 5 -5.61 -9.27 22.26
N ILE H 6 -6.54 -10.01 22.85
CA ILE H 6 -7.21 -11.04 22.08
C ILE H 6 -8.40 -10.36 21.47
N ARG H 7 -8.81 -10.83 20.29
CA ARG H 7 -9.97 -10.26 19.61
C ARG H 7 -11.21 -11.06 20.07
N LYS H 8 -11.79 -10.62 21.19
CA LYS H 8 -12.96 -11.24 21.80
C LYS H 8 -13.93 -11.78 20.78
N GLY H 9 -14.31 -10.93 19.83
CA GLY H 9 -15.26 -11.33 18.81
C GLY H 9 -15.06 -12.70 18.21
N GLN H 10 -13.87 -13.28 18.39
CA GLN H 10 -13.57 -14.56 17.81
C GLN H 10 -13.39 -15.76 18.73
N ARG H 11 -14.03 -15.83 19.88
CA ARG H 11 -13.75 -16.99 20.72
C ARG H 11 -14.89 -17.92 20.87
N ASP H 12 -14.62 -19.21 20.67
CA ASP H 12 -15.68 -20.20 20.85
C ASP H 12 -15.81 -20.36 22.36
N LEU H 13 -16.78 -19.64 22.94
CA LEU H 13 -17.03 -19.66 24.38
C LEU H 13 -17.54 -20.99 24.85
N PTR H 14 -17.76 -21.13 26.15
CA PTR H 14 -18.28 -22.40 26.66
C PTR H 14 -19.57 -22.12 27.42
O PTR H 14 -19.66 -21.07 28.04
CB PTR H 14 -17.27 -23.05 27.56
CG PTR H 14 -16.39 -24.02 26.82
CD1 PTR H 14 -15.31 -23.60 26.05
CD2 PTR H 14 -16.65 -25.39 26.90
CE1 PTR H 14 -14.49 -24.53 25.39
CE2 PTR H 14 -15.84 -26.31 26.26
CZ PTR H 14 -14.78 -25.89 25.52
OH PTR H 14 -14.01 -26.87 24.93
P PTR H 14 -13.97 -27.11 23.42
O1P PTR H 14 -13.46 -25.86 22.86
O2P PTR H 14 -13.09 -28.34 23.49
O3P PTR H 14 -15.28 -27.23 22.70
N SER H 15 -20.57 -22.99 27.35
CA SER H 15 -21.85 -22.72 28.05
C SER H 15 -21.71 -22.92 29.55
N GLY H 16 -22.47 -22.21 30.35
CA GLY H 16 -22.35 -22.39 31.78
C GLY H 16 -23.65 -22.72 32.48
N LEU H 17 -23.54 -23.26 33.68
CA LEU H 17 -24.71 -23.62 34.45
C LEU H 17 -25.63 -22.48 34.85
N ASN H 18 -26.79 -22.92 35.38
CA ASN H 18 -27.94 -22.17 35.85
C ASN H 18 -29.10 -22.47 34.83
N SER I 1 35.73 -25.99 -6.13
CA SER I 1 34.63 -26.90 -5.65
C SER I 1 34.82 -27.24 -4.17
N ALA I 2 34.42 -26.30 -3.33
CA ALA I 2 34.52 -26.35 -1.88
C ALA I 2 33.86 -27.52 -1.16
N ASN I 3 33.50 -28.51 -1.90
CA ASN I 3 32.78 -29.59 -1.27
C ASN I 3 33.50 -30.38 -0.17
N HIS I 4 34.82 -30.28 -0.10
CA HIS I 4 35.52 -31.02 0.95
C HIS I 4 35.36 -30.30 2.29
N LEU I 5 35.24 -28.97 2.25
CA LEU I 5 35.08 -28.19 3.47
C LEU I 5 33.80 -28.55 4.22
N PRO I 6 33.93 -29.22 5.36
CA PRO I 6 32.83 -29.68 6.21
C PRO I 6 31.88 -28.62 6.69
N PHE I 7 32.24 -27.34 6.50
CA PHE I 7 31.34 -26.27 6.92
C PHE I 7 30.75 -25.62 5.69
N PHE I 8 30.73 -26.40 4.61
CA PHE I 8 30.20 -25.88 3.37
C PHE I 8 28.90 -26.54 3.04
N PHE I 9 27.89 -25.71 2.85
CA PHE I 9 26.56 -26.19 2.50
C PHE I 9 26.18 -25.73 1.10
N GLY I 10 26.31 -26.59 0.11
CA GLY I 10 25.97 -26.21 -1.25
C GLY I 10 25.16 -24.93 -1.48
N ASN I 11 24.05 -25.06 -2.21
CA ASN I 11 23.22 -23.89 -2.43
C ASN I 11 22.16 -23.82 -1.33
N ILE I 12 22.43 -22.98 -0.34
CA ILE I 12 21.53 -22.83 0.77
C ILE I 12 21.06 -21.39 0.80
N THR I 13 19.93 -21.17 1.45
CA THR I 13 19.36 -19.86 1.46
C THR I 13 20.01 -19.04 2.51
N ARG I 14 19.99 -17.74 2.35
CA ARG I 14 20.59 -16.98 3.42
C ARG I 14 19.88 -17.41 4.69
N GLU I 15 18.54 -17.36 4.72
CA GLU I 15 17.80 -17.77 5.92
C GLU I 15 18.18 -19.18 6.32
N GLU I 16 17.87 -20.16 5.49
CA GLU I 16 18.27 -21.55 5.74
C GLU I 16 19.60 -21.66 6.57
N ALA I 17 20.50 -20.70 6.33
CA ALA I 17 21.79 -20.67 7.00
C ALA I 17 21.64 -20.05 8.35
N GLU I 18 21.03 -18.88 8.34
CA GLU I 18 20.78 -18.20 9.58
C GLU I 18 20.24 -19.28 10.58
N ASP I 19 19.40 -20.21 10.11
CA ASP I 19 18.85 -21.19 11.04
C ASP I 19 20.00 -22.04 11.51
N TYR I 20 20.68 -22.67 10.59
CA TYR I 20 21.79 -23.50 10.95
C TYR I 20 22.69 -22.90 12.06
N LEU I 21 22.94 -21.59 11.98
CA LEU I 21 23.79 -21.02 12.99
C LEU I 21 23.17 -21.01 14.36
N VAL I 22 21.86 -20.75 14.45
CA VAL I 22 21.18 -20.77 15.76
C VAL I 22 21.21 -22.23 16.14
N GLN I 23 20.83 -23.07 15.20
CA GLN I 23 20.84 -24.48 15.46
C GLN I 23 22.25 -24.77 15.87
N GLY I 24 23.10 -23.82 15.54
CA GLY I 24 24.50 -23.98 15.86
C GLY I 24 24.86 -23.46 17.22
N GLY I 25 24.20 -22.40 17.63
CA GLY I 25 24.51 -21.85 18.93
C GLY I 25 24.60 -20.35 18.85
N MET I 26 24.56 -19.78 17.66
CA MET I 26 24.72 -18.33 17.54
C MET I 26 25.82 -17.75 18.40
N SER I 27 26.73 -18.65 18.79
CA SER I 27 27.90 -18.35 19.61
C SER I 27 28.83 -17.47 18.82
N ASP I 28 29.22 -16.32 19.35
CA ASP I 28 30.12 -15.43 18.61
C ASP I 28 31.26 -16.16 17.93
N GLY I 29 31.57 -15.76 16.67
CA GLY I 29 32.63 -16.40 15.90
C GLY I 29 32.27 -17.70 15.17
N LEU I 30 30.98 -18.01 15.14
CA LEU I 30 30.53 -19.22 14.47
C LEU I 30 30.31 -18.90 13.03
N TYR I 31 30.78 -19.76 12.15
CA TYR I 31 30.60 -19.42 10.77
C TYR I 31 30.37 -20.65 9.98
N LEU I 32 29.90 -20.43 8.77
CA LEU I 32 29.69 -21.55 7.87
C LEU I 32 29.80 -20.93 6.49
N LEU I 33 30.18 -21.77 5.56
CA LEU I 33 30.45 -21.31 4.21
C LEU I 33 29.44 -21.90 3.32
N ARG I 34 28.85 -21.01 2.52
CA ARG I 34 27.85 -21.42 1.55
C ARG I 34 28.13 -20.76 0.22
N GLN I 35 27.72 -21.44 -0.84
CA GLN I 35 27.90 -20.96 -2.18
C GLN I 35 27.02 -19.76 -2.48
N SER I 36 27.56 -18.75 -3.16
CA SER I 36 26.76 -17.58 -3.46
C SER I 36 25.71 -17.91 -4.47
N ARG I 37 24.68 -17.05 -4.51
CA ARG I 37 23.56 -17.26 -5.40
C ARG I 37 23.31 -16.12 -6.32
N ASN I 38 24.18 -15.12 -6.35
CA ASN I 38 23.91 -14.01 -7.26
C ASN I 38 25.19 -13.48 -7.85
N TYR I 39 26.28 -14.22 -7.57
CA TYR I 39 27.66 -13.94 -8.02
C TYR I 39 28.23 -15.26 -8.50
N LEU I 40 28.58 -15.29 -9.77
CA LEU I 40 29.10 -16.49 -10.35
C LEU I 40 30.25 -17.07 -9.55
N GLY I 41 30.25 -18.39 -9.44
CA GLY I 41 31.33 -19.08 -8.75
C GLY I 41 31.92 -18.53 -7.46
N GLY I 42 31.37 -17.45 -6.93
CA GLY I 42 31.89 -16.95 -5.67
C GLY I 42 31.23 -17.69 -4.47
N PHE I 43 31.39 -17.19 -3.23
CA PHE I 43 30.73 -17.81 -2.09
C PHE I 43 30.22 -16.80 -1.12
N ALA I 44 29.69 -17.33 -0.02
CA ALA I 44 29.16 -16.51 1.03
C ALA I 44 29.58 -17.13 2.31
N LEU I 45 29.96 -16.22 3.19
CA LEU I 45 30.47 -16.59 4.48
C LEU I 45 29.49 -16.01 5.46
N SER I 46 28.96 -16.89 6.32
CA SER I 46 27.99 -16.51 7.32
C SER I 46 28.53 -16.76 8.71
N VAL I 47 28.45 -15.72 9.52
CA VAL I 47 29.00 -15.78 10.86
C VAL I 47 28.22 -15.12 11.96
N ALA I 48 28.28 -15.76 13.11
CA ALA I 48 27.56 -15.36 14.28
C ALA I 48 28.21 -14.35 15.20
N HIS I 49 27.77 -13.11 15.16
CA HIS I 49 28.37 -12.20 16.10
C HIS I 49 27.40 -11.37 16.91
N GLY I 50 27.25 -11.76 18.17
CA GLY I 50 26.37 -11.03 19.04
C GLY I 50 24.94 -11.36 18.70
N ARG I 51 24.61 -12.65 18.83
CA ARG I 51 23.28 -13.11 18.54
C ARG I 51 22.73 -12.56 17.22
N LYS I 52 23.55 -11.85 16.46
CA LYS I 52 23.11 -11.35 15.16
C LYS I 52 23.91 -12.13 14.13
N ALA I 53 23.51 -12.06 12.87
CA ALA I 53 24.21 -12.79 11.81
C ALA I 53 24.71 -11.80 10.81
N HIS I 54 25.89 -12.10 10.29
CA HIS I 54 26.52 -11.24 9.32
C HIS I 54 26.94 -12.10 8.12
N HIS I 55 26.50 -11.64 6.94
CA HIS I 55 26.72 -12.31 5.66
C HIS I 55 27.71 -11.61 4.72
N TYR I 56 28.73 -12.37 4.33
CA TYR I 56 29.75 -11.84 3.48
C TYR I 56 29.87 -12.56 2.19
N THR I 57 30.02 -11.78 1.12
CA THR I 57 30.16 -12.33 -0.22
C THR I 57 31.57 -12.36 -0.76
N ILE I 58 32.08 -13.58 -0.82
CA ILE I 58 33.40 -13.87 -1.30
C ILE I 58 33.30 -13.94 -2.80
N GLU I 59 33.64 -12.86 -3.53
CA GLU I 59 33.56 -12.93 -5.01
C GLU I 59 34.78 -13.60 -5.59
N ARG I 60 34.64 -14.13 -6.80
CA ARG I 60 35.74 -14.83 -7.48
C ARG I 60 36.53 -13.88 -8.36
N GLU I 61 37.82 -13.73 -8.01
CA GLU I 61 38.76 -12.87 -8.72
C GLU I 61 39.26 -13.54 -9.98
N LEU I 62 39.05 -12.86 -11.11
CA LEU I 62 39.47 -13.32 -12.44
C LEU I 62 40.75 -14.17 -12.41
N ASN I 63 41.66 -13.79 -11.51
CA ASN I 63 42.95 -14.45 -11.30
C ASN I 63 42.80 -15.88 -10.79
N GLY I 64 41.56 -16.30 -10.57
CA GLY I 64 41.28 -17.64 -10.08
C GLY I 64 41.30 -17.60 -8.56
N THR I 65 41.59 -16.40 -8.07
CA THR I 65 41.69 -16.13 -6.65
C THR I 65 40.34 -15.58 -6.14
N TYR I 66 40.03 -15.81 -4.86
CA TYR I 66 38.78 -15.31 -4.30
C TYR I 66 39.06 -14.23 -3.28
N ALA I 67 38.14 -13.28 -3.17
CA ALA I 67 38.31 -12.22 -2.20
C ALA I 67 37.05 -11.39 -1.95
N ILE I 68 36.67 -11.23 -0.68
CA ILE I 68 35.52 -10.39 -0.45
C ILE I 68 36.03 -9.04 -0.89
N ALA I 69 35.36 -8.39 -1.83
CA ALA I 69 35.83 -7.09 -2.26
C ALA I 69 36.31 -6.24 -1.09
N GLY I 70 37.40 -5.50 -1.34
CA GLY I 70 37.97 -4.65 -0.33
C GLY I 70 39.21 -5.22 0.33
N GLY I 71 39.28 -6.55 0.45
CA GLY I 71 40.42 -7.17 1.09
C GLY I 71 41.38 -8.03 0.27
N ARG I 72 42.35 -8.63 0.95
CA ARG I 72 43.35 -9.49 0.31
C ARG I 72 42.70 -10.59 -0.51
N THR I 73 43.39 -11.06 -1.53
CA THR I 73 42.85 -12.14 -2.35
C THR I 73 43.54 -13.43 -1.97
N HIS I 74 42.78 -14.48 -1.71
CA HIS I 74 43.37 -15.75 -1.31
C HIS I 74 43.24 -16.82 -2.32
N ALA I 75 44.11 -17.82 -2.12
CA ALA I 75 44.19 -18.99 -2.95
C ALA I 75 42.78 -19.53 -3.02
N SER I 76 42.40 -20.22 -1.97
CA SER I 76 41.09 -20.82 -1.86
C SER I 76 40.32 -20.28 -0.67
N PRO I 77 39.00 -20.50 -0.67
CA PRO I 77 38.12 -20.05 0.42
C PRO I 77 38.59 -20.63 1.78
N ALA I 78 39.04 -21.88 1.74
CA ALA I 78 39.48 -22.53 2.97
C ALA I 78 40.59 -21.71 3.55
N ASP I 79 41.45 -21.20 2.69
CA ASP I 79 42.58 -20.40 3.14
C ASP I 79 41.97 -19.16 3.72
N LEU I 80 41.19 -18.48 2.91
CA LEU I 80 40.53 -17.27 3.39
C LEU I 80 39.91 -17.50 4.78
N CYS I 81 39.35 -18.66 5.00
CA CYS I 81 38.76 -18.94 6.30
C CYS I 81 39.90 -19.08 7.28
N HIS I 82 40.80 -20.00 7.00
CA HIS I 82 41.96 -20.23 7.85
C HIS I 82 42.51 -18.86 8.17
N TYR I 83 42.70 -18.07 7.14
CA TYR I 83 43.24 -16.77 7.39
C TYR I 83 42.43 -15.97 8.38
N HIS I 84 41.17 -15.66 8.06
CA HIS I 84 40.34 -14.85 8.96
C HIS I 84 40.14 -15.49 10.29
N SER I 85 40.63 -16.72 10.41
CA SER I 85 40.51 -17.43 11.65
C SER I 85 41.47 -16.83 12.70
N GLN I 86 42.49 -16.09 12.25
CA GLN I 86 43.48 -15.44 13.15
C GLN I 86 43.65 -13.95 12.96
N GLU I 87 42.96 -13.38 11.97
CA GLU I 87 43.02 -11.94 11.72
C GLU I 87 41.70 -11.30 11.32
N SER I 88 41.14 -10.48 12.20
CA SER I 88 39.87 -9.80 11.93
C SER I 88 39.94 -9.26 10.52
N ASP I 89 40.71 -8.18 10.36
CA ASP I 89 40.91 -7.55 9.07
C ASP I 89 39.62 -7.08 8.44
N GLY I 90 38.93 -6.15 9.09
CA GLY I 90 37.67 -5.65 8.54
C GLY I 90 36.44 -6.46 8.96
N LEU I 91 36.66 -7.75 9.29
CA LEU I 91 35.60 -8.66 9.71
C LEU I 91 35.10 -8.43 11.12
N VAL I 92 33.78 -8.37 11.28
CA VAL I 92 33.16 -8.16 12.59
C VAL I 92 33.89 -8.89 13.70
N CYS I 93 34.47 -10.01 13.35
CA CYS I 93 35.17 -10.72 14.38
C CYS I 93 36.00 -11.86 13.83
N LEU I 94 36.74 -12.45 14.72
CA LEU I 94 37.53 -13.56 14.32
C LEU I 94 36.58 -14.74 14.07
N LEU I 95 37.01 -15.75 13.32
CA LEU I 95 36.18 -16.90 13.15
C LEU I 95 36.70 -17.93 14.10
N LYS I 96 36.03 -18.14 15.22
CA LYS I 96 36.51 -19.17 16.14
C LYS I 96 36.17 -20.58 15.65
N LYS I 97 34.89 -20.90 15.72
CA LYS I 97 34.45 -22.23 15.34
C LYS I 97 33.69 -22.25 14.07
N PRO I 98 33.89 -23.33 13.35
CA PRO I 98 33.19 -23.48 12.08
C PRO I 98 31.98 -24.37 12.42
N PHE I 99 30.83 -24.18 11.75
CA PHE I 99 29.70 -25.05 11.99
C PHE I 99 29.72 -26.14 10.92
N ASN I 100 30.00 -27.36 11.33
CA ASN I 100 30.12 -28.45 10.39
C ASN I 100 28.82 -29.05 9.92
N ARG I 101 28.83 -29.56 8.71
CA ARG I 101 27.63 -30.15 8.15
C ARG I 101 27.16 -31.25 9.10
N PRO I 102 25.97 -31.08 9.72
CA PRO I 102 25.42 -32.07 10.65
C PRO I 102 25.36 -33.44 10.02
N GLN I 103 25.44 -34.42 10.90
CA GLN I 103 25.41 -35.83 10.53
C GLN I 103 24.47 -36.03 9.36
N GLY I 104 24.95 -36.70 8.33
CA GLY I 104 24.12 -36.97 7.18
C GLY I 104 23.94 -35.86 6.14
N VAL I 105 23.62 -34.63 6.55
CA VAL I 105 23.41 -33.55 5.59
C VAL I 105 24.53 -33.42 4.58
N GLN I 106 24.16 -33.10 3.35
CA GLN I 106 25.10 -32.94 2.25
C GLN I 106 24.91 -31.54 1.69
N PRO I 107 25.81 -31.09 0.81
CA PRO I 107 25.69 -29.74 0.21
C PRO I 107 24.52 -29.57 -0.79
N LYS I 108 23.79 -28.47 -0.68
CA LYS I 108 22.67 -28.25 -1.58
C LYS I 108 23.12 -27.98 -2.99
N THR I 109 22.43 -28.55 -3.96
CA THR I 109 22.76 -28.34 -5.34
C THR I 109 21.69 -27.53 -5.94
N GLY I 110 22.07 -26.48 -6.64
CA GLY I 110 21.04 -25.67 -7.26
C GLY I 110 20.21 -26.56 -8.18
N PRO I 111 19.22 -25.98 -8.87
CA PRO I 111 18.39 -26.76 -9.77
C PRO I 111 18.97 -26.80 -11.18
N PHE I 112 20.23 -26.40 -11.32
CA PHE I 112 20.84 -26.33 -12.64
C PHE I 112 22.32 -26.64 -12.59
N GLU I 113 22.87 -26.57 -11.40
CA GLU I 113 24.26 -26.93 -11.25
C GLU I 113 24.22 -28.32 -11.89
N ASP I 114 23.04 -28.94 -11.78
CA ASP I 114 22.80 -30.27 -12.32
C ASP I 114 22.55 -30.20 -13.81
N LEU I 115 21.72 -29.24 -14.19
CA LEU I 115 21.41 -29.04 -15.60
C LEU I 115 22.67 -28.74 -16.37
N LYS I 116 23.31 -27.64 -15.99
CA LYS I 116 24.53 -27.17 -16.64
C LYS I 116 25.52 -28.30 -16.98
N GLU I 117 26.06 -28.94 -15.96
CA GLU I 117 27.02 -30.01 -16.13
C GLU I 117 26.73 -30.87 -17.39
N ASN I 118 25.47 -30.96 -17.78
CA ASN I 118 25.14 -31.73 -18.97
C ASN I 118 24.94 -30.75 -20.13
N LEU I 119 24.15 -29.72 -19.86
CA LEU I 119 23.84 -28.69 -20.84
C LEU I 119 25.01 -28.49 -21.79
N ILE I 120 26.17 -28.30 -21.21
CA ILE I 120 27.33 -28.10 -22.05
C ILE I 120 27.80 -29.39 -22.71
N ARG I 121 27.91 -30.48 -21.93
CA ARG I 121 28.35 -31.76 -22.46
C ARG I 121 27.61 -31.89 -23.76
N GLU I 122 26.41 -31.32 -23.78
CA GLU I 122 25.60 -31.34 -24.98
C GLU I 122 26.22 -30.35 -25.95
N TYR I 123 26.07 -29.06 -25.66
CA TYR I 123 26.62 -28.03 -26.52
C TYR I 123 27.80 -28.60 -27.29
N VAL I 124 28.70 -29.20 -26.53
CA VAL I 124 29.90 -29.78 -27.06
C VAL I 124 29.66 -30.88 -28.14
N LYS I 125 29.12 -32.02 -27.76
CA LYS I 125 28.86 -33.08 -28.74
C LYS I 125 28.26 -32.47 -30.00
N GLN I 126 27.43 -31.45 -29.81
CA GLN I 126 26.77 -30.77 -30.93
C GLN I 126 27.70 -29.94 -31.82
N THR I 127 28.14 -28.80 -31.30
CA THR I 127 29.00 -27.90 -32.05
C THR I 127 30.30 -28.58 -32.47
N TRP I 128 30.85 -29.39 -31.57
CA TRP I 128 32.12 -30.07 -31.82
C TRP I 128 31.95 -31.46 -32.45
N ASN I 129 30.71 -31.84 -32.73
CA ASN I 129 30.33 -33.12 -33.36
C ASN I 129 31.18 -34.32 -33.06
N LEU I 130 31.72 -34.38 -31.85
CA LEU I 130 32.57 -35.51 -31.46
C LEU I 130 31.84 -36.32 -30.37
N GLN I 131 32.38 -37.46 -30.02
CA GLN I 131 31.70 -38.27 -29.02
C GLN I 131 32.65 -39.28 -28.41
N GLY I 132 32.09 -40.45 -28.09
CA GLY I 132 32.83 -41.59 -27.53
C GLY I 132 33.70 -41.39 -26.30
N GLN I 133 34.91 -40.90 -26.56
CA GLN I 133 35.91 -40.61 -25.55
C GLN I 133 36.41 -39.20 -25.88
N ALA I 134 36.21 -38.79 -27.12
CA ALA I 134 36.62 -37.48 -27.59
C ALA I 134 35.92 -36.47 -26.71
N LEU I 135 34.62 -36.69 -26.51
CA LEU I 135 33.77 -35.83 -25.69
C LEU I 135 34.29 -35.64 -24.30
N GLU I 136 34.55 -36.75 -23.62
CA GLU I 136 35.08 -36.74 -22.26
C GLU I 136 36.19 -35.73 -22.04
N GLN I 137 37.13 -35.72 -22.99
CA GLN I 137 38.28 -34.83 -22.94
C GLN I 137 37.85 -33.36 -23.04
N ALA I 138 37.50 -32.96 -24.25
CA ALA I 138 37.08 -31.59 -24.56
C ALA I 138 36.55 -30.80 -23.39
N ILE I 139 35.66 -31.45 -22.64
CA ILE I 139 35.01 -30.85 -21.49
C ILE I 139 35.92 -30.64 -20.29
N ILE I 140 36.55 -31.70 -19.81
CA ILE I 140 37.44 -31.56 -18.65
C ILE I 140 38.52 -30.54 -19.03
N SER I 141 38.94 -30.62 -20.30
CA SER I 141 39.96 -29.74 -20.84
C SER I 141 39.48 -28.30 -20.95
N GLN I 142 38.37 -28.14 -21.67
CA GLN I 142 37.78 -26.83 -21.88
C GLN I 142 36.98 -26.31 -20.68
N LYS I 143 36.20 -27.20 -20.04
CA LYS I 143 35.37 -26.84 -18.90
C LYS I 143 35.56 -25.41 -18.30
N PRO I 144 36.60 -25.20 -17.48
CA PRO I 144 36.94 -23.93 -16.82
C PRO I 144 36.32 -22.62 -17.31
N GLN I 145 36.33 -22.44 -18.63
CA GLN I 145 35.79 -21.22 -19.22
C GLN I 145 34.35 -21.39 -19.70
N LEU I 146 34.11 -22.53 -20.34
CA LEU I 146 32.80 -22.86 -20.88
C LEU I 146 31.69 -22.46 -19.90
N GLU I 147 31.83 -22.88 -18.65
CA GLU I 147 30.86 -22.54 -17.61
C GLU I 147 30.41 -21.10 -17.75
N LYS I 148 31.35 -20.16 -17.64
CA LYS I 148 31.01 -18.76 -17.75
C LYS I 148 30.20 -18.43 -18.99
N LEU I 149 30.24 -19.30 -19.99
CA LEU I 149 29.48 -19.04 -21.18
C LEU I 149 28.07 -19.56 -21.06
N ILE I 150 27.95 -20.88 -21.03
CA ILE I 150 26.65 -21.56 -20.90
C ILE I 150 25.74 -20.83 -19.93
N ALA I 151 26.33 -20.41 -18.81
CA ALA I 151 25.61 -19.70 -17.76
C ALA I 151 24.93 -18.44 -18.28
N THR I 152 25.72 -17.41 -18.53
CA THR I 152 25.19 -16.14 -19.00
C THR I 152 24.14 -16.29 -20.08
N THR I 153 24.10 -17.46 -20.70
CA THR I 153 23.14 -17.69 -21.76
C THR I 153 22.60 -19.11 -21.67
N ALA I 154 21.70 -19.32 -20.74
CA ALA I 154 21.09 -20.62 -20.58
C ALA I 154 19.61 -20.28 -20.54
N HIS I 155 19.33 -19.09 -20.04
CA HIS I 155 17.96 -18.59 -19.94
C HIS I 155 17.34 -18.64 -21.32
N GLU I 156 18.20 -18.56 -22.34
CA GLU I 156 17.78 -18.61 -23.73
C GLU I 156 16.98 -19.85 -24.00
N LYS I 157 17.23 -20.88 -23.21
CA LYS I 157 16.54 -22.15 -23.34
C LYS I 157 15.39 -22.32 -22.32
N MET I 158 15.44 -21.57 -21.21
CA MET I 158 14.45 -21.66 -20.13
C MET I 158 13.03 -21.18 -20.47
N PRO I 159 12.01 -21.96 -20.03
CA PRO I 159 10.60 -21.67 -20.28
C PRO I 159 10.08 -20.27 -19.89
N TRP I 160 10.59 -19.71 -18.79
CA TRP I 160 10.14 -18.39 -18.34
C TRP I 160 10.67 -17.23 -19.17
N PHE I 161 11.70 -17.53 -19.95
CA PHE I 161 12.33 -16.52 -20.78
C PHE I 161 11.73 -16.58 -22.17
N HIS I 162 11.02 -15.52 -22.54
CA HIS I 162 10.40 -15.51 -23.84
C HIS I 162 11.10 -14.49 -24.76
N GLY I 163 12.16 -14.94 -25.46
CA GLY I 163 12.90 -14.07 -26.37
C GLY I 163 12.67 -12.56 -26.34
N LYS I 164 12.66 -11.95 -27.53
CA LYS I 164 12.46 -10.50 -27.64
C LYS I 164 10.96 -10.34 -27.80
N ILE I 165 10.32 -9.48 -27.00
CA ILE I 165 8.87 -9.33 -27.11
C ILE I 165 8.26 -7.99 -26.72
N SER I 166 7.11 -7.70 -27.31
CA SER I 166 6.35 -6.48 -27.05
C SER I 166 5.87 -6.43 -25.60
N ARG I 167 5.66 -5.22 -25.08
CA ARG I 167 5.20 -5.10 -23.71
C ARG I 167 3.84 -5.75 -23.58
N GLU I 168 3.05 -5.68 -24.63
CA GLU I 168 1.72 -6.22 -24.59
C GLU I 168 1.70 -7.68 -25.03
N GLU I 169 2.46 -7.97 -26.08
CA GLU I 169 2.56 -9.33 -26.61
C GLU I 169 2.74 -10.25 -25.41
N SER I 170 3.18 -9.62 -24.33
CA SER I 170 3.42 -10.27 -23.05
C SER I 170 2.10 -10.34 -22.28
N GLU I 171 1.62 -9.17 -21.88
CA GLU I 171 0.37 -9.05 -21.15
C GLU I 171 -0.48 -10.21 -21.60
N GLN I 172 -0.80 -10.19 -22.88
CA GLN I 172 -1.63 -11.22 -23.47
C GLN I 172 -1.14 -12.64 -23.19
N ILE I 173 0.00 -13.03 -23.75
CA ILE I 173 0.49 -14.41 -23.55
C ILE I 173 0.46 -14.88 -22.09
N VAL I 174 0.48 -13.98 -21.12
CA VAL I 174 0.43 -14.43 -19.72
C VAL I 174 -1.03 -14.58 -19.22
N LEU I 175 -1.91 -13.71 -19.71
CA LEU I 175 -3.34 -13.71 -19.35
C LEU I 175 -4.01 -14.94 -19.93
N ILE I 176 -3.49 -15.39 -21.06
CA ILE I 176 -4.02 -16.57 -21.72
C ILE I 176 -3.78 -17.78 -20.81
N GLY I 177 -4.66 -18.76 -20.90
CA GLY I 177 -4.54 -19.94 -20.08
C GLY I 177 -4.83 -19.65 -18.62
N SER I 178 -4.34 -20.56 -17.76
CA SER I 178 -4.50 -20.47 -16.33
C SER I 178 -3.97 -19.17 -15.72
N LYS I 179 -4.86 -18.48 -15.01
CA LYS I 179 -4.53 -17.22 -14.36
C LYS I 179 -4.04 -17.49 -12.92
N THR I 180 -3.30 -18.58 -12.72
CA THR I 180 -2.75 -18.87 -11.40
C THR I 180 -1.77 -17.75 -11.10
N ASN I 181 -1.81 -17.22 -9.87
CA ASN I 181 -0.97 -16.08 -9.46
C ASN I 181 0.55 -16.29 -9.42
N GLY I 182 1.30 -15.21 -9.65
CA GLY I 182 2.74 -15.32 -9.62
C GLY I 182 3.27 -15.98 -10.87
N LYS I 183 2.45 -16.01 -11.93
CA LYS I 183 2.89 -16.59 -13.20
C LYS I 183 3.72 -15.45 -13.78
N PHE I 184 4.87 -15.81 -14.31
CA PHE I 184 5.81 -14.82 -14.79
C PHE I 184 6.58 -15.31 -16.03
N LEU I 185 7.37 -14.37 -16.55
CA LEU I 185 8.24 -14.59 -17.69
C LEU I 185 9.13 -13.34 -17.86
N ILE I 186 10.27 -13.54 -18.51
CA ILE I 186 11.13 -12.41 -18.78
C ILE I 186 11.33 -12.33 -20.27
N ARG I 187 11.21 -11.09 -20.73
CA ARG I 187 11.38 -10.73 -22.12
C ARG I 187 12.44 -9.67 -22.13
N ALA I 188 13.22 -9.66 -23.21
CA ALA I 188 14.27 -8.69 -23.38
C ALA I 188 13.58 -7.51 -24.02
N ARG I 189 13.78 -6.33 -23.48
CA ARG I 189 13.19 -5.16 -24.09
C ARG I 189 14.27 -4.59 -24.99
N ASP I 190 15.37 -5.35 -25.12
CA ASP I 190 16.56 -4.99 -25.92
C ASP I 190 17.58 -6.17 -25.91
N ASN I 191 17.98 -6.67 -27.10
CA ASN I 191 18.89 -7.83 -27.24
C ASN I 191 19.63 -8.42 -26.01
N ASN I 192 20.70 -7.78 -25.53
CA ASN I 192 21.45 -8.28 -24.35
C ASN I 192 21.54 -7.21 -23.25
N GLY I 193 21.33 -5.96 -23.61
CA GLY I 193 21.38 -4.90 -22.63
C GLY I 193 20.54 -5.19 -21.39
N SER I 194 19.27 -4.81 -21.45
CA SER I 194 18.33 -5.01 -20.35
C SER I 194 17.09 -5.79 -20.78
N TYR I 195 16.40 -6.37 -19.81
CA TYR I 195 15.20 -7.16 -20.06
C TYR I 195 14.05 -6.63 -19.24
N ALA I 196 13.05 -7.48 -19.02
CA ALA I 196 11.91 -7.07 -18.24
C ALA I 196 11.18 -8.27 -17.59
N LEU I 197 10.63 -8.03 -16.42
CA LEU I 197 9.92 -9.09 -15.75
C LEU I 197 8.41 -8.86 -15.65
N CYS I 198 7.67 -9.88 -16.06
CA CYS I 198 6.24 -9.79 -16.02
C CYS I 198 5.68 -10.94 -15.21
N LEU I 199 4.75 -10.60 -14.35
CA LEU I 199 4.15 -11.63 -13.53
C LEU I 199 2.71 -11.27 -13.25
N LEU I 200 1.94 -12.29 -12.87
CA LEU I 200 0.53 -12.15 -12.55
C LEU I 200 0.31 -11.98 -11.05
N HIS I 201 -0.46 -10.95 -10.70
CA HIS I 201 -0.79 -10.62 -9.32
C HIS I 201 -2.26 -10.19 -9.27
N GLU I 202 -3.09 -11.03 -8.66
CA GLU I 202 -4.53 -10.77 -8.54
C GLU I 202 -5.11 -10.37 -9.90
N GLY I 203 -4.95 -11.27 -10.85
CA GLY I 203 -5.43 -11.05 -12.20
C GLY I 203 -4.74 -9.87 -12.86
N LYS I 204 -3.86 -9.17 -12.14
CA LYS I 204 -3.15 -8.02 -12.70
C LYS I 204 -1.76 -8.41 -13.22
N VAL I 205 -1.38 -7.87 -14.38
CA VAL I 205 -0.07 -8.16 -14.94
C VAL I 205 0.93 -7.12 -14.44
N LEU I 206 2.07 -7.58 -13.90
CA LEU I 206 3.05 -6.63 -13.39
C LEU I 206 4.39 -6.68 -14.10
N HIS I 207 4.83 -5.48 -14.46
CA HIS I 207 6.07 -5.25 -15.18
C HIS I 207 7.09 -4.56 -14.34
N TYR I 208 8.17 -5.28 -14.07
CA TYR I 208 9.27 -4.76 -13.29
C TYR I 208 10.43 -4.68 -14.26
N ARG I 209 11.08 -3.53 -14.28
CA ARG I 209 12.22 -3.27 -15.17
C ARG I 209 13.52 -3.92 -14.68
N ILE I 210 14.32 -4.44 -15.61
CA ILE I 210 15.58 -5.06 -15.24
C ILE I 210 16.65 -4.43 -16.09
N ASP I 211 17.86 -4.27 -15.55
CA ASP I 211 18.92 -3.66 -16.33
C ASP I 211 20.31 -4.13 -15.93
N LYS I 212 21.23 -4.02 -16.89
CA LYS I 212 22.62 -4.40 -16.68
C LYS I 212 23.33 -3.12 -16.27
N ASP I 213 23.87 -3.07 -15.06
CA ASP I 213 24.57 -1.88 -14.61
C ASP I 213 26.00 -1.85 -15.16
N LYS I 214 26.70 -0.75 -14.88
CA LYS I 214 28.07 -0.56 -15.31
C LYS I 214 28.86 -1.87 -15.33
N THR I 215 28.78 -2.61 -14.23
CA THR I 215 29.49 -3.89 -14.06
C THR I 215 29.03 -5.11 -14.86
N GLY I 216 27.96 -4.98 -15.64
CA GLY I 216 27.48 -6.12 -16.39
C GLY I 216 26.66 -7.01 -15.44
N LYS I 217 26.11 -6.36 -14.41
CA LYS I 217 25.31 -7.01 -13.38
C LYS I 217 23.87 -6.54 -13.45
N LEU I 218 22.98 -7.51 -13.67
CA LEU I 218 21.55 -7.24 -13.79
C LEU I 218 21.01 -7.03 -12.41
N SER I 219 20.07 -6.10 -12.29
CA SER I 219 19.45 -5.81 -11.01
C SER I 219 18.23 -4.92 -11.14
N ILE I 220 17.12 -5.37 -10.57
CA ILE I 220 15.93 -4.56 -10.60
C ILE I 220 16.40 -3.27 -9.94
N PRO I 221 15.92 -2.11 -10.41
CA PRO I 221 16.36 -0.87 -9.76
C PRO I 221 16.01 -1.01 -8.28
N GLU I 222 17.00 -0.79 -7.41
CA GLU I 222 16.82 -0.89 -5.95
C GLU I 222 16.81 -2.33 -5.48
N GLY I 223 17.08 -3.27 -6.38
CA GLY I 223 17.03 -4.66 -5.99
C GLY I 223 18.35 -5.39 -6.00
N LYS I 224 18.32 -6.55 -5.38
CA LYS I 224 19.50 -7.38 -5.32
C LYS I 224 20.14 -7.36 -6.71
N LYS I 225 21.37 -7.84 -6.82
CA LYS I 225 22.07 -7.86 -8.09
C LYS I 225 22.69 -9.21 -8.41
N PHE I 226 22.38 -9.68 -9.63
CA PHE I 226 22.83 -11.00 -10.08
C PHE I 226 23.67 -10.98 -11.31
N ASP I 227 24.36 -12.08 -11.48
CA ASP I 227 25.20 -12.24 -12.62
C ASP I 227 24.21 -12.60 -13.71
N THR I 228 23.62 -13.78 -13.58
CA THR I 228 22.67 -14.25 -14.58
C THR I 228 21.26 -14.11 -14.07
N LEU I 229 20.30 -14.38 -14.95
CA LEU I 229 18.89 -14.35 -14.61
C LEU I 229 18.55 -15.72 -14.02
N TRP I 230 19.08 -16.75 -14.64
CA TRP I 230 18.86 -18.10 -14.15
C TRP I 230 18.98 -18.00 -12.65
N GLN I 231 19.82 -17.07 -12.21
CA GLN I 231 20.12 -16.81 -10.80
C GLN I 231 19.02 -15.92 -10.30
N LEU I 232 18.90 -14.77 -10.93
CA LEU I 232 17.87 -13.82 -10.56
C LEU I 232 16.54 -14.51 -10.21
N VAL I 233 16.01 -15.24 -11.19
CA VAL I 233 14.75 -15.97 -11.06
C VAL I 233 14.80 -16.82 -9.81
N GLU I 234 15.57 -17.91 -9.91
CA GLU I 234 15.78 -18.85 -8.83
C GLU I 234 15.69 -18.18 -7.43
N HIS I 235 16.08 -16.91 -7.36
CA HIS I 235 16.02 -16.21 -6.10
C HIS I 235 14.61 -15.70 -5.82
N TYR I 236 14.12 -14.78 -6.66
CA TYR I 236 12.79 -14.22 -6.47
C TYR I 236 11.72 -15.28 -6.47
N SER I 237 12.00 -16.41 -7.09
CA SER I 237 11.03 -17.50 -7.08
C SER I 237 11.21 -18.21 -5.74
N TYR I 238 11.73 -17.49 -4.76
CA TYR I 238 11.99 -18.05 -3.43
C TYR I 238 11.61 -17.04 -2.35
N LYS I 239 11.86 -15.77 -2.63
CA LYS I 239 11.52 -14.75 -1.66
C LYS I 239 11.19 -13.55 -2.48
N ALA I 240 10.12 -12.87 -2.14
CA ALA I 240 9.72 -11.69 -2.88
C ALA I 240 10.85 -10.68 -2.92
N ASP I 241 11.46 -10.45 -1.77
CA ASP I 241 12.54 -9.49 -1.65
C ASP I 241 12.20 -8.21 -2.41
N GLY I 242 10.96 -7.76 -2.30
CA GLY I 242 10.58 -6.52 -2.97
C GLY I 242 9.39 -6.60 -3.89
N LEU I 243 9.33 -7.68 -4.67
CA LEU I 243 8.22 -7.88 -5.59
C LEU I 243 6.95 -7.95 -4.81
N LEU I 244 5.83 -7.62 -5.43
CA LEU I 244 4.58 -7.69 -4.71
C LEU I 244 4.32 -9.13 -4.29
N ARG I 245 5.09 -10.04 -4.86
CA ARG I 245 4.96 -11.45 -4.53
C ARG I 245 6.09 -12.23 -5.16
N VAL I 246 6.04 -13.54 -5.01
CA VAL I 246 7.08 -14.37 -5.57
C VAL I 246 6.63 -15.03 -6.85
N LEU I 247 7.63 -15.38 -7.66
CA LEU I 247 7.39 -16.07 -8.89
C LEU I 247 7.03 -17.53 -8.58
N THR I 248 6.17 -18.07 -9.43
CA THR I 248 5.67 -19.40 -9.26
C THR I 248 5.99 -20.16 -10.51
N VAL I 249 5.04 -20.11 -11.42
CA VAL I 249 5.15 -20.80 -12.66
C VAL I 249 5.45 -19.97 -13.85
N PRO I 250 6.32 -20.53 -14.67
CA PRO I 250 6.87 -20.03 -15.92
C PRO I 250 5.77 -19.97 -16.97
N CYS I 251 5.28 -18.78 -17.27
CA CYS I 251 4.25 -18.68 -18.29
C CYS I 251 4.78 -19.45 -19.50
N GLN I 252 3.91 -20.14 -20.24
CA GLN I 252 4.35 -20.92 -21.40
C GLN I 252 4.53 -20.11 -22.70
N LYS I 253 5.58 -20.43 -23.44
CA LYS I 253 5.86 -19.74 -24.70
C LYS I 253 5.12 -20.44 -25.85
N ILE I 254 4.66 -19.66 -26.83
CA ILE I 254 3.93 -20.21 -27.99
C ILE I 254 4.80 -21.06 -28.93
N PRO J 1 5.46 2.19 -20.38
CA PRO J 1 4.60 3.29 -19.88
C PRO J 1 4.48 3.33 -18.36
N ASP J 2 4.71 2.20 -17.70
CA ASP J 2 4.59 2.14 -16.25
C ASP J 2 5.10 0.83 -15.67
N PTR J 3 6.17 0.90 -14.89
CA PTR J 3 6.71 -0.29 -14.28
C PTR J 3 6.43 -0.21 -12.81
O PTR J 3 6.41 0.87 -12.23
CB PTR J 3 8.20 -0.37 -14.53
CG PTR J 3 8.52 -0.49 -15.99
CD1 PTR J 3 8.58 -1.73 -16.61
CD2 PTR J 3 8.76 0.64 -16.77
CE1 PTR J 3 8.85 -1.86 -17.95
CE2 PTR J 3 9.05 0.53 -18.13
CZ PTR J 3 9.09 -0.72 -18.72
OH PTR J 3 9.36 -0.84 -20.06
P PTR J 3 8.26 -1.55 -21.02
O1P PTR J 3 7.27 -0.53 -21.46
O2P PTR J 3 8.98 -2.13 -22.18
O3P PTR J 3 7.55 -2.68 -20.36
N GLU J 4 6.19 -1.36 -12.21
CA GLU J 4 5.89 -1.40 -10.79
C GLU J 4 7.17 -1.14 -10.00
N PRO J 5 7.11 -0.23 -9.01
CA PRO J 5 8.24 0.15 -8.11
C PRO J 5 8.35 -0.80 -6.90
N ILE J 6 9.45 -0.74 -6.14
CA ILE J 6 9.64 -1.64 -4.97
C ILE J 6 9.35 -1.08 -3.56
N ARG J 7 9.67 -1.89 -2.55
CA ARG J 7 9.49 -1.50 -1.14
C ARG J 7 10.81 -1.66 -0.37
N LYS J 8 11.90 -1.15 -0.97
CA LYS J 8 13.26 -1.19 -0.42
C LYS J 8 13.44 -1.49 1.08
N GLY J 9 12.66 -0.83 1.94
CA GLY J 9 12.79 -1.07 3.37
C GLY J 9 12.92 -2.53 3.80
N GLN J 10 12.45 -3.45 2.97
CA GLN J 10 12.52 -4.87 3.29
C GLN J 10 13.60 -5.61 2.49
N ARG J 11 14.81 -5.06 2.50
CA ARG J 11 15.93 -5.64 1.76
C ARG J 11 17.02 -6.34 2.56
N ASP J 12 17.19 -7.62 2.30
CA ASP J 12 18.22 -8.37 2.94
C ASP J 12 19.47 -7.91 2.26
N LEU J 13 20.26 -7.11 2.96
CA LEU J 13 21.50 -6.61 2.38
C LEU J 13 22.69 -7.42 2.91
N PTR J 14 23.89 -7.19 2.36
CA PTR J 14 25.09 -7.91 2.80
C PTR J 14 26.10 -7.04 3.54
O PTR J 14 26.51 -5.97 3.06
CB PTR J 14 25.78 -8.55 1.61
CG PTR J 14 25.05 -9.76 1.12
CD1 PTR J 14 23.94 -9.62 0.34
CD2 PTR J 14 25.51 -11.04 1.42
CE1 PTR J 14 23.29 -10.74 -0.15
CE2 PTR J 14 24.86 -12.16 0.93
CZ PTR J 14 23.75 -11.99 0.14
OH PTR J 14 23.13 -13.06 -0.44
P PTR J 14 22.41 -14.16 0.23
O1P PTR J 14 21.03 -13.70 0.16
O2P PTR J 14 22.71 -15.35 -0.64
O3P PTR J 14 22.74 -14.29 1.68
N SER J 15 26.50 -7.52 4.71
CA SER J 15 27.44 -6.81 5.54
C SER J 15 28.73 -6.59 4.79
N GLY J 16 29.40 -5.49 5.11
CA GLY J 16 30.65 -5.18 4.45
C GLY J 16 31.75 -5.01 5.47
N LEU J 17 32.98 -4.92 4.97
CA LEU J 17 34.18 -4.76 5.79
C LEU J 17 34.37 -3.36 6.30
N ASN J 18 35.31 -3.22 7.23
CA ASN J 18 35.74 -1.97 7.87
C ASN J 18 35.49 -1.93 9.37
N SER K 1 -22.56 -38.19 -27.15
CA SER K 1 -21.34 -38.76 -26.50
C SER K 1 -20.16 -38.77 -27.48
N ALA K 2 -19.67 -37.58 -27.84
CA ALA K 2 -18.57 -37.44 -28.78
C ALA K 2 -17.27 -38.01 -28.27
N ASN K 3 -17.36 -39.02 -27.41
CA ASN K 3 -16.19 -39.66 -26.82
C ASN K 3 -15.23 -40.26 -27.84
N HIS K 4 -15.77 -40.79 -28.93
CA HIS K 4 -14.95 -41.39 -29.98
C HIS K 4 -13.93 -40.39 -30.51
N LEU K 5 -14.37 -39.14 -30.69
CA LEU K 5 -13.51 -38.07 -31.22
C LEU K 5 -12.23 -37.90 -30.40
N PRO K 6 -11.07 -38.14 -31.04
CA PRO K 6 -9.74 -38.04 -30.43
C PRO K 6 -9.26 -36.66 -30.06
N PHE K 7 -9.98 -35.63 -30.50
CA PHE K 7 -9.60 -34.25 -30.18
C PHE K 7 -10.65 -33.70 -29.23
N PHE K 8 -11.24 -34.63 -28.46
CA PHE K 8 -12.28 -34.30 -27.51
C PHE K 8 -11.85 -34.64 -26.09
N PHE K 9 -11.89 -33.64 -25.21
CA PHE K 9 -11.54 -33.80 -23.79
C PHE K 9 -12.73 -33.42 -22.89
N GLY K 10 -13.35 -34.42 -22.29
CA GLY K 10 -14.49 -34.22 -21.43
C GLY K 10 -14.75 -32.85 -20.84
N ASN K 11 -14.91 -32.83 -19.52
CA ASN K 11 -15.14 -31.58 -18.86
C ASN K 11 -13.79 -30.96 -18.61
N ILE K 12 -13.42 -30.06 -19.48
CA ILE K 12 -12.14 -29.36 -19.38
C ILE K 12 -12.58 -27.92 -19.25
N THR K 13 -11.74 -27.04 -18.74
CA THR K 13 -12.16 -25.65 -18.63
C THR K 13 -11.58 -24.83 -19.75
N ARG K 14 -12.14 -23.65 -19.95
CA ARG K 14 -11.63 -22.78 -21.00
C ARG K 14 -10.13 -22.76 -20.92
N GLU K 15 -9.65 -22.41 -19.74
CA GLU K 15 -8.24 -22.31 -19.45
C GLU K 15 -7.47 -23.60 -19.70
N GLU K 16 -7.89 -24.69 -19.08
CA GLU K 16 -7.22 -25.98 -19.28
C GLU K 16 -7.05 -26.24 -20.77
N ALA K 17 -7.99 -25.68 -21.54
CA ALA K 17 -8.02 -25.81 -22.99
C ALA K 17 -6.95 -24.92 -23.61
N GLU K 18 -7.07 -23.61 -23.41
CA GLU K 18 -6.10 -22.67 -23.94
C GLU K 18 -4.63 -23.13 -23.73
N ASP K 19 -4.40 -23.92 -22.70
CA ASP K 19 -3.05 -24.43 -22.41
C ASP K 19 -2.73 -25.48 -23.45
N TYR K 20 -3.52 -26.55 -23.47
CA TYR K 20 -3.36 -27.62 -24.44
C TYR K 20 -2.97 -27.10 -25.83
N LEU K 21 -3.60 -25.99 -26.22
CA LEU K 21 -3.38 -25.32 -27.52
C LEU K 21 -1.96 -24.86 -27.74
N VAL K 22 -1.45 -24.06 -26.80
CA VAL K 22 -0.09 -23.59 -26.90
C VAL K 22 0.80 -24.82 -26.74
N GLN K 23 0.51 -25.67 -25.75
CA GLN K 23 1.32 -26.86 -25.57
C GLN K 23 1.09 -27.75 -26.79
N GLY K 24 0.29 -27.25 -27.73
CA GLY K 24 0.01 -27.99 -28.95
C GLY K 24 0.62 -27.35 -30.19
N GLY K 25 1.04 -26.10 -30.05
CA GLY K 25 1.64 -25.41 -31.15
C GLY K 25 1.08 -24.02 -31.33
N MET K 26 -0.17 -23.80 -30.87
CA MET K 26 -0.84 -22.51 -31.00
C MET K 26 -0.80 -22.05 -32.45
N SER K 27 -0.53 -23.03 -33.31
CA SER K 27 -0.44 -22.85 -34.76
C SER K 27 -1.85 -22.62 -35.30
N ASP K 28 -2.03 -21.51 -35.99
CA ASP K 28 -3.34 -21.19 -36.56
C ASP K 28 -4.00 -22.45 -37.15
N GLY K 29 -5.31 -22.59 -36.90
CA GLY K 29 -6.06 -23.73 -37.41
C GLY K 29 -6.06 -24.91 -36.46
N LEU K 30 -5.41 -24.72 -35.32
CA LEU K 30 -5.35 -25.77 -34.32
C LEU K 30 -6.60 -25.64 -33.46
N TYR K 31 -7.20 -26.77 -33.18
CA TYR K 31 -8.42 -26.75 -32.41
C TYR K 31 -8.62 -28.01 -31.64
N LEU K 32 -9.58 -27.97 -30.74
CA LEU K 32 -9.92 -29.13 -29.96
C LEU K 32 -11.35 -28.96 -29.43
N LEU K 33 -11.97 -30.09 -29.17
CA LEU K 33 -13.32 -30.08 -28.71
C LEU K 33 -13.44 -30.51 -27.29
N ARG K 34 -14.23 -29.75 -26.54
CA ARG K 34 -14.48 -30.06 -25.14
C ARG K 34 -15.95 -29.72 -24.88
N GLN K 35 -16.47 -30.27 -23.78
CA GLN K 35 -17.87 -30.10 -23.33
C GLN K 35 -18.16 -28.67 -22.77
N SER K 36 -19.30 -28.07 -23.11
CA SER K 36 -19.56 -26.75 -22.55
C SER K 36 -20.03 -26.96 -21.13
N ARG K 37 -19.82 -25.96 -20.29
CA ARG K 37 -20.16 -26.12 -18.88
C ARG K 37 -21.23 -25.16 -18.40
N ASN K 38 -22.00 -24.59 -19.31
CA ASN K 38 -23.03 -23.66 -18.86
C ASN K 38 -24.23 -23.84 -19.76
N TYR K 39 -24.06 -24.70 -20.74
CA TYR K 39 -25.11 -25.01 -21.71
C TYR K 39 -25.30 -26.52 -21.83
N LEU K 40 -26.45 -26.99 -21.36
CA LEU K 40 -26.81 -28.40 -21.38
C LEU K 40 -26.42 -29.15 -22.66
N GLY K 41 -25.89 -30.37 -22.50
CA GLY K 41 -25.47 -31.22 -23.61
C GLY K 41 -24.89 -30.60 -24.88
N GLY K 42 -24.40 -29.36 -24.79
CA GLY K 42 -23.80 -28.71 -25.95
C GLY K 42 -22.31 -28.94 -25.92
N PHE K 43 -21.55 -28.16 -26.68
CA PHE K 43 -20.10 -28.31 -26.69
C PHE K 43 -19.39 -27.01 -26.92
N ALA K 44 -18.08 -27.05 -26.79
CA ALA K 44 -17.29 -25.87 -27.01
C ALA K 44 -16.11 -26.19 -27.87
N LEU K 45 -15.89 -25.28 -28.80
CA LEU K 45 -14.83 -25.43 -29.74
C LEU K 45 -13.84 -24.32 -29.52
N SER K 46 -12.60 -24.73 -29.41
CA SER K 46 -11.58 -23.75 -29.22
C SER K 46 -10.61 -23.95 -30.36
N VAL K 47 -10.27 -22.83 -31.01
CA VAL K 47 -9.32 -22.82 -32.15
C VAL K 47 -8.26 -21.73 -32.05
N ALA K 48 -7.04 -22.16 -32.35
CA ALA K 48 -5.88 -21.30 -32.32
C ALA K 48 -5.81 -20.46 -33.59
N HIS K 49 -5.79 -19.14 -33.44
CA HIS K 49 -5.64 -18.29 -34.60
C HIS K 49 -5.22 -16.88 -34.18
N GLY K 50 -4.06 -16.45 -34.65
CA GLY K 50 -3.57 -15.14 -34.31
C GLY K 50 -2.93 -15.24 -32.94
N ARG K 51 -2.30 -16.41 -32.69
CA ARG K 51 -1.64 -16.69 -31.41
C ARG K 51 -2.62 -16.64 -30.25
N LYS K 52 -3.76 -15.98 -30.45
CA LYS K 52 -4.80 -15.88 -29.42
C LYS K 52 -5.71 -17.08 -29.57
N ALA K 53 -6.60 -17.30 -28.61
CA ALA K 53 -7.51 -18.44 -28.66
C ALA K 53 -8.98 -18.02 -28.87
N HIS K 54 -9.71 -18.85 -29.62
CA HIS K 54 -11.12 -18.62 -29.95
C HIS K 54 -12.06 -19.73 -29.50
N HIS K 55 -12.98 -19.33 -28.63
CA HIS K 55 -13.92 -20.26 -28.08
C HIS K 55 -15.30 -20.15 -28.68
N TYR K 56 -15.77 -21.27 -29.18
CA TYR K 56 -17.07 -21.29 -29.77
C TYR K 56 -17.93 -22.25 -29.00
N THR K 57 -19.14 -21.81 -28.70
CA THR K 57 -20.07 -22.64 -27.96
C THR K 57 -21.11 -23.26 -28.92
N ILE K 58 -21.06 -24.59 -28.96
CA ILE K 58 -21.91 -25.42 -29.79
C ILE K 58 -23.14 -25.82 -28.98
N GLU K 59 -24.27 -25.19 -29.28
CA GLU K 59 -25.54 -25.48 -28.58
C GLU K 59 -26.28 -26.65 -29.24
N ARG K 60 -27.00 -27.42 -28.42
CA ARG K 60 -27.79 -28.56 -28.91
C ARG K 60 -29.23 -28.13 -29.24
N GLU K 61 -29.55 -28.19 -30.55
CA GLU K 61 -30.86 -27.84 -31.08
C GLU K 61 -31.85 -28.91 -30.61
N LEU K 62 -33.03 -28.46 -30.22
CA LEU K 62 -34.08 -29.36 -29.75
C LEU K 62 -34.23 -30.55 -30.69
N ASN K 63 -33.99 -30.31 -31.98
CA ASN K 63 -34.08 -31.36 -32.99
C ASN K 63 -33.07 -32.46 -32.69
N GLY K 64 -32.23 -32.25 -31.68
CA GLY K 64 -31.22 -33.23 -31.33
C GLY K 64 -29.97 -32.95 -32.15
N THR K 65 -30.08 -31.94 -32.99
CA THR K 65 -29.00 -31.55 -33.86
C THR K 65 -28.28 -30.43 -33.12
N TYR K 66 -27.00 -30.19 -33.46
CA TYR K 66 -26.19 -29.14 -32.82
C TYR K 66 -25.80 -28.05 -33.79
N ALA K 67 -25.63 -26.83 -33.30
CA ALA K 67 -25.23 -25.70 -34.16
C ALA K 67 -24.82 -24.46 -33.40
N ILE K 68 -23.60 -23.98 -33.64
CA ILE K 68 -23.19 -22.76 -32.97
C ILE K 68 -24.28 -21.78 -33.35
N ALA K 69 -24.82 -21.09 -32.36
CA ALA K 69 -25.87 -20.09 -32.58
C ALA K 69 -25.61 -19.21 -33.81
N GLY K 70 -26.63 -19.04 -34.66
CA GLY K 70 -26.49 -18.17 -35.82
C GLY K 70 -26.06 -18.88 -37.10
N GLY K 71 -25.73 -20.17 -37.00
CA GLY K 71 -25.31 -20.89 -38.19
C GLY K 71 -26.01 -22.21 -38.44
N ARG K 72 -25.67 -22.81 -39.58
CA ARG K 72 -26.24 -24.08 -39.97
C ARG K 72 -26.20 -25.03 -38.79
N THR K 73 -27.13 -25.97 -38.81
CA THR K 73 -27.22 -26.95 -37.77
C THR K 73 -26.69 -28.24 -38.39
N HIS K 74 -25.83 -28.95 -37.67
CA HIS K 74 -25.22 -30.20 -38.16
C HIS K 74 -25.70 -31.37 -37.36
N ALA K 75 -25.57 -32.57 -37.92
CA ALA K 75 -26.04 -33.78 -37.25
C ALA K 75 -25.35 -34.09 -35.91
N SER K 76 -24.02 -34.16 -35.92
CA SER K 76 -23.27 -34.44 -34.71
C SER K 76 -22.04 -33.53 -34.70
N PRO K 77 -21.50 -33.27 -33.50
CA PRO K 77 -20.33 -32.41 -33.40
C PRO K 77 -19.22 -32.81 -34.38
N ALA K 78 -19.05 -34.11 -34.60
CA ALA K 78 -18.03 -34.60 -35.52
C ALA K 78 -18.14 -33.97 -36.91
N ASP K 79 -19.36 -33.87 -37.43
CA ASP K 79 -19.61 -33.30 -38.76
C ASP K 79 -19.29 -31.82 -38.76
N LEU K 80 -19.95 -31.10 -37.87
CA LEU K 80 -19.75 -29.68 -37.74
C LEU K 80 -18.30 -29.38 -38.05
N CYS K 81 -17.40 -30.08 -37.37
CA CYS K 81 -15.98 -29.85 -37.57
C CYS K 81 -15.54 -30.22 -39.01
N HIS K 82 -15.85 -31.43 -39.47
CA HIS K 82 -15.51 -31.84 -40.85
C HIS K 82 -15.93 -30.77 -41.81
N TYR K 83 -17.07 -30.13 -41.53
CA TYR K 83 -17.57 -29.08 -42.40
C TYR K 83 -16.83 -27.76 -42.25
N HIS K 84 -16.54 -27.35 -41.02
CA HIS K 84 -15.84 -26.08 -40.81
C HIS K 84 -14.35 -26.19 -41.13
N SER K 85 -13.91 -27.42 -41.41
CA SER K 85 -12.51 -27.71 -41.79
C SER K 85 -12.28 -27.35 -43.27
N GLN K 86 -13.35 -27.22 -44.05
CA GLN K 86 -13.22 -26.86 -45.46
C GLN K 86 -13.89 -25.52 -45.65
N GLU K 87 -14.66 -25.10 -44.66
CA GLU K 87 -15.39 -23.85 -44.73
C GLU K 87 -15.22 -22.93 -43.51
N SER K 88 -14.81 -21.70 -43.75
CA SER K 88 -14.69 -20.77 -42.65
C SER K 88 -16.11 -20.57 -42.12
N ASP K 89 -16.94 -19.92 -42.93
CA ASP K 89 -18.33 -19.58 -42.59
C ASP K 89 -18.39 -18.87 -41.26
N GLY K 90 -18.05 -17.58 -41.25
CA GLY K 90 -18.10 -16.82 -40.02
C GLY K 90 -17.00 -17.23 -39.05
N LEU K 91 -16.64 -18.51 -39.07
CA LEU K 91 -15.58 -19.03 -38.22
C LEU K 91 -14.34 -18.25 -38.51
N VAL K 92 -13.80 -17.58 -37.50
CA VAL K 92 -12.59 -16.79 -37.70
C VAL K 92 -11.57 -17.46 -38.65
N CYS K 93 -11.66 -18.77 -38.83
CA CYS K 93 -10.72 -19.39 -39.72
C CYS K 93 -11.04 -20.81 -40.04
N LEU K 94 -10.16 -21.38 -40.84
CA LEU K 94 -10.27 -22.76 -41.27
C LEU K 94 -9.74 -23.68 -40.18
N LEU K 95 -10.37 -24.85 -40.02
CA LEU K 95 -9.96 -25.84 -39.03
C LEU K 95 -8.95 -26.83 -39.64
N LYS K 96 -7.69 -26.40 -39.77
CA LYS K 96 -6.65 -27.25 -40.35
C LYS K 96 -6.34 -28.43 -39.45
N LYS K 97 -5.54 -28.21 -38.41
CA LYS K 97 -5.16 -29.30 -37.54
C LYS K 97 -5.87 -29.36 -36.21
N PRO K 98 -6.34 -30.57 -35.87
CA PRO K 98 -7.07 -30.80 -34.62
C PRO K 98 -5.99 -31.07 -33.59
N PHE K 99 -6.34 -31.02 -32.32
CA PHE K 99 -5.37 -31.33 -31.29
C PHE K 99 -5.87 -32.61 -30.67
N ASN K 100 -5.10 -33.69 -30.84
CA ASN K 100 -5.50 -34.98 -30.31
C ASN K 100 -5.21 -35.22 -28.83
N ARG K 101 -6.05 -36.07 -28.25
CA ARG K 101 -5.97 -36.46 -26.85
C ARG K 101 -4.56 -36.96 -26.56
N PRO K 102 -3.73 -36.15 -25.88
CA PRO K 102 -2.36 -36.57 -25.56
C PRO K 102 -2.27 -38.04 -25.16
N GLN K 103 -1.15 -38.68 -25.51
CA GLN K 103 -0.91 -40.08 -25.20
C GLN K 103 -1.34 -40.41 -23.78
N GLY K 104 -2.30 -41.31 -23.63
CA GLY K 104 -2.78 -41.71 -22.31
C GLY K 104 -4.03 -40.98 -21.80
N VAL K 105 -3.99 -39.66 -21.87
CA VAL K 105 -5.08 -38.80 -21.43
C VAL K 105 -6.48 -39.31 -21.83
N GLN K 106 -7.47 -39.02 -20.99
CA GLN K 106 -8.86 -39.42 -21.21
C GLN K 106 -9.77 -38.18 -21.15
N PRO K 107 -11.07 -38.34 -21.47
CA PRO K 107 -11.92 -37.14 -21.40
C PRO K 107 -12.33 -36.91 -19.94
N LYS K 108 -12.32 -35.65 -19.51
CA LYS K 108 -12.69 -35.35 -18.13
C LYS K 108 -14.19 -35.52 -17.87
N THR K 109 -14.54 -35.79 -16.61
CA THR K 109 -15.93 -35.98 -16.21
C THR K 109 -16.43 -34.79 -15.37
N PRO K 144 -31.17 -37.46 -24.95
CA PRO K 144 -31.29 -36.20 -25.69
C PRO K 144 -32.00 -35.11 -24.91
N GLN K 145 -33.03 -35.50 -24.17
CA GLN K 145 -33.75 -34.52 -23.36
C GLN K 145 -33.51 -34.77 -21.86
N LEU K 146 -33.53 -36.04 -21.45
CA LEU K 146 -33.31 -36.44 -20.05
C LEU K 146 -32.28 -35.53 -19.43
N GLU K 147 -31.13 -35.51 -20.06
CA GLU K 147 -30.04 -34.67 -19.65
C GLU K 147 -30.62 -33.36 -19.15
N LYS K 148 -31.27 -32.62 -20.04
CA LYS K 148 -31.88 -31.32 -19.71
C LYS K 148 -32.81 -31.34 -18.48
N LEU K 149 -33.30 -32.52 -18.12
CA LEU K 149 -34.22 -32.67 -16.98
C LEU K 149 -33.48 -32.82 -15.66
N ILE K 150 -32.90 -34.00 -15.52
CA ILE K 150 -32.15 -34.36 -14.33
C ILE K 150 -31.23 -33.23 -13.93
N ALA K 151 -30.75 -32.49 -14.92
CA ALA K 151 -29.86 -31.38 -14.64
C ALA K 151 -30.51 -30.21 -13.89
N THR K 152 -31.47 -29.53 -14.51
CA THR K 152 -32.12 -28.39 -13.87
C THR K 152 -32.45 -28.76 -12.46
N THR K 153 -32.70 -30.06 -12.29
CA THR K 153 -33.08 -30.62 -11.00
C THR K 153 -32.25 -31.84 -10.57
N ALA K 154 -31.05 -31.57 -10.06
CA ALA K 154 -30.16 -32.63 -9.61
C ALA K 154 -29.72 -32.18 -8.25
N HIS K 155 -29.66 -30.85 -8.13
CA HIS K 155 -29.30 -30.16 -6.91
C HIS K 155 -30.23 -30.64 -5.80
N GLU K 156 -31.46 -30.97 -6.21
CA GLU K 156 -32.48 -31.45 -5.29
C GLU K 156 -31.87 -32.49 -4.37
N LYS K 157 -30.98 -33.30 -4.93
CA LYS K 157 -30.36 -34.36 -4.17
C LYS K 157 -28.93 -34.05 -3.69
N MET K 158 -28.44 -32.86 -3.99
CA MET K 158 -27.09 -32.48 -3.64
C MET K 158 -26.79 -31.85 -2.28
N PRO K 159 -25.75 -32.37 -1.59
CA PRO K 159 -25.29 -31.95 -0.26
C PRO K 159 -25.31 -30.47 -0.11
N TRP K 160 -24.85 -29.77 -1.12
CA TRP K 160 -24.81 -28.31 -1.08
C TRP K 160 -26.16 -27.62 -1.25
N PHE K 161 -27.19 -28.40 -1.53
CA PHE K 161 -28.50 -27.83 -1.75
C PHE K 161 -29.45 -28.13 -0.57
N HIS K 162 -29.96 -27.08 0.04
CA HIS K 162 -30.80 -27.27 1.20
C HIS K 162 -32.27 -26.93 1.02
N GLY K 163 -33.01 -27.71 0.24
CA GLY K 163 -34.44 -27.43 0.05
C GLY K 163 -34.88 -25.98 0.22
N LYS K 164 -36.03 -25.78 0.82
CA LYS K 164 -36.55 -24.42 1.02
C LYS K 164 -36.23 -24.01 2.47
N ILE K 165 -35.64 -22.83 2.65
CA ILE K 165 -35.29 -22.43 3.98
C ILE K 165 -35.07 -20.93 4.15
N SER K 166 -35.40 -20.44 5.33
CA SER K 166 -35.25 -19.03 5.66
C SER K 166 -33.83 -18.59 5.40
N ARG K 167 -33.64 -17.30 5.28
CA ARG K 167 -32.31 -16.75 5.09
C ARG K 167 -31.55 -16.95 6.42
N GLU K 168 -32.27 -17.26 7.49
CA GLU K 168 -31.66 -17.44 8.81
C GLU K 168 -31.34 -18.89 9.09
N GLU K 169 -32.36 -19.74 8.94
CA GLU K 169 -32.21 -21.17 9.18
C GLU K 169 -30.90 -21.60 8.57
N SER K 170 -30.45 -20.83 7.59
CA SER K 170 -29.21 -21.07 6.88
C SER K 170 -28.03 -20.56 7.71
N GLU K 171 -28.00 -19.23 7.94
CA GLU K 171 -26.95 -18.60 8.74
C GLU K 171 -26.59 -19.69 9.73
N GLN K 172 -27.57 -20.00 10.58
CA GLN K 172 -27.41 -21.05 11.58
C GLN K 172 -26.72 -22.23 10.92
N ILE K 173 -27.50 -23.20 10.47
CA ILE K 173 -26.99 -24.41 9.83
C ILE K 173 -25.59 -24.27 9.21
N VAL K 174 -25.30 -23.10 8.69
CA VAL K 174 -24.01 -22.85 8.09
C VAL K 174 -22.90 -22.53 9.10
N LEU K 175 -23.24 -21.76 10.13
CA LEU K 175 -22.27 -21.38 11.17
C LEU K 175 -21.97 -22.50 12.15
N ILE K 176 -22.84 -23.50 12.15
CA ILE K 176 -22.71 -24.67 13.01
C ILE K 176 -21.59 -25.51 12.46
N GLY K 177 -21.00 -26.35 13.28
CA GLY K 177 -19.93 -27.23 12.80
C GLY K 177 -18.68 -26.50 12.38
N SER K 178 -17.83 -27.18 11.61
CA SER K 178 -16.55 -26.59 11.14
C SER K 178 -16.68 -25.35 10.31
N LYS K 179 -16.02 -24.30 10.78
CA LYS K 179 -16.06 -22.98 10.17
C LYS K 179 -15.10 -22.82 8.99
N THR K 180 -14.64 -23.94 8.42
CA THR K 180 -13.75 -23.90 7.27
C THR K 180 -14.28 -22.85 6.28
N ASN K 181 -13.43 -21.97 5.81
CA ASN K 181 -13.85 -20.92 4.91
C ASN K 181 -14.28 -21.52 3.59
N GLY K 182 -15.21 -20.83 2.93
CA GLY K 182 -15.70 -21.26 1.63
C GLY K 182 -16.81 -22.29 1.68
N LYS K 183 -17.23 -22.66 2.89
CA LYS K 183 -18.31 -23.63 3.03
C LYS K 183 -19.56 -22.98 2.45
N PHE K 184 -20.35 -23.76 1.72
CA PHE K 184 -21.54 -23.21 1.05
C PHE K 184 -22.73 -24.15 0.97
N LEU K 185 -23.80 -23.56 0.42
CA LEU K 185 -25.08 -24.24 0.17
C LEU K 185 -26.05 -23.32 -0.56
N ILE K 186 -27.01 -23.94 -1.26
CA ILE K 186 -28.04 -23.16 -1.95
C ILE K 186 -29.40 -23.61 -1.47
N ARG K 187 -30.21 -22.60 -1.22
CA ARG K 187 -31.56 -22.75 -0.72
C ARG K 187 -32.41 -21.98 -1.71
N ALA K 188 -33.63 -22.44 -1.95
CA ALA K 188 -34.49 -21.75 -2.88
C ALA K 188 -35.29 -20.73 -2.07
N ARG K 189 -35.47 -19.53 -2.62
CA ARG K 189 -36.27 -18.52 -1.94
C ARG K 189 -37.69 -19.03 -1.99
N ASP K 190 -38.62 -18.25 -2.55
CA ASP K 190 -39.99 -18.73 -2.66
C ASP K 190 -40.47 -18.57 -4.09
N ASN K 191 -39.90 -17.59 -4.80
CA ASN K 191 -40.20 -17.44 -6.21
C ASN K 191 -39.45 -18.70 -6.62
N ASN K 192 -40.19 -19.80 -6.67
CA ASN K 192 -39.67 -21.12 -6.99
C ASN K 192 -38.58 -21.22 -8.08
N GLY K 193 -38.52 -20.25 -8.98
CA GLY K 193 -37.48 -20.26 -10.00
C GLY K 193 -36.34 -19.37 -9.51
N SER K 194 -36.43 -18.98 -8.23
CA SER K 194 -35.46 -18.09 -7.60
C SER K 194 -34.82 -18.69 -6.33
N TYR K 195 -33.51 -18.98 -6.43
CA TYR K 195 -32.72 -19.56 -5.35
C TYR K 195 -31.71 -18.53 -4.82
N ALA K 196 -30.89 -18.92 -3.84
CA ALA K 196 -29.88 -18.03 -3.25
C ALA K 196 -28.61 -18.76 -2.86
N LEU K 197 -27.53 -18.00 -2.82
CA LEU K 197 -26.26 -18.58 -2.51
C LEU K 197 -25.68 -18.19 -1.19
N CYS K 198 -25.34 -19.19 -0.38
CA CYS K 198 -24.78 -18.89 0.91
C CYS K 198 -23.45 -19.58 1.14
N LEU K 199 -22.47 -18.77 1.53
CA LEU K 199 -21.12 -19.27 1.80
C LEU K 199 -20.40 -18.55 2.97
N LEU K 200 -19.38 -19.23 3.50
CA LEU K 200 -18.62 -18.69 4.61
C LEU K 200 -17.31 -17.99 4.22
N HIS K 201 -17.16 -16.76 4.71
CA HIS K 201 -15.98 -15.98 4.45
C HIS K 201 -15.53 -15.22 5.68
N GLU K 202 -14.44 -15.72 6.29
CA GLU K 202 -13.84 -15.12 7.48
C GLU K 202 -14.85 -15.04 8.60
N GLY K 203 -15.46 -16.18 8.91
CA GLY K 203 -16.44 -16.21 9.96
C GLY K 203 -17.74 -15.51 9.59
N LYS K 204 -17.78 -14.84 8.43
CA LYS K 204 -19.01 -14.18 8.04
C LYS K 204 -19.71 -14.93 6.92
N VAL K 205 -21.04 -14.95 7.01
CA VAL K 205 -21.90 -15.61 6.03
C VAL K 205 -22.28 -14.67 4.92
N LEU K 206 -22.15 -15.14 3.70
CA LEU K 206 -22.51 -14.29 2.59
C LEU K 206 -23.63 -14.86 1.74
N HIS K 207 -24.56 -13.97 1.40
CA HIS K 207 -25.72 -14.29 0.59
C HIS K 207 -25.60 -13.63 -0.78
N TYR K 208 -25.65 -14.47 -1.80
CA TYR K 208 -25.56 -14.01 -3.17
C TYR K 208 -26.88 -14.44 -3.83
N ARG K 209 -27.59 -13.48 -4.41
CA ARG K 209 -28.89 -13.71 -5.07
C ARG K 209 -28.76 -14.43 -6.41
N ILE K 210 -29.63 -15.39 -6.64
CA ILE K 210 -29.59 -16.12 -7.88
C ILE K 210 -30.94 -15.97 -8.53
N ASP K 211 -30.97 -15.87 -9.85
CA ASP K 211 -32.23 -15.73 -10.55
C ASP K 211 -32.26 -16.41 -11.92
N LYS K 212 -33.45 -16.86 -12.29
CA LYS K 212 -33.71 -17.49 -13.57
C LYS K 212 -34.27 -16.36 -14.44
N ASP K 213 -33.47 -15.91 -15.40
CA ASP K 213 -33.88 -14.83 -16.31
C ASP K 213 -34.96 -15.32 -17.25
N LYS K 214 -35.45 -14.40 -18.07
CA LYS K 214 -36.50 -14.70 -19.04
C LYS K 214 -36.27 -16.02 -19.82
N THR K 215 -35.01 -16.36 -20.09
CA THR K 215 -34.69 -17.58 -20.84
C THR K 215 -34.73 -18.89 -20.01
N GLY K 216 -34.93 -18.79 -18.70
CA GLY K 216 -34.97 -19.99 -17.88
C GLY K 216 -33.53 -20.36 -17.53
N LYS K 217 -32.66 -19.36 -17.60
CA LYS K 217 -31.26 -19.58 -17.29
C LYS K 217 -30.87 -18.81 -16.03
N LEU K 218 -30.29 -19.54 -15.08
CA LEU K 218 -29.89 -18.96 -13.80
C LEU K 218 -28.51 -18.32 -13.85
N SER K 219 -28.36 -17.24 -13.10
CA SER K 219 -27.10 -16.53 -13.05
C SER K 219 -27.17 -15.36 -12.04
N ILE K 220 -26.12 -15.22 -11.24
CA ILE K 220 -26.06 -14.16 -10.23
C ILE K 220 -26.14 -12.84 -10.92
N PRO K 221 -26.84 -11.87 -10.31
CA PRO K 221 -26.88 -10.58 -11.00
C PRO K 221 -25.46 -10.23 -11.51
N GLU K 222 -25.33 -9.94 -12.81
CA GLU K 222 -24.07 -9.56 -13.45
C GLU K 222 -23.05 -10.65 -13.72
N GLY K 223 -23.41 -11.90 -13.48
CA GLY K 223 -22.44 -12.94 -13.69
C GLY K 223 -22.83 -13.96 -14.72
N LYS K 224 -21.88 -14.87 -14.97
CA LYS K 224 -22.04 -15.96 -15.90
C LYS K 224 -23.40 -16.67 -15.76
N LYS K 225 -23.87 -17.27 -16.85
CA LYS K 225 -25.16 -17.97 -16.88
C LYS K 225 -25.05 -19.43 -17.24
N PHE K 226 -25.81 -20.24 -16.50
CA PHE K 226 -25.87 -21.68 -16.73
C PHE K 226 -27.30 -22.14 -16.76
N ASP K 227 -27.49 -23.32 -17.33
CA ASP K 227 -28.80 -23.89 -17.42
C ASP K 227 -29.19 -24.51 -16.07
N THR K 228 -28.24 -25.09 -15.35
CA THR K 228 -28.54 -25.68 -14.03
C THR K 228 -27.62 -25.16 -12.95
N LEU K 229 -27.69 -25.79 -11.78
CA LEU K 229 -26.84 -25.37 -10.69
C LEU K 229 -25.74 -26.36 -10.57
N TRP K 230 -26.05 -27.64 -10.53
CA TRP K 230 -24.98 -28.61 -10.43
C TRP K 230 -23.89 -28.15 -11.36
N GLN K 231 -24.23 -27.27 -12.29
CA GLN K 231 -23.26 -26.73 -13.21
C GLN K 231 -22.84 -25.34 -12.72
N LEU K 232 -23.78 -24.50 -12.30
CA LEU K 232 -23.39 -23.19 -11.79
C LEU K 232 -22.32 -23.36 -10.70
N VAL K 233 -22.62 -24.26 -9.78
CA VAL K 233 -21.75 -24.58 -8.68
C VAL K 233 -20.42 -25.07 -9.26
N GLU K 234 -20.40 -26.29 -9.77
CA GLU K 234 -19.20 -26.89 -10.38
C GLU K 234 -18.29 -25.82 -10.98
N HIS K 235 -18.87 -24.71 -11.43
CA HIS K 235 -18.07 -23.62 -11.99
C HIS K 235 -17.46 -22.76 -10.90
N TYR K 236 -18.32 -22.05 -10.18
CA TYR K 236 -17.88 -21.18 -9.10
C TYR K 236 -17.08 -21.86 -8.01
N SER K 237 -17.13 -23.18 -7.98
CA SER K 237 -16.36 -23.92 -7.02
C SER K 237 -15.09 -24.33 -7.78
N TYR K 238 -14.67 -23.42 -8.66
CA TYR K 238 -13.48 -23.54 -9.50
C TYR K 238 -12.82 -22.16 -9.68
N LYS K 239 -13.62 -21.14 -9.87
CA LYS K 239 -13.05 -19.82 -10.04
C LYS K 239 -14.06 -18.85 -9.50
N ALA K 240 -13.60 -17.97 -8.64
CA ALA K 240 -14.48 -16.98 -8.05
C ALA K 240 -15.36 -16.40 -9.11
N ASP K 241 -14.73 -15.97 -10.20
CA ASP K 241 -15.45 -15.36 -11.29
C ASP K 241 -16.38 -14.26 -10.72
N GLY K 242 -15.98 -13.60 -9.63
CA GLY K 242 -16.78 -12.52 -9.08
C GLY K 242 -17.18 -12.62 -7.62
N LEU K 243 -17.15 -13.86 -7.12
CA LEU K 243 -17.49 -14.11 -5.72
C LEU K 243 -16.31 -13.67 -4.87
N LEU K 244 -16.55 -13.40 -3.59
CA LEU K 244 -15.48 -12.99 -2.70
C LEU K 244 -14.47 -14.08 -2.52
N ARG K 245 -14.86 -15.31 -2.85
CA ARG K 245 -13.97 -16.45 -2.73
C ARG K 245 -14.59 -17.63 -3.47
N VAL K 246 -13.85 -18.72 -3.61
CA VAL K 246 -14.33 -19.92 -4.29
C VAL K 246 -15.08 -20.92 -3.37
N LEU K 247 -16.12 -21.55 -3.89
CA LEU K 247 -16.90 -22.54 -3.13
C LEU K 247 -15.98 -23.69 -2.72
N THR K 248 -16.26 -24.30 -1.59
CA THR K 248 -15.39 -25.35 -1.15
C THR K 248 -16.16 -26.57 -0.73
N VAL K 249 -16.57 -26.55 0.54
CA VAL K 249 -17.31 -27.64 1.12
C VAL K 249 -18.79 -27.33 1.27
N PRO K 250 -19.61 -28.32 0.95
CA PRO K 250 -21.07 -28.25 1.02
C PRO K 250 -21.53 -28.32 2.46
N CYS K 251 -22.15 -27.25 2.94
CA CYS K 251 -22.64 -27.22 4.31
C CYS K 251 -23.46 -28.48 4.52
N GLN K 252 -23.26 -29.17 5.63
CA GLN K 252 -24.04 -30.38 5.87
C GLN K 252 -25.51 -30.01 6.06
N LYS K 253 -26.40 -30.88 5.64
CA LYS K 253 -27.80 -30.59 5.83
C LYS K 253 -28.26 -31.55 6.92
N ILE K 254 -29.25 -31.13 7.69
CA ILE K 254 -29.71 -31.96 8.80
C ILE K 254 -30.17 -33.37 8.47
N PRO L 1 -31.76 -8.25 3.34
CA PRO L 1 -31.23 -7.00 3.92
C PRO L 1 -29.91 -6.56 3.26
N ASP L 2 -29.24 -7.50 2.59
CA ASP L 2 -27.98 -7.22 1.89
C ASP L 2 -27.44 -8.43 1.17
N PTR L 3 -27.26 -8.26 -0.13
CA PTR L 3 -26.71 -9.33 -0.94
C PTR L 3 -25.39 -8.81 -1.49
O PTR L 3 -25.19 -7.61 -1.68
CB PTR L 3 -27.71 -9.73 -2.04
CG PTR L 3 -28.92 -10.51 -1.53
CD1 PTR L 3 -29.08 -11.87 -1.83
CD2 PTR L 3 -29.93 -9.89 -0.79
CE1 PTR L 3 -30.20 -12.58 -1.39
CE2 PTR L 3 -31.06 -10.60 -0.35
CZ PTR L 3 -31.19 -11.94 -0.66
OH PTR L 3 -32.31 -12.65 -0.27
P PTR L 3 -32.98 -13.12 1.15
O1P PTR L 3 -33.80 -11.99 1.68
O2P PTR L 3 -33.81 -14.33 0.93
O3P PTR L 3 -31.94 -13.54 2.10
N GLU L 4 -24.47 -9.73 -1.72
CA GLU L 4 -23.16 -9.37 -2.21
C GLU L 4 -23.07 -9.16 -3.74
N PRO L 5 -22.39 -8.09 -4.18
CA PRO L 5 -22.17 -7.73 -5.59
C PRO L 5 -20.93 -8.46 -6.16
N ILE L 6 -20.80 -8.47 -7.48
CA ILE L 6 -19.71 -9.19 -8.16
C ILE L 6 -18.42 -8.41 -8.53
N ARG L 7 -17.45 -9.14 -9.14
CA ARG L 7 -16.15 -8.61 -9.57
C ARG L 7 -15.73 -8.91 -11.03
N LYS L 8 -16.15 -8.01 -11.91
CA LYS L 8 -15.90 -8.04 -13.35
C LYS L 8 -14.57 -8.64 -13.83
N GLY L 9 -13.48 -8.08 -13.30
CA GLY L 9 -12.13 -8.49 -13.65
C GLY L 9 -11.88 -9.94 -14.05
N GLN L 10 -12.59 -10.88 -13.44
CA GLN L 10 -12.40 -12.32 -13.74
C GLN L 10 -13.47 -12.91 -14.66
N ARG L 11 -13.69 -12.27 -15.79
CA ARG L 11 -14.75 -12.71 -16.69
C ARG L 11 -14.36 -13.20 -18.10
N ASP L 12 -14.55 -14.50 -18.36
CA ASP L 12 -14.24 -15.10 -19.67
C ASP L 12 -15.32 -14.78 -20.70
N LEU L 13 -14.93 -14.26 -21.87
CA LEU L 13 -15.91 -13.94 -22.91
C LEU L 13 -15.86 -14.91 -24.09
N PTR L 14 -16.98 -15.10 -24.78
CA PTR L 14 -17.02 -16.05 -25.88
C PTR L 14 -17.06 -15.41 -27.27
O PTR L 14 -17.70 -14.38 -27.49
CB PTR L 14 -18.18 -17.05 -25.72
CG PTR L 14 -17.95 -18.06 -24.59
CD1 PTR L 14 -17.80 -17.61 -23.27
CD2 PTR L 14 -17.80 -19.43 -24.84
CE1 PTR L 14 -17.52 -18.49 -22.23
CE2 PTR L 14 -17.53 -20.32 -23.79
CZ PTR L 14 -17.38 -19.83 -22.48
OH PTR L 14 -17.11 -20.65 -21.39
P PTR L 14 -15.99 -21.72 -21.20
O1P PTR L 14 -15.30 -21.36 -19.93
O2P PTR L 14 -16.55 -23.08 -20.99
O3P PTR L 14 -15.11 -21.64 -22.39
N SER L 15 -16.34 -16.07 -28.19
CA SER L 15 -16.22 -15.62 -29.56
C SER L 15 -17.45 -15.92 -30.44
N GLY L 16 -17.82 -14.95 -31.27
CA GLY L 16 -18.96 -15.12 -32.15
C GLY L 16 -18.62 -15.25 -33.64
N LEU L 17 -19.61 -15.67 -34.44
CA LEU L 17 -19.44 -15.86 -35.88
C LEU L 17 -19.58 -14.58 -36.71
N ASN L 18 -19.27 -14.71 -38.00
CA ASN L 18 -19.31 -13.63 -38.99
C ASN L 18 -18.03 -13.64 -39.81
#